data_2JGO
# 
_entry.id   2JGO 
# 
_audit_conform.dict_name       mmcif_pdbx.dic 
_audit_conform.dict_version    5.398 
_audit_conform.dict_location   http://mmcif.pdb.org/dictionaries/ascii/mmcif_pdbx.dic 
# 
loop_
_database_2.database_id 
_database_2.database_code 
_database_2.pdbx_database_accession 
_database_2.pdbx_DOI 
PDB   2JGO         pdb_00002jgo 10.2210/pdb2jgo/pdb 
PDBE  EBI-31363    ?            ?                   
WWPDB D_1290031363 ?            ?                   
# 
loop_
_pdbx_audit_revision_history.ordinal 
_pdbx_audit_revision_history.data_content_type 
_pdbx_audit_revision_history.major_revision 
_pdbx_audit_revision_history.minor_revision 
_pdbx_audit_revision_history.revision_date 
1 'Structure model' 1 0 2007-07-10 
2 'Structure model' 1 1 2013-04-24 
3 'Structure model' 1 2 2016-12-21 
4 'Structure model' 1 3 2023-12-13 
5 'Structure model' 1 4 2024-11-13 
# 
_pdbx_audit_revision_details.ordinal             1 
_pdbx_audit_revision_details.revision_ordinal    1 
_pdbx_audit_revision_details.data_content_type   'Structure model' 
_pdbx_audit_revision_details.provider            repository 
_pdbx_audit_revision_details.type                'Initial release' 
_pdbx_audit_revision_details.description         ? 
_pdbx_audit_revision_details.details             ? 
# 
loop_
_pdbx_audit_revision_group.ordinal 
_pdbx_audit_revision_group.revision_ordinal 
_pdbx_audit_revision_group.data_content_type 
_pdbx_audit_revision_group.group 
1  2 'Structure model' 'Derived calculations'      
2  2 'Structure model' 'Non-polymer description'   
3  2 'Structure model' Other                       
4  2 'Structure model' 'Refinement description'    
5  2 'Structure model' 'Structure summary'         
6  2 'Structure model' 'Version format compliance' 
7  3 'Structure model' 'Source and taxonomy'       
8  4 'Structure model' 'Data collection'           
9  4 'Structure model' 'Database references'       
10 4 'Structure model' 'Derived calculations'      
11 4 'Structure model' Other                       
12 4 'Structure model' 'Refinement description'    
13 5 'Structure model' 'Structure summary'         
# 
loop_
_pdbx_audit_revision_category.ordinal 
_pdbx_audit_revision_category.revision_ordinal 
_pdbx_audit_revision_category.data_content_type 
_pdbx_audit_revision_category.category 
1  4 'Structure model' chem_comp_atom                
2  4 'Structure model' chem_comp_bond                
3  4 'Structure model' database_2                    
4  4 'Structure model' pdbx_database_status          
5  4 'Structure model' pdbx_initial_refinement_model 
6  4 'Structure model' pdbx_struct_conn_angle        
7  4 'Structure model' struct_conn                   
8  4 'Structure model' struct_site                   
9  5 'Structure model' pdbx_entry_details            
10 5 'Structure model' pdbx_modification_feature     
# 
loop_
_pdbx_audit_revision_item.ordinal 
_pdbx_audit_revision_item.revision_ordinal 
_pdbx_audit_revision_item.data_content_type 
_pdbx_audit_revision_item.item 
1  4 'Structure model' '_database_2.pdbx_DOI'                        
2  4 'Structure model' '_database_2.pdbx_database_accession'         
3  4 'Structure model' '_pdbx_database_status.status_code_sf'        
4  4 'Structure model' '_pdbx_struct_conn_angle.ptnr1_auth_asym_id'  
5  4 'Structure model' '_pdbx_struct_conn_angle.ptnr1_auth_comp_id'  
6  4 'Structure model' '_pdbx_struct_conn_angle.ptnr1_auth_seq_id'   
7  4 'Structure model' '_pdbx_struct_conn_angle.ptnr1_label_asym_id' 
8  4 'Structure model' '_pdbx_struct_conn_angle.ptnr1_label_atom_id' 
9  4 'Structure model' '_pdbx_struct_conn_angle.ptnr1_label_comp_id' 
10 4 'Structure model' '_pdbx_struct_conn_angle.ptnr1_label_seq_id'  
11 4 'Structure model' '_pdbx_struct_conn_angle.ptnr1_symmetry'      
12 4 'Structure model' '_pdbx_struct_conn_angle.ptnr2_auth_asym_id'  
13 4 'Structure model' '_pdbx_struct_conn_angle.ptnr2_auth_comp_id'  
14 4 'Structure model' '_pdbx_struct_conn_angle.ptnr2_auth_seq_id'   
15 4 'Structure model' '_pdbx_struct_conn_angle.ptnr2_label_asym_id' 
16 4 'Structure model' '_pdbx_struct_conn_angle.ptnr2_label_atom_id' 
17 4 'Structure model' '_pdbx_struct_conn_angle.ptnr2_label_comp_id' 
18 4 'Structure model' '_pdbx_struct_conn_angle.ptnr3_auth_asym_id'  
19 4 'Structure model' '_pdbx_struct_conn_angle.ptnr3_auth_comp_id'  
20 4 'Structure model' '_pdbx_struct_conn_angle.ptnr3_auth_seq_id'   
21 4 'Structure model' '_pdbx_struct_conn_angle.ptnr3_label_asym_id' 
22 4 'Structure model' '_pdbx_struct_conn_angle.ptnr3_label_atom_id' 
23 4 'Structure model' '_pdbx_struct_conn_angle.ptnr3_label_comp_id' 
24 4 'Structure model' '_pdbx_struct_conn_angle.ptnr3_label_seq_id'  
25 4 'Structure model' '_pdbx_struct_conn_angle.ptnr3_symmetry'      
26 4 'Structure model' '_pdbx_struct_conn_angle.value'               
27 4 'Structure model' '_struct_conn.conn_type_id'                   
28 4 'Structure model' '_struct_conn.id'                             
29 4 'Structure model' '_struct_conn.pdbx_dist_value'                
30 4 'Structure model' '_struct_conn.pdbx_leaving_atom_flag'         
31 4 'Structure model' '_struct_conn.ptnr1_auth_asym_id'             
32 4 'Structure model' '_struct_conn.ptnr1_auth_comp_id'             
33 4 'Structure model' '_struct_conn.ptnr1_auth_seq_id'              
34 4 'Structure model' '_struct_conn.ptnr1_label_asym_id'            
35 4 'Structure model' '_struct_conn.ptnr1_label_atom_id'            
36 4 'Structure model' '_struct_conn.ptnr1_label_comp_id'            
37 4 'Structure model' '_struct_conn.ptnr1_label_seq_id'             
38 4 'Structure model' '_struct_conn.ptnr1_symmetry'                 
39 4 'Structure model' '_struct_conn.ptnr2_auth_asym_id'             
40 4 'Structure model' '_struct_conn.ptnr2_auth_comp_id'             
41 4 'Structure model' '_struct_conn.ptnr2_auth_seq_id'              
42 4 'Structure model' '_struct_conn.ptnr2_label_asym_id'            
43 4 'Structure model' '_struct_conn.ptnr2_label_atom_id'            
44 4 'Structure model' '_struct_conn.ptnr2_label_comp_id'            
45 4 'Structure model' '_struct_conn.ptnr2_label_seq_id'             
46 4 'Structure model' '_struct_conn.ptnr2_symmetry'                 
47 4 'Structure model' '_struct_site.pdbx_auth_asym_id'              
48 4 'Structure model' '_struct_site.pdbx_auth_comp_id'              
49 4 'Structure model' '_struct_site.pdbx_auth_seq_id'               
# 
_pdbx_database_status.status_code                     REL 
_pdbx_database_status.entry_id                        2JGO 
_pdbx_database_status.deposit_site                    PDBE 
_pdbx_database_status.process_site                    PDBE 
_pdbx_database_status.SG_entry                        . 
_pdbx_database_status.recvd_initial_deposition_date   2007-02-13 
_pdbx_database_status.pdb_format_compatible           Y 
_pdbx_database_status.status_code_sf                  REL 
_pdbx_database_status.status_code_mr                  ? 
_pdbx_database_status.status_code_cs                  ? 
_pdbx_database_status.methods_development_category    ? 
_pdbx_database_status.status_code_nmr_data            ? 
# 
loop_
_audit_author.name 
_audit_author.pdbx_ordinal 
'Touw, D.S.'     1 
'Nordman, C.E.'  2 
'Stuckey, J.A.'  3 
'Pecoraro, V.L.' 4 
# 
_citation.id                        primary 
_citation.title                     
'Identifying Important Structural Characteristics of Arsenic Resistance Proteins by Using Designed Three-Stranded Coiled Coils.' 
_citation.journal_abbrev            Proc.Natl.Acad.Sci.USA 
_citation.journal_volume            104 
_citation.page_first                11969 
_citation.page_last                 ? 
_citation.year                      2007 
_citation.journal_id_ASTM           PNASA6 
_citation.country                   US 
_citation.journal_id_ISSN           0027-8424 
_citation.journal_id_CSD            0040 
_citation.book_publisher            ? 
_citation.pdbx_database_id_PubMed   17609383 
_citation.pdbx_database_id_DOI      10.1073/PNAS.0701979104 
# 
loop_
_citation_author.citation_id 
_citation_author.name 
_citation_author.ordinal 
_citation_author.identifier_ORCID 
primary 'Touw, D.S.'     1 ? 
primary 'Nordman, C.E.'  2 ? 
primary 'Stuckey, J.A.'  3 ? 
primary 'Pecoraro, V.L.' 4 ? 
# 
loop_
_entity.id 
_entity.type 
_entity.src_method 
_entity.pdbx_description 
_entity.formula_weight 
_entity.pdbx_number_of_molecules 
_entity.pdbx_ec 
_entity.pdbx_mutation 
_entity.pdbx_fragment 
_entity.details 
1 polymer     syn 'COIL SER L9C' 3325.850 3  ? ? ? ? 
2 non-polymer syn ARSENIC        74.922   1  ? ? ? ? 
3 non-polymer syn 'ZINC ION'     65.409   4  ? ? ? ? 
4 water       nat water          18.015   53 ? ? ? ? 
# 
_entity_poly.entity_id                      1 
_entity_poly.type                           'polypeptide(L)' 
_entity_poly.nstd_linkage                   no 
_entity_poly.nstd_monomer                   yes 
_entity_poly.pdbx_seq_one_letter_code       '(ACE)EWEALEKKCAALESKLQALEKKLEALEHG(NH2)' 
_entity_poly.pdbx_seq_one_letter_code_can   XEWEALEKKCAALESKLQALEKKLEALEHGX 
_entity_poly.pdbx_strand_id                 A,B,C 
_entity_poly.pdbx_target_identifier         ? 
# 
loop_
_pdbx_entity_nonpoly.entity_id 
_pdbx_entity_nonpoly.name 
_pdbx_entity_nonpoly.comp_id 
2 ARSENIC    ARS 
3 'ZINC ION' ZN  
4 water      HOH 
# 
loop_
_entity_poly_seq.entity_id 
_entity_poly_seq.num 
_entity_poly_seq.mon_id 
_entity_poly_seq.hetero 
1 1  ACE n 
1 2  GLU n 
1 3  TRP n 
1 4  GLU n 
1 5  ALA n 
1 6  LEU n 
1 7  GLU n 
1 8  LYS n 
1 9  LYS n 
1 10 CYS n 
1 11 ALA n 
1 12 ALA n 
1 13 LEU n 
1 14 GLU n 
1 15 SER n 
1 16 LYS n 
1 17 LEU n 
1 18 GLN n 
1 19 ALA n 
1 20 LEU n 
1 21 GLU n 
1 22 LYS n 
1 23 LYS n 
1 24 LEU n 
1 25 GLU n 
1 26 ALA n 
1 27 LEU n 
1 28 GLU n 
1 29 HIS n 
1 30 GLY n 
1 31 NH2 n 
# 
_pdbx_entity_src_syn.entity_id              1 
_pdbx_entity_src_syn.pdbx_src_id            1 
_pdbx_entity_src_syn.pdbx_alt_source_flag   sample 
_pdbx_entity_src_syn.pdbx_beg_seq_num       ? 
_pdbx_entity_src_syn.pdbx_end_seq_num       ? 
_pdbx_entity_src_syn.organism_scientific    'SYNTHETIC CONSTRUCT' 
_pdbx_entity_src_syn.organism_common_name   ? 
_pdbx_entity_src_syn.ncbi_taxonomy_id       32630 
_pdbx_entity_src_syn.details                ? 
# 
loop_
_chem_comp.id 
_chem_comp.type 
_chem_comp.mon_nstd_flag 
_chem_comp.name 
_chem_comp.pdbx_synonyms 
_chem_comp.formula 
_chem_comp.formula_weight 
ACE non-polymer         . 'ACETYL GROUP'  ? 'C2 H4 O'        44.053  
ALA 'L-peptide linking' y ALANINE         ? 'C3 H7 N O2'     89.093  
ARS non-polymer         . ARSENIC         ? As               74.922  
CYS 'L-peptide linking' y CYSTEINE        ? 'C3 H7 N O2 S'   121.158 
GLN 'L-peptide linking' y GLUTAMINE       ? 'C5 H10 N2 O3'   146.144 
GLU 'L-peptide linking' y 'GLUTAMIC ACID' ? 'C5 H9 N O4'     147.129 
GLY 'peptide linking'   y GLYCINE         ? 'C2 H5 N O2'     75.067  
HIS 'L-peptide linking' y HISTIDINE       ? 'C6 H10 N3 O2 1' 156.162 
HOH non-polymer         . WATER           ? 'H2 O'           18.015  
LEU 'L-peptide linking' y LEUCINE         ? 'C6 H13 N O2'    131.173 
LYS 'L-peptide linking' y LYSINE          ? 'C6 H15 N2 O2 1' 147.195 
NH2 non-polymer         . 'AMINO GROUP'   ? 'H2 N'           16.023  
SER 'L-peptide linking' y SERINE          ? 'C3 H7 N O3'     105.093 
TRP 'L-peptide linking' y TRYPTOPHAN      ? 'C11 H12 N2 O2'  204.225 
ZN  non-polymer         . 'ZINC ION'      ? 'Zn 2'           65.409  
# 
loop_
_pdbx_poly_seq_scheme.asym_id 
_pdbx_poly_seq_scheme.entity_id 
_pdbx_poly_seq_scheme.seq_id 
_pdbx_poly_seq_scheme.mon_id 
_pdbx_poly_seq_scheme.ndb_seq_num 
_pdbx_poly_seq_scheme.pdb_seq_num 
_pdbx_poly_seq_scheme.auth_seq_num 
_pdbx_poly_seq_scheme.pdb_mon_id 
_pdbx_poly_seq_scheme.auth_mon_id 
_pdbx_poly_seq_scheme.pdb_strand_id 
_pdbx_poly_seq_scheme.pdb_ins_code 
_pdbx_poly_seq_scheme.hetero 
A 1 1  ACE 1  0  0  ACE ACE A . n 
A 1 2  GLU 2  1  1  GLU GLU A . n 
A 1 3  TRP 3  2  2  TRP TRP A . n 
A 1 4  GLU 4  3  3  GLU GLU A . n 
A 1 5  ALA 5  4  4  ALA ALA A . n 
A 1 6  LEU 6  5  5  LEU LEU A . n 
A 1 7  GLU 7  6  6  GLU GLU A . n 
A 1 8  LYS 8  7  7  LYS LYS A . n 
A 1 9  LYS 9  8  8  LYS LYS A . n 
A 1 10 CYS 10 9  9  CYS CYS A . n 
A 1 11 ALA 11 10 10 ALA ALA A . n 
A 1 12 ALA 12 11 11 ALA ALA A . n 
A 1 13 LEU 13 12 12 LEU LEU A . n 
A 1 14 GLU 14 13 13 GLU GLU A . n 
A 1 15 SER 15 14 14 SER SER A . n 
A 1 16 LYS 16 15 15 LYS LYS A . n 
A 1 17 LEU 17 16 16 LEU LEU A . n 
A 1 18 GLN 18 17 17 GLN GLN A . n 
A 1 19 ALA 19 18 18 ALA ALA A . n 
A 1 20 LEU 20 19 19 LEU LEU A . n 
A 1 21 GLU 21 20 20 GLU GLU A . n 
A 1 22 LYS 22 21 21 LYS LYS A . n 
A 1 23 LYS 23 22 22 LYS LYS A . n 
A 1 24 LEU 24 23 23 LEU LEU A . n 
A 1 25 GLU 25 24 24 GLU GLU A . n 
A 1 26 ALA 26 25 25 ALA ALA A . n 
A 1 27 LEU 27 26 26 LEU LEU A . n 
A 1 28 GLU 28 27 27 GLU GLU A . n 
A 1 29 HIS 29 28 28 HIS HIS A . n 
A 1 30 GLY 30 29 29 GLY GLY A . n 
A 1 31 NH2 31 30 30 NH2 NH2 A . n 
B 1 1  ACE 1  0  0  ACE ACE B . n 
B 1 2  GLU 2  1  1  GLU GLU B . n 
B 1 3  TRP 3  2  2  TRP TRP B . n 
B 1 4  GLU 4  3  3  GLU GLU B . n 
B 1 5  ALA 5  4  4  ALA ALA B . n 
B 1 6  LEU 6  5  5  LEU LEU B . n 
B 1 7  GLU 7  6  6  GLU GLU B . n 
B 1 8  LYS 8  7  7  LYS LYS B . n 
B 1 9  LYS 9  8  8  LYS LYS B . n 
B 1 10 CYS 10 9  9  CYS CYS B . n 
B 1 11 ALA 11 10 10 ALA ALA B . n 
B 1 12 ALA 12 11 11 ALA ALA B . n 
B 1 13 LEU 13 12 12 LEU LEU B . n 
B 1 14 GLU 14 13 13 GLU GLU B . n 
B 1 15 SER 15 14 14 SER SER B . n 
B 1 16 LYS 16 15 15 LYS LYS B . n 
B 1 17 LEU 17 16 16 LEU LEU B . n 
B 1 18 GLN 18 17 17 GLN GLN B . n 
B 1 19 ALA 19 18 18 ALA ALA B . n 
B 1 20 LEU 20 19 19 LEU LEU B . n 
B 1 21 GLU 21 20 20 GLU GLU B . n 
B 1 22 LYS 22 21 21 LYS LYS B . n 
B 1 23 LYS 23 22 22 LYS LYS B . n 
B 1 24 LEU 24 23 23 LEU LEU B . n 
B 1 25 GLU 25 24 24 GLU GLU B . n 
B 1 26 ALA 26 25 25 ALA ALA B . n 
B 1 27 LEU 27 26 26 LEU LEU B . n 
B 1 28 GLU 28 27 27 GLU GLU B . n 
B 1 29 HIS 29 28 28 HIS HIS B . n 
B 1 30 GLY 30 29 29 GLY GLY B . n 
B 1 31 NH2 31 30 30 NH2 NH2 B . n 
C 1 1  ACE 1  0  0  ACE ACE C . n 
C 1 2  GLU 2  1  1  GLU GLU C . n 
C 1 3  TRP 3  2  2  TRP TRP C . n 
C 1 4  GLU 4  3  3  GLU GLU C . n 
C 1 5  ALA 5  4  4  ALA ALA C . n 
C 1 6  LEU 6  5  5  LEU LEU C . n 
C 1 7  GLU 7  6  6  GLU GLU C . n 
C 1 8  LYS 8  7  7  LYS LYS C . n 
C 1 9  LYS 9  8  8  LYS LYS C . n 
C 1 10 CYS 10 9  9  CYS CYS C . n 
C 1 11 ALA 11 10 10 ALA ALA C . n 
C 1 12 ALA 12 11 11 ALA ALA C . n 
C 1 13 LEU 13 12 12 LEU LEU C . n 
C 1 14 GLU 14 13 13 GLU GLU C . n 
C 1 15 SER 15 14 14 SER SER C . n 
C 1 16 LYS 16 15 15 LYS LYS C . n 
C 1 17 LEU 17 16 16 LEU LEU C . n 
C 1 18 GLN 18 17 17 GLN GLN C . n 
C 1 19 ALA 19 18 18 ALA ALA C . n 
C 1 20 LEU 20 19 19 LEU LEU C . n 
C 1 21 GLU 21 20 20 GLU GLU C . n 
C 1 22 LYS 22 21 21 LYS LYS C . n 
C 1 23 LYS 23 22 22 LYS LYS C . n 
C 1 24 LEU 24 23 23 LEU LEU C . n 
C 1 25 GLU 25 24 24 GLU GLU C . n 
C 1 26 ALA 26 25 25 ALA ALA C . n 
C 1 27 LEU 27 26 26 LEU LEU C . n 
C 1 28 GLU 28 27 27 GLU GLU C . n 
C 1 29 HIS 29 28 28 HIS HIS C . n 
C 1 30 GLY 30 29 29 GLY GLY C . n 
C 1 31 NH2 31 30 30 NH2 NH2 C . n 
# 
loop_
_pdbx_nonpoly_scheme.asym_id 
_pdbx_nonpoly_scheme.entity_id 
_pdbx_nonpoly_scheme.mon_id 
_pdbx_nonpoly_scheme.ndb_seq_num 
_pdbx_nonpoly_scheme.pdb_seq_num 
_pdbx_nonpoly_scheme.auth_seq_num 
_pdbx_nonpoly_scheme.pdb_mon_id 
_pdbx_nonpoly_scheme.auth_mon_id 
_pdbx_nonpoly_scheme.pdb_strand_id 
_pdbx_nonpoly_scheme.pdb_ins_code 
D 2 ARS 1  1030 1030 ARS ARS A . 
E 3 ZN  1  1031 1031 ZN  ZN  A . 
F 3 ZN  1  1032 1032 ZN  ZN  A . 
G 3 ZN  1  1030 1030 ZN  ZN  B . 
H 3 ZN  1  1031 1031 ZN  ZN  B . 
I 4 HOH 1  2001 2001 HOH HOH A . 
I 4 HOH 2  2002 2002 HOH HOH A . 
I 4 HOH 3  2003 2003 HOH HOH A . 
I 4 HOH 4  2004 2004 HOH HOH A . 
I 4 HOH 5  2005 2005 HOH HOH A . 
I 4 HOH 6  2006 2006 HOH HOH A . 
I 4 HOH 7  2007 2007 HOH HOH A . 
I 4 HOH 8  2008 2008 HOH HOH A . 
I 4 HOH 9  2009 2009 HOH HOH A . 
I 4 HOH 10 2010 2010 HOH HOH A . 
I 4 HOH 11 2011 2011 HOH HOH A . 
I 4 HOH 12 2012 2012 HOH HOH A . 
I 4 HOH 13 2013 2013 HOH HOH A . 
I 4 HOH 14 2014 2014 HOH HOH A . 
I 4 HOH 15 2015 2015 HOH HOH A . 
I 4 HOH 16 2016 2016 HOH HOH A . 
I 4 HOH 17 2017 2017 HOH HOH A . 
I 4 HOH 18 2018 2018 HOH HOH A . 
I 4 HOH 19 2019 2019 HOH HOH A . 
J 4 HOH 1  2001 2001 HOH HOH B . 
J 4 HOH 2  2002 2002 HOH HOH B . 
J 4 HOH 3  2003 2003 HOH HOH B . 
J 4 HOH 4  2004 2004 HOH HOH B . 
J 4 HOH 5  2005 2005 HOH HOH B . 
J 4 HOH 6  2006 2006 HOH HOH B . 
J 4 HOH 7  2007 2007 HOH HOH B . 
J 4 HOH 8  2008 2008 HOH HOH B . 
J 4 HOH 9  2009 2009 HOH HOH B . 
J 4 HOH 10 2010 2010 HOH HOH B . 
J 4 HOH 11 2011 2011 HOH HOH B . 
J 4 HOH 12 2012 2012 HOH HOH B . 
J 4 HOH 13 2013 2013 HOH HOH B . 
J 4 HOH 14 2014 2014 HOH HOH B . 
J 4 HOH 15 2015 2015 HOH HOH B . 
J 4 HOH 16 2016 2016 HOH HOH B . 
K 4 HOH 1  2001 2001 HOH HOH C . 
K 4 HOH 2  2002 2002 HOH HOH C . 
K 4 HOH 3  2003 2003 HOH HOH C . 
K 4 HOH 4  2004 2004 HOH HOH C . 
K 4 HOH 5  2005 2005 HOH HOH C . 
K 4 HOH 6  2006 2006 HOH HOH C . 
K 4 HOH 7  2007 2007 HOH HOH C . 
K 4 HOH 8  2008 2008 HOH HOH C . 
K 4 HOH 9  2009 2009 HOH HOH C . 
K 4 HOH 10 2010 2010 HOH HOH C . 
K 4 HOH 11 2011 2011 HOH HOH C . 
K 4 HOH 12 2012 2012 HOH HOH C . 
K 4 HOH 13 2013 2013 HOH HOH C . 
K 4 HOH 14 2014 2014 HOH HOH C . 
K 4 HOH 15 2015 2015 HOH HOH C . 
K 4 HOH 16 2016 2016 HOH HOH C . 
K 4 HOH 17 2017 2017 HOH HOH C . 
K 4 HOH 18 2018 2018 HOH HOH C . 
# 
loop_
_pdbx_unobs_or_zero_occ_atoms.id 
_pdbx_unobs_or_zero_occ_atoms.PDB_model_num 
_pdbx_unobs_or_zero_occ_atoms.polymer_flag 
_pdbx_unobs_or_zero_occ_atoms.occupancy_flag 
_pdbx_unobs_or_zero_occ_atoms.auth_asym_id 
_pdbx_unobs_or_zero_occ_atoms.auth_comp_id 
_pdbx_unobs_or_zero_occ_atoms.auth_seq_id 
_pdbx_unobs_or_zero_occ_atoms.PDB_ins_code 
_pdbx_unobs_or_zero_occ_atoms.auth_atom_id 
_pdbx_unobs_or_zero_occ_atoms.label_alt_id 
_pdbx_unobs_or_zero_occ_atoms.label_asym_id 
_pdbx_unobs_or_zero_occ_atoms.label_comp_id 
_pdbx_unobs_or_zero_occ_atoms.label_seq_id 
_pdbx_unobs_or_zero_occ_atoms.label_atom_id 
1 1 Y 0 A LEU 16 ? CA  B A LEU 17 CA  
2 1 Y 0 A LEU 16 ? CB  B A LEU 17 CB  
3 1 Y 0 A LEU 16 ? CG  B A LEU 17 CG  
4 1 Y 0 A LEU 16 ? CD1 B A LEU 17 CD1 
5 1 Y 0 A LEU 16 ? CD2 B A LEU 17 CD2 
6 1 Y 0 B GLU 20 ? OE1 ? B GLU 21 OE1 
7 1 Y 0 B GLU 20 ? OE2 ? B GLU 21 OE2 
# 
loop_
_software.name 
_software.classification 
_software.version 
_software.citation_id 
_software.pdbx_ordinal 
REFMAC    refinement       6.0 ? 1 
HKL-2000  'data reduction' .   ? 2 
SCALEPACK 'data scaling'   .   ? 3 
GENPAT    phasing          .   ? 4 
# 
_cell.entry_id           2JGO 
_cell.length_a           77.284 
_cell.length_b           29.416 
_cell.length_c           44.197 
_cell.angle_alpha        90.00 
_cell.angle_beta         119.49 
_cell.angle_gamma        90.00 
_cell.Z_PDB              12 
_cell.pdbx_unique_axis   ? 
# 
_symmetry.entry_id                         2JGO 
_symmetry.space_group_name_H-M             'C 1 2 1' 
_symmetry.pdbx_full_space_group_name_H-M   ? 
_symmetry.cell_setting                     ? 
_symmetry.Int_Tables_number                5 
# 
_exptl.entry_id          2JGO 
_exptl.method            'X-RAY DIFFRACTION' 
_exptl.crystals_number   1 
# 
_exptl_crystal.id                    1 
_exptl_crystal.density_meas          ? 
_exptl_crystal.density_Matthews      1.93 
_exptl_crystal.density_percent_sol   43.9 
_exptl_crystal.description           NONE 
# 
_exptl_crystal_grow.crystal_id      1 
_exptl_crystal_grow.method          ? 
_exptl_crystal_grow.temp            ? 
_exptl_crystal_grow.temp_details    ? 
_exptl_crystal_grow.pH              8 
_exptl_crystal_grow.pdbx_pH_range   ? 
_exptl_crystal_grow.pdbx_details    '100 MM IMIDAZOLE PH 8.0 200 MM ZINC ACETATE 30% V/V PEG-400' 
# 
_diffrn.id                     1 
_diffrn.ambient_temp           93 
_diffrn.ambient_temp_details   ? 
_diffrn.crystal_id             1 
# 
_diffrn_detector.diffrn_id              1 
_diffrn_detector.detector               CCD 
_diffrn_detector.type                   'ADSC CCD' 
_diffrn_detector.pdbx_collection_date   2005-02-25 
_diffrn_detector.details                ? 
# 
_diffrn_radiation.diffrn_id                        1 
_diffrn_radiation.wavelength_id                    1 
_diffrn_radiation.pdbx_monochromatic_or_laue_m_l   M 
_diffrn_radiation.monochromator                    ? 
_diffrn_radiation.pdbx_diffrn_protocol             'SINGLE WAVELENGTH' 
_diffrn_radiation.pdbx_scattering_type             x-ray 
# 
_diffrn_radiation_wavelength.id           1 
_diffrn_radiation_wavelength.wavelength   1.00 
_diffrn_radiation_wavelength.wt           1.0 
# 
_diffrn_source.diffrn_id                   1 
_diffrn_source.source                      SYNCHROTRON 
_diffrn_source.type                        'APS BEAMLINE 32-ID' 
_diffrn_source.pdbx_synchrotron_site       APS 
_diffrn_source.pdbx_synchrotron_beamline   32-ID 
_diffrn_source.pdbx_wavelength             1.00 
_diffrn_source.pdbx_wavelength_list        ? 
# 
_reflns.pdbx_diffrn_id               1 
_reflns.pdbx_ordinal                 1 
_reflns.entry_id                     2JGO 
_reflns.observed_criterion_sigma_I   3.0 
_reflns.observed_criterion_sigma_F   ? 
_reflns.d_resolution_low             13.70 
_reflns.d_resolution_high            1.80 
_reflns.number_obs                   8137 
_reflns.number_all                   ? 
_reflns.percent_possible_obs         98.6 
_reflns.pdbx_Rmerge_I_obs            0.05 
_reflns.pdbx_Rsym_value              ? 
_reflns.pdbx_netI_over_sigmaI        10.00 
_reflns.B_iso_Wilson_estimate        ? 
_reflns.pdbx_redundancy              7 
# 
_reflns_shell.pdbx_diffrn_id         1 
_reflns_shell.pdbx_ordinal           1 
_reflns_shell.d_res_high             1.80 
_reflns_shell.d_res_low              1.86 
_reflns_shell.percent_possible_all   90.6 
_reflns_shell.Rmerge_I_obs           0.16 
_reflns_shell.pdbx_Rsym_value        ? 
_reflns_shell.meanI_over_sigI_obs    3.00 
_reflns_shell.pdbx_redundancy        5 
# 
_refine.pdbx_refine_id                           'X-RAY DIFFRACTION' 
_refine.entry_id                                 2JGO 
_refine.pdbx_diffrn_id                           1 
_refine.pdbx_TLS_residual_ADP_flag               ? 
_refine.ls_number_reflns_obs                     7686 
_refine.ls_number_reflns_all                     ? 
_refine.pdbx_ls_sigma_I                          ? 
_refine.pdbx_ls_sigma_F                          ? 
_refine.pdbx_data_cutoff_high_absF               ? 
_refine.pdbx_data_cutoff_low_absF                ? 
_refine.pdbx_data_cutoff_high_rms_absF           ? 
_refine.ls_d_res_low                             13.74 
_refine.ls_d_res_high                            1.81 
_refine.ls_percent_reflns_obs                    99.15 
_refine.ls_R_factor_obs                          0.20114 
_refine.ls_R_factor_all                          ? 
_refine.ls_R_factor_R_work                       0.19843 
_refine.ls_R_factor_R_free                       0.25665 
_refine.ls_R_factor_R_free_error                 ? 
_refine.ls_R_factor_R_free_error_details         ? 
_refine.ls_percent_reflns_R_free                 4.6 
_refine.ls_number_reflns_R_free                  373 
_refine.ls_number_parameters                     ? 
_refine.ls_number_restraints                     ? 
_refine.occupancy_min                            ? 
_refine.occupancy_max                            ? 
_refine.correlation_coeff_Fo_to_Fc               ? 
_refine.correlation_coeff_Fo_to_Fc_free          ? 
_refine.B_iso_mean                               18.066 
_refine.aniso_B[1][1]                            0.03 
_refine.aniso_B[2][2]                            -0.02 
_refine.aniso_B[3][3]                            -0.01 
_refine.aniso_B[1][2]                            0.00 
_refine.aniso_B[1][3]                            0.00 
_refine.aniso_B[2][3]                            0.00 
_refine.solvent_model_details                    ? 
_refine.solvent_model_param_ksol                 ? 
_refine.solvent_model_param_bsol                 ? 
_refine.pdbx_solvent_vdw_probe_radii             ? 
_refine.pdbx_solvent_ion_probe_radii             ? 
_refine.pdbx_solvent_shrinkage_radii             ? 
_refine.pdbx_ls_cross_valid_method               THROUGHOUT 
_refine.details                                  'HYDROGENS HAVE BEEN ADDED IN THE RIDING POSITIONS.' 
_refine.pdbx_starting_model                      'PDB ENTRY 1COI' 
_refine.pdbx_method_to_determine_struct          'MOLECULAR REPLACEMENT' 
_refine.pdbx_isotropic_thermal_model             ? 
_refine.pdbx_stereochemistry_target_values       ? 
_refine.pdbx_stereochem_target_val_spec_case     ? 
_refine.pdbx_R_Free_selection_details            RANDOM 
_refine.pdbx_overall_ESU_R                       0.156 
_refine.pdbx_overall_ESU_R_Free                  0.153 
_refine.overall_SU_ML                            0.090 
_refine.pdbx_overall_phase_error                 ? 
_refine.overall_SU_B                             2.778 
_refine.overall_SU_R_Cruickshank_DPI             ? 
_refine.pdbx_overall_SU_R_free_Cruickshank_DPI   ? 
_refine.pdbx_overall_SU_R_Blow_DPI               ? 
_refine.pdbx_overall_SU_R_free_Blow_DPI          ? 
# 
_refine_hist.pdbx_refine_id                   'X-RAY DIFFRACTION' 
_refine_hist.cycle_id                         LAST 
_refine_hist.pdbx_number_atoms_protein        702 
_refine_hist.pdbx_number_atoms_nucleic_acid   0 
_refine_hist.pdbx_number_atoms_ligand         5 
_refine_hist.number_atoms_solvent             53 
_refine_hist.number_atoms_total               760 
_refine_hist.d_res_high                       1.81 
_refine_hist.d_res_low                        13.74 
# 
_struct.entry_id                  2JGO 
_struct.title                     'Structure of the arsenated de novo designed peptide Coil Ser L9C' 
_struct.pdbx_model_details        ? 
_struct.pdbx_CASP_flag            ? 
_struct.pdbx_model_type_details   ? 
# 
_struct_keywords.entry_id        2JGO 
_struct_keywords.pdbx_keywords   'DE NOVO PROTEIN' 
_struct_keywords.text            'DE NOVO DESIGN, THREE-STRANDED COILED COIL, ARSENIC(III) BINDING PROTEIN, DE NOVO PROTEIN' 
# 
loop_
_struct_asym.id 
_struct_asym.pdbx_blank_PDB_chainid_flag 
_struct_asym.pdbx_modified 
_struct_asym.entity_id 
_struct_asym.details 
A N N 1 ? 
B N N 1 ? 
C N N 1 ? 
D N N 2 ? 
E N N 3 ? 
F N N 3 ? 
G N N 3 ? 
H N N 3 ? 
I N N 4 ? 
J N N 4 ? 
K N N 4 ? 
# 
_struct_ref.id                         1 
_struct_ref.db_name                    PDB 
_struct_ref.db_code                    2JGO 
_struct_ref.entity_id                  1 
_struct_ref.pdbx_seq_one_letter_code   ? 
_struct_ref.pdbx_align_begin           ? 
_struct_ref.pdbx_db_accession          2JGO 
_struct_ref.pdbx_db_isoform            ? 
# 
loop_
_struct_ref_seq.align_id 
_struct_ref_seq.ref_id 
_struct_ref_seq.pdbx_PDB_id_code 
_struct_ref_seq.pdbx_strand_id 
_struct_ref_seq.seq_align_beg 
_struct_ref_seq.pdbx_seq_align_beg_ins_code 
_struct_ref_seq.seq_align_end 
_struct_ref_seq.pdbx_seq_align_end_ins_code 
_struct_ref_seq.pdbx_db_accession 
_struct_ref_seq.db_align_beg 
_struct_ref_seq.pdbx_db_align_beg_ins_code 
_struct_ref_seq.db_align_end 
_struct_ref_seq.pdbx_db_align_end_ins_code 
_struct_ref_seq.pdbx_auth_seq_align_beg 
_struct_ref_seq.pdbx_auth_seq_align_end 
1 1 2JGO A 2 ? 30 ? 2JGO 1 ? 29 ? 1 29 
2 1 2JGO B 2 ? 30 ? 2JGO 1 ? 29 ? 1 29 
3 1 2JGO C 2 ? 30 ? 2JGO 1 ? 29 ? 1 29 
# 
_pdbx_struct_assembly.id                   1 
_pdbx_struct_assembly.details              software_defined_assembly 
_pdbx_struct_assembly.method_details       PQS 
_pdbx_struct_assembly.oligomeric_details   trimeric 
_pdbx_struct_assembly.oligomeric_count     3 
# 
loop_
_pdbx_struct_assembly_prop.biol_id 
_pdbx_struct_assembly_prop.type 
_pdbx_struct_assembly_prop.value 
_pdbx_struct_assembly_prop.details 
1 'ABSA (A^2)' 3870  ? 
1 MORE         -21.8 ? 
1 'SSA (A^2)'  7060  ? 
# 
_pdbx_struct_assembly_gen.assembly_id       1 
_pdbx_struct_assembly_gen.oper_expression   1 
_pdbx_struct_assembly_gen.asym_id_list      A,B,C,D,E,F,G,H,I,J,K 
# 
_pdbx_struct_oper_list.id                   1 
_pdbx_struct_oper_list.type                 'identity operation' 
_pdbx_struct_oper_list.name                 1_555 
_pdbx_struct_oper_list.symmetry_operation   x,y,z 
_pdbx_struct_oper_list.matrix[1][1]         1.0000000000 
_pdbx_struct_oper_list.matrix[1][2]         0.0000000000 
_pdbx_struct_oper_list.matrix[1][3]         0.0000000000 
_pdbx_struct_oper_list.vector[1]            0.0000000000 
_pdbx_struct_oper_list.matrix[2][1]         0.0000000000 
_pdbx_struct_oper_list.matrix[2][2]         1.0000000000 
_pdbx_struct_oper_list.matrix[2][3]         0.0000000000 
_pdbx_struct_oper_list.vector[2]            0.0000000000 
_pdbx_struct_oper_list.matrix[3][1]         0.0000000000 
_pdbx_struct_oper_list.matrix[3][2]         0.0000000000 
_pdbx_struct_oper_list.matrix[3][3]         1.0000000000 
_pdbx_struct_oper_list.vector[3]            0.0000000000 
# 
_struct_biol.id   1 
# 
loop_
_struct_conf.conf_type_id 
_struct_conf.id 
_struct_conf.pdbx_PDB_helix_id 
_struct_conf.beg_label_comp_id 
_struct_conf.beg_label_asym_id 
_struct_conf.beg_label_seq_id 
_struct_conf.pdbx_beg_PDB_ins_code 
_struct_conf.end_label_comp_id 
_struct_conf.end_label_asym_id 
_struct_conf.end_label_seq_id 
_struct_conf.pdbx_end_PDB_ins_code 
_struct_conf.beg_auth_comp_id 
_struct_conf.beg_auth_asym_id 
_struct_conf.beg_auth_seq_id 
_struct_conf.end_auth_comp_id 
_struct_conf.end_auth_asym_id 
_struct_conf.end_auth_seq_id 
_struct_conf.pdbx_PDB_helix_class 
_struct_conf.details 
_struct_conf.pdbx_PDB_helix_length 
HELX_P HELX_P1 1 GLU A 2 ? HIS A 29 ? GLU A 1 HIS A 28 1 ? 28 
HELX_P HELX_P2 2 GLU B 2 ? HIS B 29 ? GLU B 1 HIS B 28 1 ? 28 
HELX_P HELX_P3 3 GLU C 2 ? GLY C 30 ? GLU C 1 GLY C 29 1 ? 29 
# 
_struct_conf_type.id          HELX_P 
_struct_conf_type.criteria    ? 
_struct_conf_type.reference   ? 
# 
loop_
_struct_conn.id 
_struct_conn.conn_type_id 
_struct_conn.pdbx_leaving_atom_flag 
_struct_conn.pdbx_PDB_id 
_struct_conn.ptnr1_label_asym_id 
_struct_conn.ptnr1_label_comp_id 
_struct_conn.ptnr1_label_seq_id 
_struct_conn.ptnr1_label_atom_id 
_struct_conn.pdbx_ptnr1_label_alt_id 
_struct_conn.pdbx_ptnr1_PDB_ins_code 
_struct_conn.pdbx_ptnr1_standard_comp_id 
_struct_conn.ptnr1_symmetry 
_struct_conn.ptnr2_label_asym_id 
_struct_conn.ptnr2_label_comp_id 
_struct_conn.ptnr2_label_seq_id 
_struct_conn.ptnr2_label_atom_id 
_struct_conn.pdbx_ptnr2_label_alt_id 
_struct_conn.pdbx_ptnr2_PDB_ins_code 
_struct_conn.ptnr1_auth_asym_id 
_struct_conn.ptnr1_auth_comp_id 
_struct_conn.ptnr1_auth_seq_id 
_struct_conn.ptnr2_auth_asym_id 
_struct_conn.ptnr2_auth_comp_id 
_struct_conn.ptnr2_auth_seq_id 
_struct_conn.ptnr2_symmetry 
_struct_conn.pdbx_ptnr3_label_atom_id 
_struct_conn.pdbx_ptnr3_label_seq_id 
_struct_conn.pdbx_ptnr3_label_comp_id 
_struct_conn.pdbx_ptnr3_label_asym_id 
_struct_conn.pdbx_ptnr3_label_alt_id 
_struct_conn.pdbx_ptnr3_PDB_ins_code 
_struct_conn.details 
_struct_conn.pdbx_dist_value 
_struct_conn.pdbx_value_order 
_struct_conn.pdbx_role 
covale1  covale both ? A ACE 1  C   ? ? ? 1_555 A GLU 2  N   ? ? A ACE 0    A GLU 1    1_555 ? ? ? ? ? ? ? 0.942 ? ? 
covale2  covale both ? A GLY 30 C   ? ? ? 1_555 A NH2 31 N   ? ? A GLY 29   A NH2 30   1_555 ? ? ? ? ? ? ? 1.393 ? ? 
covale3  covale both ? B ACE 1  C   ? ? ? 1_555 B GLU 2  N   ? ? B ACE 0    B GLU 1    1_555 ? ? ? ? ? ? ? 1.329 ? ? 
covale4  covale both ? B GLY 30 C   ? ? ? 1_555 B NH2 31 N   ? ? B GLY 29   B NH2 30   1_555 ? ? ? ? ? ? ? 1.550 ? ? 
covale5  covale both ? C ACE 1  C   ? ? ? 1_555 C GLU 2  N   ? ? C ACE 0    C GLU 1    1_555 ? ? ? ? ? ? ? 1.329 ? ? 
covale6  covale both ? C GLY 30 C   ? ? ? 1_555 C NH2 31 N   ? ? C GLY 29   C NH2 30   1_555 ? ? ? ? ? ? ? 1.316 ? ? 
metalc1  metalc ?    ? A GLU 7  OE2 ? ? ? 3_545 G ZN  .  ZN  ? ? A GLU 6    B ZN  1030 1_555 ? ? ? ? ? ? ? 2.446 ? ? 
metalc2  metalc ?    ? A GLU 7  OE1 ? ? ? 3_545 G ZN  .  ZN  ? ? A GLU 6    B ZN  1030 1_555 ? ? ? ? ? ? ? 2.075 ? ? 
metalc3  metalc ?    ? A CYS 10 SG  ? ? ? 1_555 D ARS .  AS  ? ? A CYS 9    A ARS 1030 1_555 ? ? ? ? ? ? ? 2.332 ? ? 
metalc4  metalc ?    ? A GLU 25 OE1 ? ? ? 1_555 F ZN  .  ZN  ? ? A GLU 24   A ZN  1032 1_555 ? ? ? ? ? ? ? 2.679 ? ? 
metalc5  metalc ?    ? A GLU 25 OE2 ? ? ? 1_555 F ZN  .  ZN  ? ? A GLU 24   A ZN  1032 1_555 ? ? ? ? ? ? ? 1.958 ? ? 
metalc6  metalc ?    ? A HIS 29 NE2 ? ? ? 1_555 E ZN  .  ZN  ? ? A HIS 28   A ZN  1031 1_555 ? ? ? ? ? ? ? 2.100 ? ? 
metalc7  metalc ?    ? D ARS .  AS  ? ? ? 1_555 B CYS 10 SG  ? ? A ARS 1030 B CYS 9    1_555 ? ? ? ? ? ? ? 2.252 ? ? 
metalc8  metalc ?    ? D ARS .  AS  ? ? ? 1_555 C CYS 10 SG  ? ? A ARS 1030 C CYS 9    1_555 ? ? ? ? ? ? ? 2.283 ? ? 
metalc9  metalc ?    ? E ZN  .  ZN  ? ? ? 1_555 C GLU 4  OE1 ? ? A ZN  1031 C GLU 3    1_554 ? ? ? ? ? ? ? 2.043 ? ? 
metalc10 metalc ?    ? E ZN  .  ZN  ? ? ? 1_555 C GLU 4  OE2 ? ? A ZN  1031 C GLU 3    1_554 ? ? ? ? ? ? ? 2.696 ? ? 
metalc11 metalc ?    ? E ZN  .  ZN  ? ? ? 1_555 C GLU 21 OE1 ? ? A ZN  1031 C GLU 20   4_444 ? ? ? ? ? ? ? 1.809 ? ? 
metalc12 metalc ?    ? E ZN  .  ZN  ? ? ? 4_454 C GLU 21 OE1 ? ? A ZN  1031 C GLU 20   1_555 ? ? ? ? ? ? ? 1.809 ? ? 
metalc13 metalc ?    ? E ZN  .  ZN  ? ? ? 1_555 C GLU 25 OE2 ? ? A ZN  1031 C GLU 24   4_444 ? ? ? ? ? ? ? 2.042 ? ? 
metalc14 metalc ?    ? F ZN  .  ZN  ? ? ? 1_555 I HOH .  O   ? ? A ZN  1032 A HOH 2019 1_555 ? ? ? ? ? ? ? 1.854 ? ? 
metalc15 metalc ?    ? F ZN  .  ZN  ? ? ? 1_555 C GLU 25 OE1 ? ? A ZN  1032 C GLU 24   4_444 ? ? ? ? ? ? ? 2.006 ? ? 
metalc16 metalc ?    ? F ZN  .  ZN  ? ? ? 1_555 C HIS 29 NE2 ? ? A ZN  1032 C HIS 28   4_444 ? ? ? ? ? ? ? 2.034 ? ? 
metalc17 metalc ?    ? B GLU 2  OE2 ? ? ? 3_545 G ZN  .  ZN  ? ? B GLU 1    B ZN  1030 1_555 ? ? ? ? ? ? ? 1.961 ? ? 
metalc18 metalc ?    ? B GLU 25 OE1 ? ? ? 1_555 H ZN  .  ZN  ? ? B GLU 24   B ZN  1031 1_555 ? ? ? ? ? ? ? 2.635 ? ? 
metalc19 metalc ?    ? B GLU 25 OE2 ? ? ? 1_555 H ZN  .  ZN  ? ? B GLU 24   B ZN  1031 1_555 ? ? ? ? ? ? ? 2.170 ? ? 
metalc20 metalc ?    ? B HIS 29 NE2 ? ? ? 1_555 G ZN  .  ZN  ? ? B HIS 28   B ZN  1030 1_555 ? ? ? ? ? ? ? 2.046 ? ? 
metalc21 metalc ?    ? G ZN  .  ZN  ? ? ? 1_555 J HOH .  O   ? ? B ZN  1030 B HOH 2016 1_555 ? ? ? ? ? ? ? 1.794 ? ? 
metalc22 metalc ?    ? H ZN  .  ZN  ? ? ? 1_555 K HOH .  O   ? ? B ZN  1031 C HOH 2015 1_555 ? ? ? ? ? ? ? 1.813 ? ? 
# 
loop_
_struct_conn_type.id 
_struct_conn_type.criteria 
_struct_conn_type.reference 
covale ? ? 
metalc ? ? 
# 
loop_
_pdbx_struct_conn_angle.id 
_pdbx_struct_conn_angle.ptnr1_label_atom_id 
_pdbx_struct_conn_angle.ptnr1_label_alt_id 
_pdbx_struct_conn_angle.ptnr1_label_asym_id 
_pdbx_struct_conn_angle.ptnr1_label_comp_id 
_pdbx_struct_conn_angle.ptnr1_label_seq_id 
_pdbx_struct_conn_angle.ptnr1_auth_atom_id 
_pdbx_struct_conn_angle.ptnr1_auth_asym_id 
_pdbx_struct_conn_angle.ptnr1_auth_comp_id 
_pdbx_struct_conn_angle.ptnr1_auth_seq_id 
_pdbx_struct_conn_angle.ptnr1_PDB_ins_code 
_pdbx_struct_conn_angle.ptnr1_symmetry 
_pdbx_struct_conn_angle.ptnr2_label_atom_id 
_pdbx_struct_conn_angle.ptnr2_label_alt_id 
_pdbx_struct_conn_angle.ptnr2_label_asym_id 
_pdbx_struct_conn_angle.ptnr2_label_comp_id 
_pdbx_struct_conn_angle.ptnr2_label_seq_id 
_pdbx_struct_conn_angle.ptnr2_auth_atom_id 
_pdbx_struct_conn_angle.ptnr2_auth_asym_id 
_pdbx_struct_conn_angle.ptnr2_auth_comp_id 
_pdbx_struct_conn_angle.ptnr2_auth_seq_id 
_pdbx_struct_conn_angle.ptnr2_PDB_ins_code 
_pdbx_struct_conn_angle.ptnr2_symmetry 
_pdbx_struct_conn_angle.ptnr3_label_atom_id 
_pdbx_struct_conn_angle.ptnr3_label_alt_id 
_pdbx_struct_conn_angle.ptnr3_label_asym_id 
_pdbx_struct_conn_angle.ptnr3_label_comp_id 
_pdbx_struct_conn_angle.ptnr3_label_seq_id 
_pdbx_struct_conn_angle.ptnr3_auth_atom_id 
_pdbx_struct_conn_angle.ptnr3_auth_asym_id 
_pdbx_struct_conn_angle.ptnr3_auth_comp_id 
_pdbx_struct_conn_angle.ptnr3_auth_seq_id 
_pdbx_struct_conn_angle.ptnr3_PDB_ins_code 
_pdbx_struct_conn_angle.ptnr3_symmetry 
_pdbx_struct_conn_angle.value 
_pdbx_struct_conn_angle.value_esd 
1  OE2 ? A GLU 7  ? A GLU 6    ? 3_545 ZN ? G ZN  . ? B ZN  1030 ? 1_555 OE1 ? A GLU 7  ? A GLU 6    ? 3_545 58.4  ? 
2  OE2 ? A GLU 7  ? A GLU 6    ? 3_545 ZN ? G ZN  . ? B ZN  1030 ? 1_555 OE2 ? B GLU 2  ? B GLU 1    ? 3_545 79.6  ? 
3  OE1 ? A GLU 7  ? A GLU 6    ? 3_545 ZN ? G ZN  . ? B ZN  1030 ? 1_555 OE2 ? B GLU 2  ? B GLU 1    ? 3_545 133.7 ? 
4  OE2 ? A GLU 7  ? A GLU 6    ? 3_545 ZN ? G ZN  . ? B ZN  1030 ? 1_555 NE2 ? B HIS 29 ? B HIS 28   ? 1_555 97.3  ? 
5  OE1 ? A GLU 7  ? A GLU 6    ? 3_545 ZN ? G ZN  . ? B ZN  1030 ? 1_555 NE2 ? B HIS 29 ? B HIS 28   ? 1_555 119.4 ? 
6  OE2 ? B GLU 2  ? B GLU 1    ? 3_545 ZN ? G ZN  . ? B ZN  1030 ? 1_555 NE2 ? B HIS 29 ? B HIS 28   ? 1_555 82.0  ? 
7  OE2 ? A GLU 7  ? A GLU 6    ? 3_545 ZN ? G ZN  . ? B ZN  1030 ? 1_555 O   ? J HOH .  ? B HOH 2016 ? 1_555 134.7 ? 
8  OE1 ? A GLU 7  ? A GLU 6    ? 3_545 ZN ? G ZN  . ? B ZN  1030 ? 1_555 O   ? J HOH .  ? B HOH 2016 ? 1_555 76.4  ? 
9  OE2 ? B GLU 2  ? B GLU 1    ? 3_545 ZN ? G ZN  . ? B ZN  1030 ? 1_555 O   ? J HOH .  ? B HOH 2016 ? 1_555 139.1 ? 
10 NE2 ? B HIS 29 ? B HIS 28   ? 1_555 ZN ? G ZN  . ? B ZN  1030 ? 1_555 O   ? J HOH .  ? B HOH 2016 ? 1_555 108.6 ? 
11 SG  ? A CYS 10 ? A CYS 9    ? 1_555 AS ? D ARS . ? A ARS 1030 ? 1_555 SG  ? B CYS 10 ? B CYS 9    ? 1_555 92.3  ? 
12 SG  ? A CYS 10 ? A CYS 9    ? 1_555 AS ? D ARS . ? A ARS 1030 ? 1_555 SG  ? C CYS 10 ? C CYS 9    ? 1_555 88.4  ? 
13 SG  ? B CYS 10 ? B CYS 9    ? 1_555 AS ? D ARS . ? A ARS 1030 ? 1_555 SG  ? C CYS 10 ? C CYS 9    ? 1_555 90.7  ? 
14 OE1 ? A GLU 25 ? A GLU 24   ? 1_555 ZN ? F ZN  . ? A ZN  1032 ? 1_555 OE2 ? A GLU 25 ? A GLU 24   ? 1_555 53.7  ? 
15 OE1 ? A GLU 25 ? A GLU 24   ? 1_555 ZN ? F ZN  . ? A ZN  1032 ? 1_555 O   ? I HOH .  ? A HOH 2019 ? 1_555 86.2  ? 
16 OE2 ? A GLU 25 ? A GLU 24   ? 1_555 ZN ? F ZN  . ? A ZN  1032 ? 1_555 O   ? I HOH .  ? A HOH 2019 ? 1_555 108.4 ? 
17 OE1 ? A GLU 25 ? A GLU 24   ? 1_555 ZN ? F ZN  . ? A ZN  1032 ? 1_555 OE1 ? C GLU 25 ? C GLU 24   ? 4_444 162.1 ? 
18 OE2 ? A GLU 25 ? A GLU 24   ? 1_555 ZN ? F ZN  . ? A ZN  1032 ? 1_555 OE1 ? C GLU 25 ? C GLU 24   ? 4_444 110.6 ? 
19 O   ? I HOH .  ? A HOH 2019 ? 1_555 ZN ? F ZN  . ? A ZN  1032 ? 1_555 OE1 ? C GLU 25 ? C GLU 24   ? 4_444 108.8 ? 
20 OE1 ? A GLU 25 ? A GLU 24   ? 1_555 ZN ? F ZN  . ? A ZN  1032 ? 1_555 NE2 ? C HIS 29 ? C HIS 28   ? 4_444 87.6  ? 
21 OE2 ? A GLU 25 ? A GLU 24   ? 1_555 ZN ? F ZN  . ? A ZN  1032 ? 1_555 NE2 ? C HIS 29 ? C HIS 28   ? 4_444 115.4 ? 
22 O   ? I HOH .  ? A HOH 2019 ? 1_555 ZN ? F ZN  . ? A ZN  1032 ? 1_555 NE2 ? C HIS 29 ? C HIS 28   ? 4_444 119.2 ? 
23 OE1 ? C GLU 25 ? C GLU 24   ? 4_444 ZN ? F ZN  . ? A ZN  1032 ? 1_555 NE2 ? C HIS 29 ? C HIS 28   ? 4_444 93.2  ? 
24 NE2 ? A HIS 29 ? A HIS 28   ? 1_555 ZN ? E ZN  . ? A ZN  1031 ? 1_555 OE1 ? C GLU 4  ? C GLU 3    ? 1_554 108.7 ? 
25 NE2 ? A HIS 29 ? A HIS 28   ? 1_555 ZN ? E ZN  . ? A ZN  1031 ? 1_555 OE2 ? C GLU 4  ? C GLU 3    ? 1_554 92.0  ? 
26 OE1 ? C GLU 4  ? C GLU 3    ? 1_554 ZN ? E ZN  . ? A ZN  1031 ? 1_555 OE2 ? C GLU 4  ? C GLU 3    ? 1_554 53.5  ? 
27 NE2 ? A HIS 29 ? A HIS 28   ? 1_555 ZN ? E ZN  . ? A ZN  1031 ? 1_555 OE1 ? C GLU 21 ? C GLU 20   ? 4_444 111.2 ? 
28 OE1 ? C GLU 4  ? C GLU 3    ? 1_554 ZN ? E ZN  . ? A ZN  1031 ? 1_555 OE1 ? C GLU 21 ? C GLU 20   ? 4_444 128.8 ? 
29 OE2 ? C GLU 4  ? C GLU 3    ? 1_554 ZN ? E ZN  . ? A ZN  1031 ? 1_555 OE1 ? C GLU 21 ? C GLU 20   ? 4_444 94.3  ? 
30 NE2 ? A HIS 29 ? A HIS 28   ? 1_555 ZN ? E ZN  . ? A ZN  1031 ? 1_555 OE1 ? C GLU 21 ? C GLU 20   ? 1_555 25.5  ? 
31 OE1 ? C GLU 4  ? C GLU 3    ? 1_554 ZN ? E ZN  . ? A ZN  1031 ? 1_555 OE1 ? C GLU 21 ? C GLU 20   ? 1_555 118.1 ? 
32 OE2 ? C GLU 4  ? C GLU 3    ? 1_554 ZN ? E ZN  . ? A ZN  1031 ? 1_555 OE1 ? C GLU 21 ? C GLU 20   ? 1_555 116.9 ? 
33 OE1 ? C GLU 21 ? C GLU 20   ? 4_444 ZN ? E ZN  . ? A ZN  1031 ? 1_555 OE1 ? C GLU 21 ? C GLU 20   ? 1_555 111.6 ? 
34 NE2 ? A HIS 29 ? A HIS 28   ? 1_555 ZN ? E ZN  . ? A ZN  1031 ? 1_555 OE2 ? C GLU 25 ? C GLU 24   ? 4_444 92.6  ? 
35 OE1 ? C GLU 4  ? C GLU 3    ? 1_554 ZN ? E ZN  . ? A ZN  1031 ? 1_555 OE2 ? C GLU 25 ? C GLU 24   ? 4_444 101.1 ? 
36 OE2 ? C GLU 4  ? C GLU 3    ? 1_554 ZN ? E ZN  . ? A ZN  1031 ? 1_555 OE2 ? C GLU 25 ? C GLU 24   ? 4_444 154.1 ? 
37 OE1 ? C GLU 21 ? C GLU 20   ? 4_444 ZN ? E ZN  . ? A ZN  1031 ? 1_555 OE2 ? C GLU 25 ? C GLU 24   ? 4_444 107.7 ? 
38 OE1 ? C GLU 21 ? C GLU 20   ? 1_555 ZN ? E ZN  . ? A ZN  1031 ? 1_555 OE2 ? C GLU 25 ? C GLU 24   ? 4_444 67.9  ? 
39 OE1 ? B GLU 25 ? B GLU 24   ? 1_555 ZN ? H ZN  . ? B ZN  1031 ? 1_555 OE2 ? B GLU 25 ? B GLU 24   ? 1_555 53.5  ? 
40 OE1 ? B GLU 25 ? B GLU 24   ? 1_555 ZN ? H ZN  . ? B ZN  1031 ? 1_555 O   ? K HOH .  ? C HOH 2015 ? 1_555 42.9  ? 
41 OE2 ? B GLU 25 ? B GLU 24   ? 1_555 ZN ? H ZN  . ? B ZN  1031 ? 1_555 O   ? K HOH .  ? C HOH 2015 ? 1_555 92.7  ? 
# 
loop_
_pdbx_modification_feature.ordinal 
_pdbx_modification_feature.label_comp_id 
_pdbx_modification_feature.label_asym_id 
_pdbx_modification_feature.label_seq_id 
_pdbx_modification_feature.label_alt_id 
_pdbx_modification_feature.modified_residue_label_comp_id 
_pdbx_modification_feature.modified_residue_label_asym_id 
_pdbx_modification_feature.modified_residue_label_seq_id 
_pdbx_modification_feature.modified_residue_label_alt_id 
_pdbx_modification_feature.auth_comp_id 
_pdbx_modification_feature.auth_asym_id 
_pdbx_modification_feature.auth_seq_id 
_pdbx_modification_feature.PDB_ins_code 
_pdbx_modification_feature.symmetry 
_pdbx_modification_feature.modified_residue_auth_comp_id 
_pdbx_modification_feature.modified_residue_auth_asym_id 
_pdbx_modification_feature.modified_residue_auth_seq_id 
_pdbx_modification_feature.modified_residue_PDB_ins_code 
_pdbx_modification_feature.modified_residue_symmetry 
_pdbx_modification_feature.comp_id_linking_atom 
_pdbx_modification_feature.modified_residue_id_linking_atom 
_pdbx_modification_feature.modified_residue_id 
_pdbx_modification_feature.ref_pcm_id 
_pdbx_modification_feature.ref_comp_id 
_pdbx_modification_feature.type 
_pdbx_modification_feature.category 
1 ACE A 1  ? GLU A 2  ? ACE A 0  ? 1_555 GLU A 1  ? 1_555 . . GLU 10 ACE None 'Terminal acetylation' 
2 ACE B 1  ? GLU B 2  ? ACE B 0  ? 1_555 GLU B 1  ? 1_555 . . GLU 10 ACE None 'Terminal acetylation' 
3 ACE C 1  ? GLU C 2  ? ACE C 0  ? 1_555 GLU C 1  ? 1_555 . . GLU 10 ACE None 'Terminal acetylation' 
4 NH2 A 31 ? GLY A 30 ? NH2 A 30 ? 1_555 GLY A 29 ? 1_555 . . GLY 12 NH2 None 'Terminal amidation'   
5 NH2 B 31 ? GLY B 30 ? NH2 B 30 ? 1_555 GLY B 29 ? 1_555 . . GLY 12 NH2 None 'Terminal amidation'   
6 NH2 C 31 ? GLY C 30 ? NH2 C 30 ? 1_555 GLY C 29 ? 1_555 . . GLY 12 NH2 None 'Terminal amidation'   
# 
loop_
_struct_site.id 
_struct_site.pdbx_evidence_code 
_struct_site.pdbx_auth_asym_id 
_struct_site.pdbx_auth_comp_id 
_struct_site.pdbx_auth_seq_id 
_struct_site.pdbx_auth_ins_code 
_struct_site.pdbx_num_residues 
_struct_site.details 
AC1 Software A ARS 1030 ? 3 'BINDING SITE FOR RESIDUE ARS A 1030' 
AC2 Software A ZN  1031 ? 4 'BINDING SITE FOR RESIDUE ZN A 1031'  
AC3 Software A ZN  1032 ? 4 'BINDING SITE FOR RESIDUE ZN A 1032'  
AC4 Software B ZN  1030 ? 5 'BINDING SITE FOR RESIDUE ZN B 1030'  
AC5 Software B ZN  1031 ? 4 'BINDING SITE FOR RESIDUE ZN B 1031'  
# 
loop_
_struct_site_gen.id 
_struct_site_gen.site_id 
_struct_site_gen.pdbx_num_res 
_struct_site_gen.label_comp_id 
_struct_site_gen.label_asym_id 
_struct_site_gen.label_seq_id 
_struct_site_gen.pdbx_auth_ins_code 
_struct_site_gen.auth_comp_id 
_struct_site_gen.auth_asym_id 
_struct_site_gen.auth_seq_id 
_struct_site_gen.label_atom_id 
_struct_site_gen.label_alt_id 
_struct_site_gen.symmetry 
_struct_site_gen.details 
1  AC1 3 CYS A 10 ? CYS A 9    . ? 1_555 ? 
2  AC1 3 CYS B 10 ? CYS B 9    . ? 1_555 ? 
3  AC1 3 CYS C 10 ? CYS C 9    . ? 1_555 ? 
4  AC2 4 HIS A 29 ? HIS A 28   . ? 1_555 ? 
5  AC2 4 GLU C 4  ? GLU C 3    . ? 1_554 ? 
6  AC2 4 GLU C 21 ? GLU C 20   . ? 4_444 ? 
7  AC2 4 GLU C 25 ? GLU C 24   . ? 4_444 ? 
8  AC3 4 GLU A 25 ? GLU A 24   . ? 1_555 ? 
9  AC3 4 HOH I .  ? HOH A 2019 . ? 1_555 ? 
10 AC3 4 GLU C 25 ? GLU C 24   . ? 4_444 ? 
11 AC3 4 HIS C 29 ? HIS C 28   . ? 4_444 ? 
12 AC4 5 TRP A 3  ? TRP A 2    . ? 3_545 ? 
13 AC4 5 GLU A 7  ? GLU A 6    . ? 3_545 ? 
14 AC4 5 GLU B 2  ? GLU B 1    . ? 3_545 ? 
15 AC4 5 HIS B 29 ? HIS B 28   . ? 1_555 ? 
16 AC4 5 HOH J .  ? HOH B 2016 . ? 1_555 ? 
17 AC5 4 GLU A 2  ? GLU A 1    . ? 4_445 ? 
18 AC5 4 GLU B 25 ? GLU B 24   . ? 1_555 ? 
19 AC5 4 GLU B 28 ? GLU B 27   . ? 1_555 ? 
20 AC5 4 HOH K .  ? HOH C 2015 . ? 1_555 ? 
# 
_pdbx_entry_details.entry_id                   2JGO 
_pdbx_entry_details.compound_details           ? 
_pdbx_entry_details.source_details             ? 
_pdbx_entry_details.nonpolymer_details         ? 
_pdbx_entry_details.sequence_details           ? 
_pdbx_entry_details.has_ligand_of_interest     ? 
_pdbx_entry_details.has_protein_modification   Y 
# 
loop_
_pdbx_validate_close_contact.id 
_pdbx_validate_close_contact.PDB_model_num 
_pdbx_validate_close_contact.auth_atom_id_1 
_pdbx_validate_close_contact.auth_asym_id_1 
_pdbx_validate_close_contact.auth_comp_id_1 
_pdbx_validate_close_contact.auth_seq_id_1 
_pdbx_validate_close_contact.PDB_ins_code_1 
_pdbx_validate_close_contact.label_alt_id_1 
_pdbx_validate_close_contact.auth_atom_id_2 
_pdbx_validate_close_contact.auth_asym_id_2 
_pdbx_validate_close_contact.auth_comp_id_2 
_pdbx_validate_close_contact.auth_seq_id_2 
_pdbx_validate_close_contact.PDB_ins_code_2 
_pdbx_validate_close_contact.label_alt_id_2 
_pdbx_validate_close_contact.dist 
1 1 NZ  C LYS 22 ? B O C HOH 2015 ? ? 1.73 
2 1 OE1 B GLU 24 ? ? O C HOH 2015 ? ? 1.80 
3 1 OE2 B GLU 20 ? ? O B HOH 2013 ? ? 1.87 
4 1 OE1 C GLU 6  ? ? O C HOH 2006 ? ? 1.93 
5 1 OE2 B GLU 27 ? ? O C HOH 2015 ? ? 1.94 
6 1 OE1 A GLU 20 ? ? O A HOH 2013 ? ? 2.11 
7 1 OE2 A GLU 1  ? ? O C HOH 2006 ? ? 2.11 
8 1 NZ  C LYS 7  ? ? O C HOH 2008 ? ? 2.14 
9 1 OE1 C GLU 1  ? ? O C HOH 2003 ? ? 2.19 
# 
_pdbx_validate_symm_contact.id                1 
_pdbx_validate_symm_contact.PDB_model_num     1 
_pdbx_validate_symm_contact.auth_atom_id_1    NZ 
_pdbx_validate_symm_contact.auth_asym_id_1    A 
_pdbx_validate_symm_contact.auth_comp_id_1    LYS 
_pdbx_validate_symm_contact.auth_seq_id_1     22 
_pdbx_validate_symm_contact.PDB_ins_code_1    ? 
_pdbx_validate_symm_contact.label_alt_id_1    B 
_pdbx_validate_symm_contact.site_symmetry_1   1_555 
_pdbx_validate_symm_contact.auth_atom_id_2    N 
_pdbx_validate_symm_contact.auth_asym_id_2    B 
_pdbx_validate_symm_contact.auth_comp_id_2    NH2 
_pdbx_validate_symm_contact.auth_seq_id_2     30 
_pdbx_validate_symm_contact.PDB_ins_code_2    ? 
_pdbx_validate_symm_contact.label_alt_id_2    ? 
_pdbx_validate_symm_contact.site_symmetry_2   4_454 
_pdbx_validate_symm_contact.dist              1.75 
# 
loop_
_pdbx_validate_rmsd_bond.id 
_pdbx_validate_rmsd_bond.PDB_model_num 
_pdbx_validate_rmsd_bond.auth_atom_id_1 
_pdbx_validate_rmsd_bond.auth_asym_id_1 
_pdbx_validate_rmsd_bond.auth_comp_id_1 
_pdbx_validate_rmsd_bond.auth_seq_id_1 
_pdbx_validate_rmsd_bond.PDB_ins_code_1 
_pdbx_validate_rmsd_bond.label_alt_id_1 
_pdbx_validate_rmsd_bond.auth_atom_id_2 
_pdbx_validate_rmsd_bond.auth_asym_id_2 
_pdbx_validate_rmsd_bond.auth_comp_id_2 
_pdbx_validate_rmsd_bond.auth_seq_id_2 
_pdbx_validate_rmsd_bond.PDB_ins_code_2 
_pdbx_validate_rmsd_bond.label_alt_id_2 
_pdbx_validate_rmsd_bond.bond_value 
_pdbx_validate_rmsd_bond.bond_target_value 
_pdbx_validate_rmsd_bond.bond_deviation 
_pdbx_validate_rmsd_bond.bond_standard_deviation 
_pdbx_validate_rmsd_bond.linker_flag 
1 1 C A ACE 0  ? ? N A GLU 1  ? ? 0.942 1.336 -0.394 0.023 Y 
2 1 C A GLU 1  ? ? N A TRP 2  ? ? 1.148 1.336 -0.188 0.023 Y 
3 1 C B GLY 29 ? ? N B NH2 30 ? ? 1.550 1.336 0.214  0.023 Y 
# 
loop_
_pdbx_validate_rmsd_angle.id 
_pdbx_validate_rmsd_angle.PDB_model_num 
_pdbx_validate_rmsd_angle.auth_atom_id_1 
_pdbx_validate_rmsd_angle.auth_asym_id_1 
_pdbx_validate_rmsd_angle.auth_comp_id_1 
_pdbx_validate_rmsd_angle.auth_seq_id_1 
_pdbx_validate_rmsd_angle.PDB_ins_code_1 
_pdbx_validate_rmsd_angle.label_alt_id_1 
_pdbx_validate_rmsd_angle.auth_atom_id_2 
_pdbx_validate_rmsd_angle.auth_asym_id_2 
_pdbx_validate_rmsd_angle.auth_comp_id_2 
_pdbx_validate_rmsd_angle.auth_seq_id_2 
_pdbx_validate_rmsd_angle.PDB_ins_code_2 
_pdbx_validate_rmsd_angle.label_alt_id_2 
_pdbx_validate_rmsd_angle.auth_atom_id_3 
_pdbx_validate_rmsd_angle.auth_asym_id_3 
_pdbx_validate_rmsd_angle.auth_comp_id_3 
_pdbx_validate_rmsd_angle.auth_seq_id_3 
_pdbx_validate_rmsd_angle.PDB_ins_code_3 
_pdbx_validate_rmsd_angle.label_alt_id_3 
_pdbx_validate_rmsd_angle.angle_value 
_pdbx_validate_rmsd_angle.angle_target_value 
_pdbx_validate_rmsd_angle.angle_deviation 
_pdbx_validate_rmsd_angle.angle_standard_deviation 
_pdbx_validate_rmsd_angle.linker_flag 
1 1 O  A ACE 0  ? ? C  A ACE 0  ? ? N   A GLU 1  ? ? 137.47 122.70 14.77  1.60 Y 
2 1 O  A GLU 1  ? ? C  A GLU 1  ? ? N   A TRP 2  ? ? 112.41 122.70 -10.29 1.60 Y 
3 1 O  A GLY 29 ? ? C  A GLY 29 ? ? N   A NH2 30 ? ? 109.88 122.70 -12.82 1.60 Y 
4 1 O  B GLY 29 ? ? C  B GLY 29 ? ? N   B NH2 30 ? ? 105.32 122.70 -17.38 1.60 Y 
5 1 CG C GLU 20 ? ? CD C GLU 20 ? ? OE2 C GLU 20 ? ? 105.94 118.30 -12.36 2.00 N 
# 
loop_
_pdbx_validate_polymer_linkage.id 
_pdbx_validate_polymer_linkage.PDB_model_num 
_pdbx_validate_polymer_linkage.auth_atom_id_1 
_pdbx_validate_polymer_linkage.auth_asym_id_1 
_pdbx_validate_polymer_linkage.auth_comp_id_1 
_pdbx_validate_polymer_linkage.auth_seq_id_1 
_pdbx_validate_polymer_linkage.PDB_ins_code_1 
_pdbx_validate_polymer_linkage.label_alt_id_1 
_pdbx_validate_polymer_linkage.auth_atom_id_2 
_pdbx_validate_polymer_linkage.auth_asym_id_2 
_pdbx_validate_polymer_linkage.auth_comp_id_2 
_pdbx_validate_polymer_linkage.auth_seq_id_2 
_pdbx_validate_polymer_linkage.PDB_ins_code_2 
_pdbx_validate_polymer_linkage.label_alt_id_2 
_pdbx_validate_polymer_linkage.dist 
1 1 C A ACE 0 ? ? N A GLU 1 ? ? 0.94 
2 1 C A GLU 1 ? ? N A TRP 2 ? ? 1.15 
# 
_pdbx_struct_special_symmetry.id              1 
_pdbx_struct_special_symmetry.PDB_model_num   1 
_pdbx_struct_special_symmetry.auth_asym_id    A 
_pdbx_struct_special_symmetry.auth_comp_id    HOH 
_pdbx_struct_special_symmetry.auth_seq_id     2003 
_pdbx_struct_special_symmetry.PDB_ins_code    ? 
_pdbx_struct_special_symmetry.label_asym_id   I 
_pdbx_struct_special_symmetry.label_comp_id   HOH 
_pdbx_struct_special_symmetry.label_seq_id    . 
# 
loop_
_chem_comp_atom.comp_id 
_chem_comp_atom.atom_id 
_chem_comp_atom.type_symbol 
_chem_comp_atom.pdbx_aromatic_flag 
_chem_comp_atom.pdbx_stereo_config 
_chem_comp_atom.pdbx_ordinal 
ACE C    C  N N 1   
ACE O    O  N N 2   
ACE CH3  C  N N 3   
ACE H    H  N N 4   
ACE H1   H  N N 5   
ACE H2   H  N N 6   
ACE H3   H  N N 7   
ALA N    N  N N 8   
ALA CA   C  N S 9   
ALA C    C  N N 10  
ALA O    O  N N 11  
ALA CB   C  N N 12  
ALA OXT  O  N N 13  
ALA H    H  N N 14  
ALA H2   H  N N 15  
ALA HA   H  N N 16  
ALA HB1  H  N N 17  
ALA HB2  H  N N 18  
ALA HB3  H  N N 19  
ALA HXT  H  N N 20  
ARS AS   AS N N 21  
CYS N    N  N N 22  
CYS CA   C  N R 23  
CYS C    C  N N 24  
CYS O    O  N N 25  
CYS CB   C  N N 26  
CYS SG   S  N N 27  
CYS OXT  O  N N 28  
CYS H    H  N N 29  
CYS H2   H  N N 30  
CYS HA   H  N N 31  
CYS HB2  H  N N 32  
CYS HB3  H  N N 33  
CYS HG   H  N N 34  
CYS HXT  H  N N 35  
GLN N    N  N N 36  
GLN CA   C  N S 37  
GLN C    C  N N 38  
GLN O    O  N N 39  
GLN CB   C  N N 40  
GLN CG   C  N N 41  
GLN CD   C  N N 42  
GLN OE1  O  N N 43  
GLN NE2  N  N N 44  
GLN OXT  O  N N 45  
GLN H    H  N N 46  
GLN H2   H  N N 47  
GLN HA   H  N N 48  
GLN HB2  H  N N 49  
GLN HB3  H  N N 50  
GLN HG2  H  N N 51  
GLN HG3  H  N N 52  
GLN HE21 H  N N 53  
GLN HE22 H  N N 54  
GLN HXT  H  N N 55  
GLU N    N  N N 56  
GLU CA   C  N S 57  
GLU C    C  N N 58  
GLU O    O  N N 59  
GLU CB   C  N N 60  
GLU CG   C  N N 61  
GLU CD   C  N N 62  
GLU OE1  O  N N 63  
GLU OE2  O  N N 64  
GLU OXT  O  N N 65  
GLU H    H  N N 66  
GLU H2   H  N N 67  
GLU HA   H  N N 68  
GLU HB2  H  N N 69  
GLU HB3  H  N N 70  
GLU HG2  H  N N 71  
GLU HG3  H  N N 72  
GLU HE2  H  N N 73  
GLU HXT  H  N N 74  
GLY N    N  N N 75  
GLY CA   C  N N 76  
GLY C    C  N N 77  
GLY O    O  N N 78  
GLY OXT  O  N N 79  
GLY H    H  N N 80  
GLY H2   H  N N 81  
GLY HA2  H  N N 82  
GLY HA3  H  N N 83  
GLY HXT  H  N N 84  
HIS N    N  N N 85  
HIS CA   C  N S 86  
HIS C    C  N N 87  
HIS O    O  N N 88  
HIS CB   C  N N 89  
HIS CG   C  Y N 90  
HIS ND1  N  Y N 91  
HIS CD2  C  Y N 92  
HIS CE1  C  Y N 93  
HIS NE2  N  Y N 94  
HIS OXT  O  N N 95  
HIS H    H  N N 96  
HIS H2   H  N N 97  
HIS HA   H  N N 98  
HIS HB2  H  N N 99  
HIS HB3  H  N N 100 
HIS HD1  H  N N 101 
HIS HD2  H  N N 102 
HIS HE1  H  N N 103 
HIS HE2  H  N N 104 
HIS HXT  H  N N 105 
HOH O    O  N N 106 
HOH H1   H  N N 107 
HOH H2   H  N N 108 
LEU N    N  N N 109 
LEU CA   C  N S 110 
LEU C    C  N N 111 
LEU O    O  N N 112 
LEU CB   C  N N 113 
LEU CG   C  N N 114 
LEU CD1  C  N N 115 
LEU CD2  C  N N 116 
LEU OXT  O  N N 117 
LEU H    H  N N 118 
LEU H2   H  N N 119 
LEU HA   H  N N 120 
LEU HB2  H  N N 121 
LEU HB3  H  N N 122 
LEU HG   H  N N 123 
LEU HD11 H  N N 124 
LEU HD12 H  N N 125 
LEU HD13 H  N N 126 
LEU HD21 H  N N 127 
LEU HD22 H  N N 128 
LEU HD23 H  N N 129 
LEU HXT  H  N N 130 
LYS N    N  N N 131 
LYS CA   C  N S 132 
LYS C    C  N N 133 
LYS O    O  N N 134 
LYS CB   C  N N 135 
LYS CG   C  N N 136 
LYS CD   C  N N 137 
LYS CE   C  N N 138 
LYS NZ   N  N N 139 
LYS OXT  O  N N 140 
LYS H    H  N N 141 
LYS H2   H  N N 142 
LYS HA   H  N N 143 
LYS HB2  H  N N 144 
LYS HB3  H  N N 145 
LYS HG2  H  N N 146 
LYS HG3  H  N N 147 
LYS HD2  H  N N 148 
LYS HD3  H  N N 149 
LYS HE2  H  N N 150 
LYS HE3  H  N N 151 
LYS HZ1  H  N N 152 
LYS HZ2  H  N N 153 
LYS HZ3  H  N N 154 
LYS HXT  H  N N 155 
NH2 N    N  N N 156 
NH2 HN1  H  N N 157 
NH2 HN2  H  N N 158 
SER N    N  N N 159 
SER CA   C  N S 160 
SER C    C  N N 161 
SER O    O  N N 162 
SER CB   C  N N 163 
SER OG   O  N N 164 
SER OXT  O  N N 165 
SER H    H  N N 166 
SER H2   H  N N 167 
SER HA   H  N N 168 
SER HB2  H  N N 169 
SER HB3  H  N N 170 
SER HG   H  N N 171 
SER HXT  H  N N 172 
TRP N    N  N N 173 
TRP CA   C  N S 174 
TRP C    C  N N 175 
TRP O    O  N N 176 
TRP CB   C  N N 177 
TRP CG   C  Y N 178 
TRP CD1  C  Y N 179 
TRP CD2  C  Y N 180 
TRP NE1  N  Y N 181 
TRP CE2  C  Y N 182 
TRP CE3  C  Y N 183 
TRP CZ2  C  Y N 184 
TRP CZ3  C  Y N 185 
TRP CH2  C  Y N 186 
TRP OXT  O  N N 187 
TRP H    H  N N 188 
TRP H2   H  N N 189 
TRP HA   H  N N 190 
TRP HB2  H  N N 191 
TRP HB3  H  N N 192 
TRP HD1  H  N N 193 
TRP HE1  H  N N 194 
TRP HE3  H  N N 195 
TRP HZ2  H  N N 196 
TRP HZ3  H  N N 197 
TRP HH2  H  N N 198 
TRP HXT  H  N N 199 
ZN  ZN   ZN N N 200 
# 
loop_
_chem_comp_bond.comp_id 
_chem_comp_bond.atom_id_1 
_chem_comp_bond.atom_id_2 
_chem_comp_bond.value_order 
_chem_comp_bond.pdbx_aromatic_flag 
_chem_comp_bond.pdbx_stereo_config 
_chem_comp_bond.pdbx_ordinal 
ACE C   O    doub N N 1   
ACE C   CH3  sing N N 2   
ACE C   H    sing N N 3   
ACE CH3 H1   sing N N 4   
ACE CH3 H2   sing N N 5   
ACE CH3 H3   sing N N 6   
ALA N   CA   sing N N 7   
ALA N   H    sing N N 8   
ALA N   H2   sing N N 9   
ALA CA  C    sing N N 10  
ALA CA  CB   sing N N 11  
ALA CA  HA   sing N N 12  
ALA C   O    doub N N 13  
ALA C   OXT  sing N N 14  
ALA CB  HB1  sing N N 15  
ALA CB  HB2  sing N N 16  
ALA CB  HB3  sing N N 17  
ALA OXT HXT  sing N N 18  
CYS N   CA   sing N N 19  
CYS N   H    sing N N 20  
CYS N   H2   sing N N 21  
CYS CA  C    sing N N 22  
CYS CA  CB   sing N N 23  
CYS CA  HA   sing N N 24  
CYS C   O    doub N N 25  
CYS C   OXT  sing N N 26  
CYS CB  SG   sing N N 27  
CYS CB  HB2  sing N N 28  
CYS CB  HB3  sing N N 29  
CYS SG  HG   sing N N 30  
CYS OXT HXT  sing N N 31  
GLN N   CA   sing N N 32  
GLN N   H    sing N N 33  
GLN N   H2   sing N N 34  
GLN CA  C    sing N N 35  
GLN CA  CB   sing N N 36  
GLN CA  HA   sing N N 37  
GLN C   O    doub N N 38  
GLN C   OXT  sing N N 39  
GLN CB  CG   sing N N 40  
GLN CB  HB2  sing N N 41  
GLN CB  HB3  sing N N 42  
GLN CG  CD   sing N N 43  
GLN CG  HG2  sing N N 44  
GLN CG  HG3  sing N N 45  
GLN CD  OE1  doub N N 46  
GLN CD  NE2  sing N N 47  
GLN NE2 HE21 sing N N 48  
GLN NE2 HE22 sing N N 49  
GLN OXT HXT  sing N N 50  
GLU N   CA   sing N N 51  
GLU N   H    sing N N 52  
GLU N   H2   sing N N 53  
GLU CA  C    sing N N 54  
GLU CA  CB   sing N N 55  
GLU CA  HA   sing N N 56  
GLU C   O    doub N N 57  
GLU C   OXT  sing N N 58  
GLU CB  CG   sing N N 59  
GLU CB  HB2  sing N N 60  
GLU CB  HB3  sing N N 61  
GLU CG  CD   sing N N 62  
GLU CG  HG2  sing N N 63  
GLU CG  HG3  sing N N 64  
GLU CD  OE1  doub N N 65  
GLU CD  OE2  sing N N 66  
GLU OE2 HE2  sing N N 67  
GLU OXT HXT  sing N N 68  
GLY N   CA   sing N N 69  
GLY N   H    sing N N 70  
GLY N   H2   sing N N 71  
GLY CA  C    sing N N 72  
GLY CA  HA2  sing N N 73  
GLY CA  HA3  sing N N 74  
GLY C   O    doub N N 75  
GLY C   OXT  sing N N 76  
GLY OXT HXT  sing N N 77  
HIS N   CA   sing N N 78  
HIS N   H    sing N N 79  
HIS N   H2   sing N N 80  
HIS CA  C    sing N N 81  
HIS CA  CB   sing N N 82  
HIS CA  HA   sing N N 83  
HIS C   O    doub N N 84  
HIS C   OXT  sing N N 85  
HIS CB  CG   sing N N 86  
HIS CB  HB2  sing N N 87  
HIS CB  HB3  sing N N 88  
HIS CG  ND1  sing Y N 89  
HIS CG  CD2  doub Y N 90  
HIS ND1 CE1  doub Y N 91  
HIS ND1 HD1  sing N N 92  
HIS CD2 NE2  sing Y N 93  
HIS CD2 HD2  sing N N 94  
HIS CE1 NE2  sing Y N 95  
HIS CE1 HE1  sing N N 96  
HIS NE2 HE2  sing N N 97  
HIS OXT HXT  sing N N 98  
HOH O   H1   sing N N 99  
HOH O   H2   sing N N 100 
LEU N   CA   sing N N 101 
LEU N   H    sing N N 102 
LEU N   H2   sing N N 103 
LEU CA  C    sing N N 104 
LEU CA  CB   sing N N 105 
LEU CA  HA   sing N N 106 
LEU C   O    doub N N 107 
LEU C   OXT  sing N N 108 
LEU CB  CG   sing N N 109 
LEU CB  HB2  sing N N 110 
LEU CB  HB3  sing N N 111 
LEU CG  CD1  sing N N 112 
LEU CG  CD2  sing N N 113 
LEU CG  HG   sing N N 114 
LEU CD1 HD11 sing N N 115 
LEU CD1 HD12 sing N N 116 
LEU CD1 HD13 sing N N 117 
LEU CD2 HD21 sing N N 118 
LEU CD2 HD22 sing N N 119 
LEU CD2 HD23 sing N N 120 
LEU OXT HXT  sing N N 121 
LYS N   CA   sing N N 122 
LYS N   H    sing N N 123 
LYS N   H2   sing N N 124 
LYS CA  C    sing N N 125 
LYS CA  CB   sing N N 126 
LYS CA  HA   sing N N 127 
LYS C   O    doub N N 128 
LYS C   OXT  sing N N 129 
LYS CB  CG   sing N N 130 
LYS CB  HB2  sing N N 131 
LYS CB  HB3  sing N N 132 
LYS CG  CD   sing N N 133 
LYS CG  HG2  sing N N 134 
LYS CG  HG3  sing N N 135 
LYS CD  CE   sing N N 136 
LYS CD  HD2  sing N N 137 
LYS CD  HD3  sing N N 138 
LYS CE  NZ   sing N N 139 
LYS CE  HE2  sing N N 140 
LYS CE  HE3  sing N N 141 
LYS NZ  HZ1  sing N N 142 
LYS NZ  HZ2  sing N N 143 
LYS NZ  HZ3  sing N N 144 
LYS OXT HXT  sing N N 145 
NH2 N   HN1  sing N N 146 
NH2 N   HN2  sing N N 147 
SER N   CA   sing N N 148 
SER N   H    sing N N 149 
SER N   H2   sing N N 150 
SER CA  C    sing N N 151 
SER CA  CB   sing N N 152 
SER CA  HA   sing N N 153 
SER C   O    doub N N 154 
SER C   OXT  sing N N 155 
SER CB  OG   sing N N 156 
SER CB  HB2  sing N N 157 
SER CB  HB3  sing N N 158 
SER OG  HG   sing N N 159 
SER OXT HXT  sing N N 160 
TRP N   CA   sing N N 161 
TRP N   H    sing N N 162 
TRP N   H2   sing N N 163 
TRP CA  C    sing N N 164 
TRP CA  CB   sing N N 165 
TRP CA  HA   sing N N 166 
TRP C   O    doub N N 167 
TRP C   OXT  sing N N 168 
TRP CB  CG   sing N N 169 
TRP CB  HB2  sing N N 170 
TRP CB  HB3  sing N N 171 
TRP CG  CD1  doub Y N 172 
TRP CG  CD2  sing Y N 173 
TRP CD1 NE1  sing Y N 174 
TRP CD1 HD1  sing N N 175 
TRP CD2 CE2  doub Y N 176 
TRP CD2 CE3  sing Y N 177 
TRP NE1 CE2  sing Y N 178 
TRP NE1 HE1  sing N N 179 
TRP CE2 CZ2  sing Y N 180 
TRP CE3 CZ3  doub Y N 181 
TRP CE3 HE3  sing N N 182 
TRP CZ2 CH2  doub Y N 183 
TRP CZ2 HZ2  sing N N 184 
TRP CZ3 CH2  sing Y N 185 
TRP CZ3 HZ3  sing N N 186 
TRP CH2 HH2  sing N N 187 
TRP OXT HXT  sing N N 188 
# 
_pdbx_initial_refinement_model.id               1 
_pdbx_initial_refinement_model.entity_id_list   ? 
_pdbx_initial_refinement_model.type             'experimental model' 
_pdbx_initial_refinement_model.source_name      PDB 
_pdbx_initial_refinement_model.accession_code   1COI 
_pdbx_initial_refinement_model.details          'PDB ENTRY 1COI' 
# 
_atom_sites.entry_id                    2JGO 
_atom_sites.fract_transf_matrix[1][1]   -0.01167248 
_atom_sites.fract_transf_matrix[1][2]   0.00581684 
_atom_sites.fract_transf_matrix[1][3]   -0.00713362 
_atom_sites.fract_transf_matrix[2][1]   -0.02050448 
_atom_sites.fract_transf_matrix[2][2]   -0.01047322 
_atom_sites.fract_transf_matrix[2][3]   0.02501075 
_atom_sites.fract_transf_matrix[3][1]   -0.00687961 
_atom_sites.fract_transf_matrix[3][2]   0.02462772 
_atom_sites.fract_transf_matrix[3][3]   0.00467273 
_atom_sites.fract_transf_vector[1]      -0.305331 
_atom_sites.fract_transf_vector[2]      -0.071665 
_atom_sites.fract_transf_vector[3]      -0.253970 
# 
loop_
_atom_type.symbol 
AS 
C  
N  
O  
S  
ZN 
# 
loop_
_atom_site.group_PDB 
_atom_site.id 
_atom_site.type_symbol 
_atom_site.label_atom_id 
_atom_site.label_alt_id 
_atom_site.label_comp_id 
_atom_site.label_asym_id 
_atom_site.label_entity_id 
_atom_site.label_seq_id 
_atom_site.pdbx_PDB_ins_code 
_atom_site.Cartn_x 
_atom_site.Cartn_y 
_atom_site.Cartn_z 
_atom_site.occupancy 
_atom_site.B_iso_or_equiv 
_atom_site.pdbx_formal_charge 
_atom_site.auth_seq_id 
_atom_site.auth_comp_id 
_atom_site.auth_asym_id 
_atom_site.auth_atom_id 
_atom_site.pdbx_PDB_model_num 
HETATM 1   C  C   . ACE A 1 1  ? 4.981   7.853   20.335  1.00   22.67 ? 0    ACE A C   1 
HETATM 2   O  O   . ACE A 1 1  ? 4.504   6.983   19.608  1.00   20.10 ? 0    ACE A O   1 
HETATM 3   C  CH3 . ACE A 1 1  ? 5.230   7.652   21.803  1.00   23.20 ? 0    ACE A CH3 1 
ATOM   4   N  N   . GLU A 1 2  ? 5.301   8.734   20.245  1.00   23.05 ? 1    GLU A N   1 
ATOM   5   C  CA  . GLU A 1 2  ? 5.093   9.290   18.906  1.00   24.70 ? 1    GLU A CA  1 
ATOM   6   C  C   . GLU A 1 2  ? 5.946   8.592   17.848  1.00   23.17 ? 1    GLU A C   1 
ATOM   7   O  O   . GLU A 1 2  ? 5.448   8.296   16.760  1.00   23.29 ? 1    GLU A O   1 
ATOM   8   C  CB  . GLU A 1 2  ? 5.310   10.810  18.877  1.00   26.74 ? 1    GLU A CB  1 
ATOM   9   C  CG  . GLU A 1 2  ? 5.061   11.520  17.554  1.00   34.07 ? 1    GLU A CG  1 
ATOM   10  C  CD  . GLU A 1 2  ? 5.252   13.025  17.632  1.00   42.36 ? 1    GLU A CD  1 
ATOM   11  O  OE1 . GLU A 1 2  ? 5.578   13.515  18.736  1.00   45.62 ? 1    GLU A OE1 1 
ATOM   12  O  OE2 . GLU A 1 2  ? 5.086   13.734  16.610  1.00   45.83 ? 1    GLU A OE2 1 
ATOM   13  N  N   . TRP A 1 3  ? 7.080   8.413   17.873  1.00   22.06 ? 2    TRP A N   1 
ATOM   14  C  CA  A TRP A 1 3  ? 7.916   7.598   16.985  0.50   20.67 ? 2    TRP A CA  1 
ATOM   15  C  CA  B TRP A 1 3  ? 7.915   7.598   16.987  0.50   21.03 ? 2    TRP A CA  1 
ATOM   16  C  C   . TRP A 1 3  ? 7.423   6.151   16.996  1.00   19.61 ? 2    TRP A C   1 
ATOM   17  O  O   . TRP A 1 3  ? 7.302   5.505   15.960  1.00   17.69 ? 2    TRP A O   1 
ATOM   18  C  CB  A TRP A 1 3  ? 9.390   7.713   17.388  0.50   21.20 ? 2    TRP A CB  1 
ATOM   19  C  CB  B TRP A 1 3  ? 9.374   7.638   17.443  0.50   22.31 ? 2    TRP A CB  1 
ATOM   20  C  CG  A TRP A 1 3  ? 10.328  6.690   16.813  0.50   22.58 ? 2    TRP A CG  1 
ATOM   21  C  CG  B TRP A 1 3  ? 10.380  7.125   16.456  0.50   23.86 ? 2    TRP A CG  1 
ATOM   22  C  CD1 A TRP A 1 3  ? 11.063  5.768   17.504  0.50   23.94 ? 2    TRP A CD1 1 
ATOM   23  C  CD1 B TRP A 1 3  ? 10.129  6.520   15.260  0.50   27.82 ? 2    TRP A CD1 1 
ATOM   24  C  CD2 A TRP A 1 3  ? 10.630  6.487   15.429  0.50   26.28 ? 2    TRP A CD2 1 
ATOM   25  C  CD2 B TRP A 1 3  ? 11.804  7.151   16.596  0.50   26.28 ? 2    TRP A CD2 1 
ATOM   26  N  NE1 A TRP A 1 3  ? 11.797  4.999   16.630  0.50   26.32 ? 2    TRP A NE1 1 
ATOM   27  N  NE1 B TRP A 1 3  ? 11.310  6.181   14.634  0.50   26.73 ? 2    TRP A NE1 1 
ATOM   28  C  CE2 A TRP A 1 3  ? 11.547  5.419   15.351  0.50   23.52 ? 2    TRP A CE2 1 
ATOM   29  C  CE2 B TRP A 1 3  ? 12.352  6.555   15.440  0.50   27.48 ? 2    TRP A CE2 1 
ATOM   30  C  CE3 A TRP A 1 3  ? 10.200  7.095   14.245  0.50   26.52 ? 2    TRP A CE3 1 
ATOM   31  C  CE3 B TRP A 1 3  ? 12.670  7.627   17.586  0.50   25.37 ? 2    TRP A CE3 1 
ATOM   32  C  CZ2 A TRP A 1 3  ? 12.046  4.954   14.136  0.50   24.57 ? 2    TRP A CZ2 1 
ATOM   33  C  CZ2 B TRP A 1 3  ? 13.727  6.424   15.243  0.50   28.22 ? 2    TRP A CZ2 1 
ATOM   34  C  CZ3 A TRP A 1 3  ? 10.703  6.629   13.042  0.50   23.98 ? 2    TRP A CZ3 1 
ATOM   35  C  CZ3 B TRP A 1 3  ? 14.032  7.488   17.386  0.50   28.27 ? 2    TRP A CZ3 1 
ATOM   36  C  CH2 A TRP A 1 3  ? 11.618  5.574   12.996  0.50   23.74 ? 2    TRP A CH2 1 
ATOM   37  C  CH2 B TRP A 1 3  ? 14.552  6.898   16.223  0.50   25.63 ? 2    TRP A CH2 1 
ATOM   38  N  N   . GLU A 1 4  ? 7.145   5.606   18.175  1.00   18.78 ? 3    GLU A N   1 
ATOM   39  C  CA  . GLU A 1 4  ? 6.626   4.236   18.274  1.00   18.77 ? 3    GLU A CA  1 
ATOM   40  C  C   . GLU A 1 4  ? 5.308   4.091   17.512  1.00   19.52 ? 3    GLU A C   1 
ATOM   41  O  O   . GLU A 1 4  ? 5.103   3.068   16.839  1.00   20.00 ? 3    GLU A O   1 
ATOM   42  C  CB  . GLU A 1 4  ? 6.391   3.892   19.755  1.00   17.72 ? 3    GLU A CB  1 
ATOM   43  C  CG  . GLU A 1 4  ? 7.754   3.881   20.452  1.00   19.66 ? 3    GLU A CG  1 
ATOM   44  C  CD  . GLU A 1 4  ? 8.193   5.202   21.086  1.00   21.70 ? 3    GLU A CD  1 
ATOM   45  O  OE1 . GLU A 1 4  ? 7.772   6.305   20.696  1.00   18.53 ? 3    GLU A OE1 1 
ATOM   46  O  OE2 . GLU A 1 4  ? 8.978   5.168   22.057  1.00   22.81 ? 3    GLU A OE2 1 
ATOM   47  N  N   . ALA A 1 5  ? 4.444   5.102   17.602  1.00   19.62 ? 4    ALA A N   1 
ATOM   48  C  CA  . ALA A 1 5  ? 3.154   5.070   16.892  1.00   18.64 ? 4    ALA A CA  1 
ATOM   49  C  C   . ALA A 1 5  ? 3.345   4.981   15.378  1.00   18.30 ? 4    ALA A C   1 
ATOM   50  O  O   . ALA A 1 5  ? 2.721   4.164   14.685  1.00   18.14 ? 4    ALA A O   1 
ATOM   51  C  CB  . ALA A 1 5  ? 2.296   6.263   17.242  1.00   18.62 ? 4    ALA A CB  1 
ATOM   52  N  N   . LEU A 1 6  ? 4.269   5.795   14.877  1.00   15.29 ? 5    LEU A N   1 
ATOM   53  C  CA  . LEU A 1 6  ? 4.527   5.791   13.440  1.00   14.91 ? 5    LEU A CA  1 
ATOM   54  C  C   . LEU A 1 6  ? 5.099   4.445   13.000  1.00   14.54 ? 5    LEU A C   1 
ATOM   55  O  O   . LEU A 1 6  ? 4.706   3.892   11.965  1.00   13.65 ? 5    LEU A O   1 
ATOM   56  C  CB  . LEU A 1 6  ? 5.437   6.946   13.012  1.00   15.57 ? 5    LEU A CB  1 
ATOM   57  C  CG  . LEU A 1 6  ? 5.769   7.165   11.535  1.00   14.90 ? 5    LEU A CG  1 
ATOM   58  C  CD1 . LEU A 1 6  ? 4.452   7.394   10.795  1.00   17.65 ? 5    LEU A CD1 1 
ATOM   59  C  CD2 . LEU A 1 6  ? 6.758   8.300   11.319  1.00   14.80 ? 5    LEU A CD2 1 
ATOM   60  N  N   . GLU A 1 7  ? 6.030   3.910   13.790  1.00   13.24 ? 6    GLU A N   1 
ATOM   61  C  CA  . GLU A 1 7  ? 6.612   2.614   13.446  1.00   14.42 ? 6    GLU A CA  1 
ATOM   62  C  C   . GLU A 1 7  ? 5.546   1.537   13.390  1.00   14.25 ? 6    GLU A C   1 
ATOM   63  O  O   . GLU A 1 7  ? 5.567   0.727   12.465  1.00   15.48 ? 6    GLU A O   1 
ATOM   64  C  CB  . GLU A 1 7  ? 7.654   2.158   14.465  1.00   14.82 ? 6    GLU A CB  1 
ATOM   65  C  CG  . GLU A 1 7  ? 8.927   2.951   14.385  1.00   17.33 ? 6    GLU A CG  1 
ATOM   66  C  CD  . GLU A 1 7  ? 9.941   2.222   15.237  1.00   21.70 ? 6    GLU A CD  1 
ATOM   67  O  OE1 . GLU A 1 7  ? 9.881   2.436   16.461  1.00   25.91 ? 6    GLU A OE1 1 
ATOM   68  O  OE2 . GLU A 1 7  ? 10.674  1.398   14.654  1.00   30.12 ? 6    GLU A OE2 1 
ATOM   69  N  N   . LYS A 1 8  ? 4.654   1.531   14.375  1.00   15.11 ? 7    LYS A N   1 
ATOM   70  C  CA  . LYS A 1 8  ? 3.563   0.549   14.336  1.00   16.48 ? 7    LYS A CA  1 
ATOM   71  C  C   . LYS A 1 8  ? 2.628   0.772   13.144  1.00   17.16 ? 7    LYS A C   1 
ATOM   72  O  O   . LYS A 1 8  ? 2.167   -0.183  12.492  1.00   17.00 ? 7    LYS A O   1 
ATOM   73  C  CB  . LYS A 1 8  ? 2.777   0.615   15.639  1.00   17.25 ? 7    LYS A CB  1 
ATOM   74  C  CG  . LYS A 1 8  ? 3.561   0.161   16.868  1.00   20.82 ? 7    LYS A CG  1 
ATOM   75  C  CD  . LYS A 1 8  ? 4.207   -1.207  16.776  1.00   24.70 ? 7    LYS A CD  1 
ATOM   76  C  CE  . LYS A 1 8  ? 4.705   -1.493  18.200  1.00   30.31 ? 7    LYS A CE  1 
ATOM   77  N  NZ  . LYS A 1 8  ? 5.377   -2.821  18.220  1.00   27.47 ? 7    LYS A NZ  1 
ATOM   78  N  N   . LYS A 1 9  ? 2.332   2.039   12.874  1.00   15.17 ? 8    LYS A N   1 
ATOM   79  C  CA  . LYS A 1 9  ? 1.553   2.395   11.692  1.00   16.64 ? 8    LYS A CA  1 
ATOM   80  C  C   . LYS A 1 9  ? 2.190   1.832   10.422  1.00   13.56 ? 8    LYS A C   1 
ATOM   81  O  O   . LYS A 1 9  ? 1.497   1.236   9.594   1.00   15.69 ? 8    LYS A O   1 
ATOM   82  C  CB  . LYS A 1 9  ? 1.437   3.908   11.497  1.00   14.69 ? 8    LYS A CB  1 
ATOM   83  C  CG  . LYS A 1 9  ? 0.528   4.376   10.360  1.00   17.76 ? 8    LYS A CG  1 
ATOM   84  C  CD  . LYS A 1 9  ? 0.502   5.913   10.252  1.00   20.25 ? 8    LYS A CD  1 
ATOM   85  C  CE  . LYS A 1 9  ? -0.372  6.414   9.099   1.00   21.43 ? 8    LYS A CE  1 
ATOM   86  N  NZ  . LYS A 1 9  ? -0.713  7.866   9.240   1.00   24.72 ? 8    LYS A NZ  1 
ATOM   87  N  N   . CYS A 1 10 ? 3.471   2.077   10.179  1.00   13.24 ? 9    CYS A N   1 
ATOM   88  C  CA  . CYS A 1 10 ? 4.075   1.626   8.915   1.00   12.25 ? 9    CYS A CA  1 
ATOM   89  C  C   . CYS A 1 10 ? 4.071   0.091   8.910   1.00   13.63 ? 9    CYS A C   1 
ATOM   90  O  O   . CYS A 1 10 ? 3.976   -0.560  7.868   1.00   14.33 ? 9    CYS A O   1 
ATOM   91  C  CB  . CYS A 1 10 ? 5.499   2.179   8.834   1.00   13.20 ? 9    CYS A CB  1 
ATOM   92  S  SG  . CYS A 1 10 ? 5.464   4.005   8.859   1.00   17.73 ? 9    CYS A SG  1 
ATOM   93  N  N   . ALA A 1 11 ? 4.202   -0.540  10.074  1.00   12.94 ? 10   ALA A N   1 
ATOM   94  C  CA  . ALA A 1 11 ? 4.152   -1.999  10.103  1.00   13.89 ? 10   ALA A CA  1 
ATOM   95  C  C   . ALA A 1 11 ? 2.754   -2.488  9.736   1.00   13.52 ? 10   ALA A C   1 
ATOM   96  O  O   . ALA A 1 11 ? 2.587   -3.541  9.094   1.00   15.07 ? 10   ALA A O   1 
ATOM   97  C  CB  . ALA A 1 11 ? 4.630   -2.535  11.469  1.00   14.95 ? 10   ALA A CB  1 
ATOM   98  N  N   . ALA A 1 12 ? 1.731   -1.752  10.148  1.00   13.72 ? 11   ALA A N   1 
ATOM   99  C  CA  . ALA A 1 12 ? 0.349   -2.124  9.834   1.00   15.17 ? 11   ALA A CA  1 
ATOM   100 C  C   . ALA A 1 12 ? 0.167   -1.993  8.325   1.00   14.53 ? 11   ALA A C   1 
ATOM   101 O  O   . ALA A 1 12 ? -0.387  -2.856  7.646   1.00   15.21 ? 11   ALA A O   1 
ATOM   102 C  CB  . ALA A 1 12 ? -0.609  -1.191  10.530  1.00   16.42 ? 11   ALA A CB  1 
ATOM   103 N  N   . LEU A 1 13 ? 0.689   -0.889  7.805   1.00   13.43 ? 12   LEU A N   1 
ATOM   104 C  CA  . LEU A 1 13 ? 0.617   -0.655  6.355   1.00   13.03 ? 12   LEU A CA  1 
ATOM   105 C  C   . LEU A 1 13 ? 1.305   -1.745  5.540   1.00   12.22 ? 12   LEU A C   1 
ATOM   106 O  O   . LEU A 1 13 ? 0.858   -2.182  4.476   1.00   13.23 ? 12   LEU A O   1 
ATOM   107 C  CB  . LEU A 1 13 ? 1.140   0.734   5.990   1.00   12.99 ? 12   LEU A CB  1 
ATOM   108 C  CG  . LEU A 1 13 ? 0.305   1.890   6.546   1.00   15.69 ? 12   LEU A CG  1 
ATOM   109 C  CD1 . LEU A 1 13 ? 1.056   3.188   6.329   1.00   18.57 ? 12   LEU A CD1 1 
ATOM   110 C  CD2 . LEU A 1 13 ? -1.058  1.880   5.836   1.00   19.93 ? 12   LEU A CD2 1 
ATOM   111 N  N   . GLU A 1 14 ? 2.421   -2.244  6.060   1.00   10.46 ? 13   GLU A N   1 
ATOM   112 C  CA  . GLU A 1 14 ? 3.138   -3.290  5.373   1.00   11.51 ? 13   GLU A CA  1 
ATOM   113 C  C   . GLU A 1 14 ? 2.244   -4.533  5.338   1.00   11.89 ? 13   GLU A C   1 
ATOM   114 O  O   . GLU A 1 14 ? 2.206   -5.229  4.330   1.00   13.17 ? 13   GLU A O   1 
ATOM   115 C  CB  . GLU A 1 14 ? 4.435   -3.653  6.088   1.00   13.41 ? 13   GLU A CB  1 
ATOM   116 C  CG  . GLU A 1 14 ? 5.208   -4.653  5.274   1.00   15.74 ? 13   GLU A CG  1 
ATOM   117 C  CD  . GLU A 1 14 ? 6.633   -4.807  5.748   1.00   28.60 ? 13   GLU A CD  1 
ATOM   118 O  OE1 . GLU A 1 14 ? 7.506   -5.060  4.894   1.00   34.06 ? 13   GLU A OE1 1 
ATOM   119 O  OE2 . GLU A 1 14 ? 6.815   -4.686  6.973   1.00   32.92 ? 13   GLU A OE2 1 
ATOM   120 N  N   . SER A 1 15 ? 1.610   -4.845  6.462   1.00   14.42 ? 14   SER A N   1 
ATOM   121 C  CA  . SER A 1 15 ? 0.688   -5.975  6.568   1.00   15.01 ? 14   SER A CA  1 
ATOM   122 C  C   . SER A 1 15 ? -0.445  -5.897  5.551   1.00   14.29 ? 14   SER A C   1 
ATOM   123 O  O   . SER A 1 15 ? -0.711  -6.894  4.860   1.00   14.15 ? 14   SER A O   1 
ATOM   124 C  CB  . SER A 1 15 ? 0.180   -6.133  8.005   1.00   16.83 ? 14   SER A CB  1 
ATOM   125 O  OG  . SER A 1 15 ? 1.286   -6.635  8.729   1.00   22.86 ? 14   SER A OG  1 
ATOM   126 N  N   . LYS A 1 16 ? -1.033  -4.718  5.417   1.00   14.95 ? 15   LYS A N   1 
ATOM   127 C  CA  . LYS A 1 16 ? -2.216  -4.457  4.602   1.00   15.13 ? 15   LYS A CA  1 
ATOM   128 C  C   . LYS A 1 16 ? -1.803  -4.563  3.144   1.00   15.24 ? 15   LYS A C   1 
ATOM   129 O  O   . LYS A 1 16 ? -2.538  -5.046  2.282   1.00   12.03 ? 15   LYS A O   1 
ATOM   130 C  CB  . LYS A 1 16 ? -2.764  -3.055  4.855   1.00   17.79 ? 15   LYS A CB  1 
ATOM   131 C  CG  . LYS A 1 16 ? -3.647  -2.971  6.103   1.00   22.54 ? 15   LYS A CG  1 
ATOM   132 C  CD  . LYS A 1 16 ? -3.678  -1.559  6.688   1.00   28.30 ? 15   LYS A CD  1 
ATOM   133 C  CE  . LYS A 1 16 ? -4.573  -1.437  7.919   1.00   28.81 ? 15   LYS A CE  1 
ATOM   134 N  NZ  . LYS A 1 16 ? -4.337  -0.075  8.478   1.00   34.28 ? 15   LYS A NZ  1 
ATOM   135 N  N   . LEU A 1 17 ? -0.616  -4.089  2.878   1.00   13.12 ? 16   LEU A N   1 
ATOM   136 C  CA  A LEU A 1 17 ? -0.138  -4.084  1.545   0.50   13.38 ? 16   LEU A CA  1 
ATOM   137 C  CA  B LEU A 1 17 ? -0.261  -4.118  1.521   0.0000 13.38 ? 16   LEU A CA  1 
ATOM   138 C  C   . LEU A 1 17 ? 0.122   -5.499  1.103   1.00   13.51 ? 16   LEU A C   1 
ATOM   139 O  O   . LEU A 1 17 ? -0.268  -5.815  0.041   1.00   12.91 ? 16   LEU A O   1 
ATOM   140 C  CB  A LEU A 1 17 ? 1.057   -3.182  1.387   0.50   15.66 ? 16   LEU A CB  1 
ATOM   141 C  CB  B LEU A 1 17 ? 0.929   -3.167  1.373   0.0000 15.66 ? 16   LEU A CB  1 
ATOM   142 C  CG  A LEU A 1 17 ? 1.550   -2.883  -0.004  0.50   20.45 ? 16   LEU A CG  1 
ATOM   143 C  CG  B LEU A 1 17 ? 1.497   -2.974  -0.034  0.0000 20.45 ? 16   LEU A CG  1 
ATOM   144 C  CD1 A LEU A 1 17 ? 2.193   -4.014  -0.586  0.50   32.46 ? 16   LEU A CD1 1 
ATOM   145 C  CD1 B LEU A 1 17 ? 0.460   -2.346  -0.963  0.0000 24.30 ? 16   LEU A CD1 1 
ATOM   146 C  CD2 A LEU A 1 17 ? 0.548   -2.297  -0.919  0.50   24.30 ? 16   LEU A CD2 1 
ATOM   147 C  CD2 B LEU A 1 17 ? 2.638   -1.970  0.140   0.0000 32.46 ? 16   LEU A CD2 1 
ATOM   148 N  N   . GLN A 1 18 ? 0.714   -6.324  1.936   1.00   13.50 ? 17   GLN A N   1 
ATOM   149 C  CA  . GLN A 1 18 ? 0.989   -7.683  1.510   1.00   16.07 ? 17   GLN A CA  1 
ATOM   150 C  C   . GLN A 1 18 ? -0.331  -8.406  1.223   1.00   14.70 ? 17   GLN A C   1 
ATOM   151 O  O   . GLN A 1 18 ? -0.411  -9.119  0.228   1.00   15.46 ? 17   GLN A O   1 
ATOM   152 C  CB  . GLN A 1 18 ? 1.859   -8.390  2.545   1.00   16.39 ? 17   GLN A CB  1 
ATOM   153 C  CG  . GLN A 1 18 ? 3.249   -7.782  2.767   1.00   23.93 ? 17   GLN A CG  1 
ATOM   154 C  CD  . GLN A 1 18 ? 3.906   -6.890  1.707   1.00   32.42 ? 17   GLN A CD  1 
ATOM   155 O  OE1 . GLN A 1 18 ? 4.379   -7.319  0.650   1.00   33.73 ? 17   GLN A OE1 1 
ATOM   156 N  NE2 . GLN A 1 18 ? 4.006   -5.601  2.028   1.00   34.73 ? 17   GLN A NE2 1 
ATOM   157 N  N   . ALA A 1 19 ? -1.346  -8.168  2.042   1.00   14.74 ? 18   ALA A N   1 
ATOM   158 C  CA  . ALA A 1 19 ? -2.708  -8.699  1.878   1.00   13.65 ? 18   ALA A CA  1 
ATOM   159 C  C   . ALA A 1 19 ? -3.280  -8.284  0.522   1.00   13.85 ? 18   ALA A C   1 
ATOM   160 O  O   . ALA A 1 19 ? -3.792  -9.116  -0.219  1.00   13.52 ? 18   ALA A O   1 
ATOM   161 C  CB  . ALA A 1 19 ? -3.629  -8.250  3.009   1.00   16.49 ? 18   ALA A CB  1 
ATOM   162 N  N   . LEU A 1 20 ? -3.179  -7.000  0.196   1.00   12.70 ? 19   LEU A N   1 
ATOM   163 C  CA  . LEU A 1 20 ? -3.667  -6.497  -1.089  1.00   12.92 ? 19   LEU A CA  1 
ATOM   164 C  C   . LEU A 1 20 ? -2.933  -7.166  -2.253  1.00   11.71 ? 19   LEU A C   1 
ATOM   165 O  O   . LEU A 1 20 ? -3.600  -7.477  -3.248  1.00   10.41 ? 19   LEU A O   1 
ATOM   166 C  CB  . LEU A 1 20 ? -3.451  -4.990  -1.227  1.00   13.63 ? 19   LEU A CB  1 
ATOM   167 C  CG  . LEU A 1 20 ? -4.422  -4.106  -2.007  1.00   18.07 ? 19   LEU A CG  1 
ATOM   168 C  CD1 . LEU A 1 20 ? -3.796  -2.795  -2.479  1.00   26.17 ? 19   LEU A CD1 1 
ATOM   169 C  CD2 . LEU A 1 20 ? -4.977  -4.929  -3.157  1.00   25.26 ? 19   LEU A CD2 1 
ATOM   170 N  N   . GLU A 1 21 ? -1.614  -7.341  -2.142  1.00   11.77 ? 20   GLU A N   1 
ATOM   171 C  CA  . GLU A 1 21 ? -0.836  -7.921  -3.238  1.00   11.43 ? 20   GLU A CA  1 
ATOM   172 C  C   . GLU A 1 21 ? -1.341  -9.334  -3.532  1.00   10.93 ? 20   GLU A C   1 
ATOM   173 O  O   . GLU A 1 21 ? -1.463  -9.754  -4.686  1.00   10.85 ? 20   GLU A O   1 
ATOM   174 C  CB  . GLU A 1 21 ? 0.661   -7.971  -2.898  1.00   10.87 ? 20   GLU A CB  1 
ATOM   175 C  CG  . GLU A 1 21 ? 1.315   -6.588  -2.758  1.00   11.62 ? 20   GLU A CG  1 
ATOM   176 C  CD  . GLU A 1 21 ? 2.749   -6.636  -2.254  1.00   12.80 ? 20   GLU A CD  1 
ATOM   177 O  OE1 . GLU A 1 21 ? 2.991   -7.398  -1.295  1.00   16.95 ? 20   GLU A OE1 1 
ATOM   178 O  OE2 . GLU A 1 21 ? 3.644   -5.907  -2.739  1.00   16.28 ? 20   GLU A OE2 1 
ATOM   179 N  N   . LYS A 1 22 ? -1.589  -10.078 -2.458  1.00   10.49 ? 21   LYS A N   1 
ATOM   180 C  CA  . LYS A 1 22 ? -2.086  -11.444 -2.600  1.00   10.28 ? 21   LYS A CA  1 
ATOM   181 C  C   . LYS A 1 22 ? -3.489  -11.453 -3.197  1.00   9.68  ? 21   LYS A C   1 
ATOM   182 O  O   . LYS A 1 22 ? -3.739  -12.300 -4.047  1.00   8.51  ? 21   LYS A O   1 
ATOM   183 C  CB  . LYS A 1 22 ? -2.114  -12.191 -1.270  1.00   11.01 ? 21   LYS A CB  1 
ATOM   184 C  CG  . LYS A 1 22 ? -0.726  -12.223 -0.617  1.00   16.97 ? 21   LYS A CG  1 
ATOM   185 C  CD  . LYS A 1 22 ? 0.301   -13.001 -1.388  1.00   21.32 ? 21   LYS A CD  1 
ATOM   186 C  CE  . LYS A 1 22 ? 1.568   -13.182 -0.553  1.00   29.42 ? 21   LYS A CE  1 
ATOM   187 N  NZ  . LYS A 1 22 ? 2.397   -11.939 -0.604  1.00   35.24 ? 21   LYS A NZ  1 
ATOM   188 N  N   . LYS A 1 23 ? -4.388  -10.614 -2.697  1.00   10.13 ? 22   LYS A N   1 
ATOM   189 C  CA  A LYS A 1 23 ? -5.735  -10.483 -3.266  0.50   11.41 ? 22   LYS A CA  1 
ATOM   190 C  CA  B LYS A 1 23 ? -5.736  -10.546 -3.278  0.50   11.32 ? 22   LYS A CA  1 
ATOM   191 C  C   . LYS A 1 23 ? -5.727  -10.135 -4.752  1.00   11.51 ? 22   LYS A C   1 
ATOM   192 O  O   . LYS A 1 23 ? -6.479  -10.701 -5.533  1.00   11.77 ? 22   LYS A O   1 
ATOM   193 C  CB  A LYS A 1 23 ? -6.562  -9.444  -2.508  0.50   12.13 ? 22   LYS A CB  1 
ATOM   194 C  CB  B LYS A 1 23 ? -6.737  -9.719  -2.464  0.50   12.15 ? 22   LYS A CB  1 
ATOM   195 C  CG  A LYS A 1 23 ? -6.653  -9.809  -1.033  0.50   16.11 ? 22   LYS A CG  1 
ATOM   196 C  CG  B LYS A 1 23 ? -7.066  -10.372 -1.120  0.50   14.95 ? 22   LYS A CG  1 
ATOM   197 C  CD  A LYS A 1 23 ? -7.417  -8.753  -0.272  0.50   17.86 ? 22   LYS A CD  1 
ATOM   198 C  CD  B LYS A 1 23 ? -5.730  -10.678 -0.474  0.50   15.23 ? 22   LYS A CD  1 
ATOM   199 C  CE  A LYS A 1 23 ? -7.111  -8.842  1.209   0.50   21.84 ? 22   LYS A CE  1 
ATOM   200 C  CE  B LYS A 1 23 ? -5.691  -10.983 1.004   0.50   10.19 ? 22   LYS A CE  1 
ATOM   201 N  NZ  A LYS A 1 23 ? -7.427  -7.504  1.765   0.50   22.04 ? 22   LYS A NZ  1 
ATOM   202 N  NZ  B LYS A 1 23 ? -4.333  -11.588 1.115   0.50   12.15 ? 22   LYS A NZ  1 
ATOM   203 N  N   . LEU A 1 24 ? -4.843  -9.237  -5.173  1.00   9.83  ? 23   LEU A N   1 
ATOM   204 C  CA  . LEU A 1 24 ? -4.753  -8.833  -6.566  1.00   9.49  ? 23   LEU A CA  1 
ATOM   205 C  C   . LEU A 1 24 ? -4.180  -10.000 -7.371  1.00   9.98  ? 23   LEU A C   1 
ATOM   206 O  O   . LEU A 1 24 ? -4.699  -10.236 -8.463  1.00   11.39 ? 23   LEU A O   1 
ATOM   207 C  CB  . LEU A 1 24 ? -3.897  -7.568  -6.715  1.00   11.46 ? 23   LEU A CB  1 
ATOM   208 C  CG  . LEU A 1 24 ? -4.450  -6.156  -6.570  1.00   19.25 ? 23   LEU A CG  1 
ATOM   209 C  CD1 . LEU A 1 24 ? -3.239  -5.226  -6.707  1.00   21.65 ? 23   LEU A CD1 1 
ATOM   210 C  CD2 . LEU A 1 24 ? -5.434  -5.898  -7.734  1.00   22.17 ? 23   LEU A CD2 1 
ATOM   211 N  N   . GLU A 1 25 ? -3.245  -10.777 -6.832  1.00   7.88  ? 24   GLU A N   1 
ATOM   212 C  CA  . GLU A 1 25 ? -2.750  -11.959 -7.539  1.00   10.02 ? 24   GLU A CA  1 
ATOM   213 C  C   . GLU A 1 25 ? -3.912  -12.937 -7.789  1.00   8.79  ? 24   GLU A C   1 
ATOM   214 O  O   . GLU A 1 25 ? -4.028  -13.562 -8.847  1.00   8.60  ? 24   GLU A O   1 
ATOM   215 C  CB  . GLU A 1 25 ? -1.689  -12.671 -6.700  1.00   10.99 ? 24   GLU A CB  1 
ATOM   216 C  CG  . GLU A 1 25 ? -0.967  -13.779 -7.471  1.00   11.22 ? 24   GLU A CG  1 
ATOM   217 C  CD  . GLU A 1 25 ? 0.046   -13.276 -8.490  1.00   11.39 ? 24   GLU A CD  1 
ATOM   218 O  OE1 . GLU A 1 25 ? 0.473   -12.098 -8.413  1.00   8.27  ? 24   GLU A OE1 1 
ATOM   219 O  OE2 . GLU A 1 25 ? 0.448   -14.056 -9.395  1.00   12.75 ? 24   GLU A OE2 1 
ATOM   220 N  N   . ALA A 1 26 ? -4.731  -13.177 -6.772  1.00   8.29  ? 25   ALA A N   1 
ATOM   221 C  CA  . ALA A 1 26 ? -5.925  -14.000 -6.995  1.00   9.92  ? 25   ALA A CA  1 
ATOM   222 C  C   . ALA A 1 26 ? -6.846  -13.465 -8.092  1.00   11.32 ? 25   ALA A C   1 
ATOM   223 O  O   . ALA A 1 26 ? -7.274  -14.226 -8.974  1.00   12.62 ? 25   ALA A O   1 
ATOM   224 C  CB  . ALA A 1 26 ? -6.755  -14.101 -5.713  1.00   10.18 ? 25   ALA A CB  1 
ATOM   225 N  N   . LEU A 1 27 ? -7.168  -12.174 -8.023  1.00   10.88 ? 26   LEU A N   1 
ATOM   226 C  CA  A LEU A 1 27 ? -8.133  -11.597 -8.959  0.50   11.12 ? 26   LEU A CA  1 
ATOM   227 C  CA  B LEU A 1 27 ? -8.145  -11.620 -8.961  0.50   12.31 ? 26   LEU A CA  1 
ATOM   228 C  C   . LEU A 1 27 ? -7.576  -11.617 -10.378 1.00   12.98 ? 26   LEU A C   1 
ATOM   229 O  O   . LEU A 1 27 ? -8.323  -11.774 -11.346 1.00   13.14 ? 26   LEU A O   1 
ATOM   230 C  CB  A LEU A 1 27 ? -8.457  -10.146 -8.614  0.50   11.05 ? 26   LEU A CB  1 
ATOM   231 C  CB  B LEU A 1 27 ? -8.583  -10.201 -8.602  0.50   12.48 ? 26   LEU A CB  1 
ATOM   232 C  CG  A LEU A 1 27 ? -9.328  -9.983  -7.370  0.50   11.18 ? 26   LEU A CG  1 
ATOM   233 C  CG  B LEU A 1 27 ? -9.667  -9.611  -9.508  0.50   14.10 ? 26   LEU A CG  1 
ATOM   234 C  CD1 A LEU A 1 27 ? -9.480  -8.538  -6.961  0.50   10.24 ? 26   LEU A CD1 1 
ATOM   235 C  CD1 B LEU A 1 27 ? -10.975 -10.375 -9.389  0.50   18.12 ? 26   LEU A CD1 1 
ATOM   236 C  CD2 A LEU A 1 27 ? -10.709 -10.630 -7.553  0.50   5.57  ? 26   LEU A CD2 1 
ATOM   237 C  CD2 B LEU A 1 27 ? -9.868  -8.131  -9.199  0.50   15.35 ? 26   LEU A CD2 1 
ATOM   238 N  N   . GLU A 1 28 ? -6.268  -11.398 -10.474 1.00   11.37 ? 27   GLU A N   1 
ATOM   239 C  CA  . GLU A 1 28 ? -5.604  -11.508 -11.771 1.00   13.08 ? 27   GLU A CA  1 
ATOM   240 C  C   . GLU A 1 28 ? -5.934  -12.822 -12.468 1.00   13.29 ? 27   GLU A C   1 
ATOM   241 O  O   . GLU A 1 28 ? -5.899  -12.902 -13.706 1.00   14.56 ? 27   GLU A O   1 
ATOM   242 C  CB  . GLU A 1 28 ? -4.096  -11.499 -11.488 1.00   14.32 ? 27   GLU A CB  1 
ATOM   243 C  CG  . GLU A 1 28 ? -3.216  -11.516 -12.709 1.00   17.23 ? 27   GLU A CG  1 
ATOM   244 C  CD  . GLU A 1 28 ? -1.769  -11.621 -12.278 1.00   20.45 ? 27   GLU A CD  1 
ATOM   245 O  OE1 . GLU A 1 28 ? -0.985  -11.987 -13.164 1.00   23.94 ? 27   GLU A OE1 1 
ATOM   246 O  OE2 . GLU A 1 28 ? -1.405  -11.362 -11.107 1.00   26.67 ? 27   GLU A OE2 1 
ATOM   247 N  N   . HIS A 1 29 ? -6.109  -13.855 -11.653 1.00   11.54 ? 28   HIS A N   1 
ATOM   248 C  CA  . HIS A 1 29 ? -6.274  -15.210 -12.174 1.00   14.50 ? 28   HIS A CA  1 
ATOM   249 C  C   . HIS A 1 29 ? -7.743  -15.615 -12.088 1.00   16.52 ? 28   HIS A C   1 
ATOM   250 O  O   . HIS A 1 29 ? -8.057  -16.807 -12.070 1.00   17.71 ? 28   HIS A O   1 
ATOM   251 C  CB  . HIS A 1 29 ? -5.358  -16.223 -11.491 1.00   12.82 ? 28   HIS A CB  1 
ATOM   252 C  CG  . HIS A 1 29 ? -3.910  -15.931 -11.733 1.00   14.34 ? 28   HIS A CG  1 
ATOM   253 N  ND1 . HIS A 1 29 ? -3.214  -14.996 -10.995 1.00   13.84 ? 28   HIS A ND1 1 
ATOM   254 C  CD2 . HIS A 1 29 ? -3.042  -16.410 -12.653 1.00   15.65 ? 28   HIS A CD2 1 
ATOM   255 C  CE1 . HIS A 1 29 ? -1.962  -14.945 -11.427 1.00   11.84 ? 28   HIS A CE1 1 
ATOM   256 N  NE2 . HIS A 1 29 ? -1.829  -15.801 -12.422 1.00   13.66 ? 28   HIS A NE2 1 
ATOM   257 N  N   . GLY A 1 30 ? -8.604  -14.608 -12.013 1.00   18.95 ? 29   GLY A N   1 
ATOM   258 C  CA  . GLY A 1 30 ? -10.038 -14.878 -12.101 1.00   20.82 ? 29   GLY A CA  1 
ATOM   259 C  C   . GLY A 1 30 ? -10.707 -14.860 -10.737 1.00   21.88 ? 29   GLY A C   1 
ATOM   260 O  O   . GLY A 1 30 ? -11.861 -14.419 -10.640 1.00   21.52 ? 29   GLY A O   1 
HETATM 261 N  N   . NH2 A 1 31 ? -10.031 -14.685 -9.532  1.00   17.47 ? 30   NH2 A N   1 
HETATM 262 C  C   . ACE B 1 1  ? 18.495  3.443   12.057  1.00   17.45 ? 0    ACE B C   1 
HETATM 263 O  O   . ACE B 1 1  ? 17.877  3.199   11.013  1.00   13.99 ? 0    ACE B O   1 
HETATM 264 C  CH3 . ACE B 1 1  ? 19.995  3.578   12.054  1.00   13.88 ? 0    ACE B CH3 1 
ATOM   265 N  N   . GLU B 1 2  ? 17.897  3.844   13.174  1.00   15.38 ? 1    GLU B N   1 
ATOM   266 C  CA  . GLU B 1 2  ? 16.461  3.631   13.310  1.00   19.74 ? 1    GLU B CA  1 
ATOM   267 C  C   . GLU B 1 2  ? 15.655  4.492   12.326  1.00   17.06 ? 1    GLU B C   1 
ATOM   268 O  O   . GLU B 1 2  ? 14.741  4.061   11.603  1.00   16.05 ? 1    GLU B O   1 
ATOM   269 C  CB  . GLU B 1 2  ? 15.999  3.887   14.747  1.00   20.22 ? 1    GLU B CB  1 
ATOM   270 C  CG  . GLU B 1 2  ? 14.595  3.285   14.703  1.00   29.84 ? 1    GLU B CG  1 
ATOM   271 C  CD  . GLU B 1 2  ? 14.236  2.341   15.821  1.00   33.43 ? 1    GLU B CD  1 
ATOM   272 O  OE1 . GLU B 1 2  ? 14.820  2.469   16.912  1.00   35.78 ? 1    GLU B OE1 1 
ATOM   273 O  OE2 . GLU B 1 2  ? 13.360  1.477   15.596  1.00   41.02 ? 1    GLU B OE2 1 
ATOM   274 N  N   . TRP B 1 3  ? 16.036  5.758   12.282  1.00   14.33 ? 2    TRP B N   1 
ATOM   275 C  CA  . TRP B 1 3  ? 15.275  6.649   11.424  1.00   14.54 ? 2    TRP B CA  1 
ATOM   276 C  C   . TRP B 1 3  ? 15.465  6.309   9.953   1.00   12.66 ? 2    TRP B C   1 
ATOM   277 O  O   . TRP B 1 3  ? 14.512  6.223   9.186   1.00   11.43 ? 2    TRP B O   1 
ATOM   278 C  CB  . TRP B 1 3  ? 15.683  8.098   11.662  1.00   17.28 ? 2    TRP B CB  1 
ATOM   279 C  CG  . TRP B 1 3  ? 14.842  8.993   10.815  1.00   20.58 ? 2    TRP B CG  1 
ATOM   280 C  CD1 . TRP B 1 3  ? 15.203  9.588   9.646   1.00   24.18 ? 2    TRP B CD1 1 
ATOM   281 C  CD2 . TRP B 1 3  ? 13.467  9.341   11.046  1.00   23.77 ? 2    TRP B CD2 1 
ATOM   282 N  NE1 . TRP B 1 3  ? 14.146  10.317  9.156   1.00   24.92 ? 2    TRP B NE1 1 
ATOM   283 C  CE2 . TRP B 1 3  ? 13.083  10.212  10.011  1.00   21.45 ? 2    TRP B CE2 1 
ATOM   284 C  CE3 . TRP B 1 3  ? 12.534  9.014   12.037  1.00   26.92 ? 2    TRP B CE3 1 
ATOM   285 C  CZ2 . TRP B 1 3  ? 11.797  10.720  9.897   1.00   23.05 ? 2    TRP B CZ2 1 
ATOM   286 C  CZ3 . TRP B 1 3  ? 11.257  9.550   11.943  1.00   26.79 ? 2    TRP B CZ3 1 
ATOM   287 C  CH2 . TRP B 1 3  ? 10.907  10.403  10.886  1.00   24.19 ? 2    TRP B CH2 1 
ATOM   288 N  N   . GLU B 1 4  ? 16.715  6.112   9.555   1.00   11.81 ? 3    GLU B N   1 
ATOM   289 C  CA  . GLU B 1 4  ? 17.040  5.696   8.186   1.00   11.40 ? 3    GLU B CA  1 
ATOM   290 C  C   . GLU B 1 4  ? 16.358  4.382   7.751   1.00   10.95 ? 3    GLU B C   1 
ATOM   291 O  O   . GLU B 1 4  ? 15.889  4.252   6.616   1.00   12.20 ? 3    GLU B O   1 
ATOM   292 C  CB  . GLU B 1 4  ? 18.553  5.559   8.098   1.00   10.54 ? 3    GLU B CB  1 
ATOM   293 C  CG  . GLU B 1 4  ? 19.245  6.909   8.310   1.00   10.85 ? 3    GLU B CG  1 
ATOM   294 C  CD  . GLU B 1 4  ? 19.580  7.264   9.762   1.00   12.56 ? 3    GLU B CD  1 
ATOM   295 O  OE1 . GLU B 1 4  ? 20.128  8.370   10.018  1.00   15.24 ? 3    GLU B OE1 1 
ATOM   296 O  OE2 . GLU B 1 4  ? 19.248  6.523   10.705  1.00   13.20 ? 3    GLU B OE2 1 
ATOM   297 N  N   . ALA B 1 5  ? 16.256  3.418   8.657   1.00   11.26 ? 4    ALA B N   1 
ATOM   298 C  CA  . ALA B 1 5  ? 15.617  2.140   8.337   1.00   11.84 ? 4    ALA B CA  1 
ATOM   299 C  C   . ALA B 1 5  ? 14.116  2.359   8.145   1.00   11.82 ? 4    ALA B C   1 
ATOM   300 O  O   . ALA B 1 5  ? 13.500  1.733   7.273   1.00   11.12 ? 4    ALA B O   1 
ATOM   301 C  CB  . ALA B 1 5  ? 15.779  1.209   9.532   1.00   12.57 ? 4    ALA B CB  1 
ATOM   302 N  N   . LEU B 1 6  ? 13.535  3.268   8.930   1.00   10.61 ? 5    LEU B N   1 
ATOM   303 C  CA  . LEU B 1 6  ? 12.086  3.502   8.742   1.00   12.05 ? 5    LEU B CA  1 
ATOM   304 C  C   . LEU B 1 6  ? 11.856  4.271   7.443   1.00   11.31 ? 5    LEU B C   1 
ATOM   305 O  O   . LEU B 1 6  ? 10.869  3.998   6.748   1.00   12.05 ? 5    LEU B O   1 
ATOM   306 C  CB  . LEU B 1 6  ? 11.544  4.359   9.893   1.00   11.30 ? 5    LEU B CB  1 
ATOM   307 C  CG  . LEU B 1 6  ? 10.106  4.200   10.416  1.00   17.16 ? 5    LEU B CG  1 
ATOM   308 C  CD1 . LEU B 1 6  ? 9.512   5.480   11.016  1.00   19.50 ? 5    LEU B CD1 1 
ATOM   309 C  CD2 . LEU B 1 6  ? 9.176   3.282   9.656   1.00   17.04 ? 5    LEU B CD2 1 
ATOM   310 N  N   . GLU B 1 7  ? 12.729  5.211   7.073   1.00   10.61 ? 6    GLU B N   1 
ATOM   311 C  CA  . GLU B 1 7  ? 12.588  5.912   5.804   1.00   10.93 ? 6    GLU B CA  1 
ATOM   312 C  C   . GLU B 1 7  ? 12.722  4.927   4.627   1.00   13.53 ? 6    GLU B C   1 
ATOM   313 O  O   . GLU B 1 7  ? 11.950  4.959   3.647   1.00   13.50 ? 6    GLU B O   1 
ATOM   314 C  CB  . GLU B 1 7  ? 13.624  7.045   5.711   1.00   13.36 ? 6    GLU B CB  1 
ATOM   315 C  CG  . GLU B 1 7  ? 13.238  8.198   6.632   1.00   16.36 ? 6    GLU B CG  1 
ATOM   316 C  CD  . GLU B 1 7  ? 13.913  9.488   6.229   1.00   31.07 ? 6    GLU B CD  1 
ATOM   317 O  OE1 . GLU B 1 7  ? 13.306  10.562  6.442   1.00   38.03 ? 6    GLU B OE1 1 
ATOM   318 O  OE2 . GLU B 1 7  ? 15.026  9.369   5.675   1.00   30.10 ? 6    GLU B OE2 1 
ATOM   319 N  N   . LYS B 1 8  ? 13.626  3.967   4.772   1.00   12.00 ? 7    LYS B N   1 
ATOM   320 C  CA  A LYS B 1 8  ? 13.848  2.949   3.741   0.50   13.51 ? 7    LYS B CA  1 
ATOM   321 C  CA  B LYS B 1 8  ? 13.809  3.010   3.679   0.50   13.55 ? 7    LYS B CA  1 
ATOM   322 C  C   . LYS B 1 8  ? 12.579  2.101   3.581   1.00   13.58 ? 7    LYS B C   1 
ATOM   323 O  O   . LYS B 1 8  ? 12.102  1.842   2.471   1.00   12.56 ? 7    LYS B O   1 
ATOM   324 C  CB  A LYS B 1 8  ? 15.020  2.042   4.126   0.50   12.86 ? 7    LYS B CB  1 
ATOM   325 C  CB  B LYS B 1 8  ? 15.076  2.164   3.805   0.50   13.47 ? 7    LYS B CB  1 
ATOM   326 C  CG  A LYS B 1 8  ? 15.318  0.922   3.127   0.50   12.17 ? 7    LYS B CG  1 
ATOM   327 C  CG  B LYS B 1 8  ? 15.246  1.298   2.552   0.50   14.31 ? 7    LYS B CG  1 
ATOM   328 C  CD  A LYS B 1 8  ? 16.285  -0.121  3.667   0.50   14.95 ? 7    LYS B CD  1 
ATOM   329 C  CD  B LYS B 1 8  ? 16.359  0.279   2.672   0.50   16.67 ? 7    LYS B CD  1 
ATOM   330 C  CE  A LYS B 1 8  ? 16.938  -1.003  2.609   0.50   15.53 ? 7    LYS B CE  1 
ATOM   331 C  CE  B LYS B 1 8  ? 16.444  -0.657  1.473   0.50   16.41 ? 7    LYS B CE  1 
ATOM   332 N  NZ  A LYS B 1 8  ? 17.460  -0.236  1.433   0.50   20.58 ? 7    LYS B NZ  1 
ATOM   333 N  NZ  B LYS B 1 8  ? 17.590  -1.536  1.857   0.50   21.02 ? 7    LYS B NZ  1 
ATOM   334 N  N   . LYS B 1 9  ? 12.030  1.681   4.715   1.00   11.35 ? 8    LYS B N   1 
ATOM   335 C  CA  . LYS B 1 9  ? 10.795  0.877   4.712   1.00   12.84 ? 8    LYS B CA  1 
ATOM   336 C  C   . LYS B 1 9  ? 9.623   1.608   4.044   1.00   12.05 ? 8    LYS B C   1 
ATOM   337 O  O   . LYS B 1 9  ? 8.971   1.039   3.170   1.00   12.75 ? 8    LYS B O   1 
ATOM   338 C  CB  . LYS B 1 9  ? 10.414  0.468   6.141   1.00   12.49 ? 8    LYS B CB  1 
ATOM   339 C  CG  . LYS B 1 9  ? 9.173   -0.408  6.289   1.00   13.38 ? 8    LYS B CG  1 
ATOM   340 C  CD  . LYS B 1 9  ? 8.923   -0.853  7.736   1.00   17.82 ? 8    LYS B CD  1 
ATOM   341 C  CE  . LYS B 1 9  ? 7.673   -1.717  7.748   1.00   25.87 ? 8    LYS B CE  1 
ATOM   342 N  NZ  . LYS B 1 9  ? 7.856   -2.698  8.856   1.00   29.34 ? 8    LYS B NZ  1 
ATOM   343 N  N   . CYS B 1 10 ? 9.375   2.861   4.419   1.00   9.65  ? 9    CYS B N   1 
ATOM   344 C  CA  . CYS B 1 10 ? 8.240   3.630   3.897   1.00   12.52 ? 9    CYS B CA  1 
ATOM   345 C  C   . CYS B 1 10 ? 8.452   3.864   2.403   1.00   12.62 ? 9    CYS B C   1 
ATOM   346 O  O   . CYS B 1 10 ? 7.508   3.839   1.599   1.00   11.82 ? 9    CYS B O   1 
ATOM   347 C  CB  . CYS B 1 10 ? 8.019   4.901   4.720   1.00   13.02 ? 9    CYS B CB  1 
ATOM   348 S  SG  . CYS B 1 10 ? 7.701   4.540   6.481   1.00   16.21 ? 9    CYS B SG  1 
ATOM   349 N  N   . ALA B 1 11 ? 9.705   4.079   2.001   1.00   13.23 ? 10   ALA B N   1 
ATOM   350 C  CA  . ALA B 1 11 ? 10.022  4.157   0.576   1.00   12.99 ? 10   ALA B CA  1 
ATOM   351 C  C   . ALA B 1 11 ? 9.746   2.856   -0.172  1.00   13.33 ? 10   ALA B C   1 
ATOM   352 O  O   . ALA B 1 11 ? 9.279   2.891   -1.317  1.00   13.47 ? 10   ALA B O   1 
ATOM   353 C  CB  . ALA B 1 11 ? 11.484  4.591   0.316   1.00   14.18 ? 10   ALA B CB  1 
ATOM   354 N  N   . ALA B 1 12 ? 10.086  1.720   0.427   1.00   12.50 ? 11   ALA B N   1 
ATOM   355 C  CA  . ALA B 1 12 ? 9.811   0.437   -0.208  1.00   14.33 ? 11   ALA B CA  1 
ATOM   356 C  C   . ALA B 1 12 ? 8.291   0.256   -0.288  1.00   12.68 ? 11   ALA B C   1 
ATOM   357 O  O   . ALA B 1 12 ? 7.767   -0.235  -1.286  1.00   11.13 ? 11   ALA B O   1 
ATOM   358 C  CB  . ALA B 1 12 ? 10.411  -0.706  0.579   1.00   16.13 ? 11   ALA B CB  1 
ATOM   359 N  N   . LEU B 1 13 ? 7.576   0.602   0.778   1.00   11.04 ? 12   LEU B N   1 
ATOM   360 C  CA  . LEU B 1 13 ? 6.108   0.562   0.688   1.00   10.97 ? 12   LEU B CA  1 
ATOM   361 C  C   . LEU B 1 13 ? 5.514   1.425   -0.423  1.00   11.29 ? 12   LEU B C   1 
ATOM   362 O  O   . LEU B 1 13 ? 4.626   0.957   -1.120  1.00   10.38 ? 12   LEU B O   1 
ATOM   363 C  CB  . LEU B 1 13 ? 5.485   0.935   2.028   1.00   10.69 ? 12   LEU B CB  1 
ATOM   364 C  CG  . LEU B 1 13 ? 5.814   0.024   3.224   1.00   11.52 ? 12   LEU B CG  1 
ATOM   365 C  CD1 . LEU B 1 13 ? 5.188   0.561   4.522   1.00   11.34 ? 12   LEU B CD1 1 
ATOM   366 C  CD2 . LEU B 1 13 ? 5.291   -1.371  2.932   1.00   17.26 ? 12   LEU B CD2 1 
ATOM   367 N  N   . GLU B 1 14 ? 6.026   2.636   -0.631  1.00   9.92  ? 13   GLU B N   1 
ATOM   368 C  CA  . GLU B 1 14 ? 5.569   3.520   -1.702  1.00   12.53 ? 13   GLU B CA  1 
ATOM   369 C  C   . GLU B 1 14 ? 5.843   2.804   -3.019  1.00   13.01 ? 13   GLU B C   1 
ATOM   370 O  O   . GLU B 1 14 ? 4.955   2.794   -3.866  1.00   13.92 ? 13   GLU B O   1 
ATOM   371 C  CB  . GLU B 1 14 ? 6.384   4.817   -1.736  1.00   13.63 ? 13   GLU B CB  1 
ATOM   372 C  CG  . GLU B 1 14 ? 5.807   5.794   -2.750  1.00   16.39 ? 13   GLU B CG  1 
ATOM   373 C  CD  . GLU B 1 14 ? 6.174   7.247   -2.508  1.00   26.03 ? 13   GLU B CD  1 
ATOM   374 O  OE1 . GLU B 1 14 ? 5.742   8.087   -3.325  1.00   34.96 ? 13   GLU B OE1 1 
ATOM   375 O  OE2 . GLU B 1 14 ? 6.872   7.533   -1.511  1.00   28.07 ? 13   GLU B OE2 1 
ATOM   376 N  N   . SER B 1 15 ? 7.035   2.245   -3.202  1.00   13.44 ? 14   SER B N   1 
ATOM   377 C  CA  . SER B 1 15 ? 7.317   1.553   -4.468  1.00   16.50 ? 14   SER B CA  1 
ATOM   378 C  C   . SER B 1 15 ? 6.363   0.399   -4.755  1.00   15.80 ? 14   SER B C   1 
ATOM   379 O  O   . SER B 1 15 ? 5.859   0.284   -5.879  1.00   15.98 ? 14   SER B O   1 
ATOM   380 C  CB  . SER B 1 15 ? 8.736   1.014   -4.596  1.00   16.82 ? 14   SER B CB  1 
ATOM   381 O  OG  . SER B 1 15 ? 9.577   2.136   -4.739  1.00   24.75 ? 14   SER B OG  1 
ATOM   382 N  N   . LYS B 1 16 ? 6.126   -0.427  -3.736  1.00   14.63 ? 15   LYS B N   1 
ATOM   383 C  CA  . LYS B 1 16 ? 5.208   -1.563  -3.822  1.00   14.64 ? 15   LYS B CA  1 
ATOM   384 C  C   . LYS B 1 16 ? 3.776   -1.089  -4.120  1.00   12.35 ? 15   LYS B C   1 
ATOM   385 O  O   . LYS B 1 16 ? 3.067   -1.680  -4.954  1.00   10.40 ? 15   LYS B O   1 
ATOM   386 C  CB  . LYS B 1 16 ? 5.238   -2.381  -2.525  1.00   15.07 ? 15   LYS B CB  1 
ATOM   387 C  CG  . LYS B 1 16 ? 6.488   -3.249  -2.428  1.00   18.10 ? 15   LYS B CG  1 
ATOM   388 C  CD  . LYS B 1 16 ? 6.693   -3.951  -1.098  1.00   21.01 ? 15   LYS B CD  1 
ATOM   389 C  CE  . LYS B 1 16 ? 8.086   -4.568  -1.034  1.00   25.95 ? 15   LYS B CE  1 
ATOM   390 N  NZ  . LYS B 1 16 ? 8.087   -6.021  -1.380  1.00   31.61 ? 15   LYS B NZ  1 
ATOM   391 N  N   . LEU B 1 17 ? 3.351   0.008   -3.490  1.00   11.81 ? 16   LEU B N   1 
ATOM   392 C  CA  . LEU B 1 17 ? 2.000   0.490   -3.746  1.00   12.56 ? 16   LEU B CA  1 
ATOM   393 C  C   . LEU B 1 17 ? 1.879   1.003   -5.181  1.00   13.40 ? 16   LEU B C   1 
ATOM   394 O  O   . LEU B 1 17 ? 0.852   0.780   -5.804  1.00   10.96 ? 16   LEU B O   1 
ATOM   395 C  CB  . LEU B 1 17 ? 1.673   1.626   -2.786  1.00   12.88 ? 16   LEU B CB  1 
ATOM   396 C  CG  . LEU B 1 17 ? 0.246   2.110   -2.559  1.00   22.23 ? 16   LEU B CG  1 
ATOM   397 C  CD1 . LEU B 1 17 ? 0.270   2.857   -1.227  1.00   22.49 ? 16   LEU B CD1 1 
ATOM   398 C  CD2 . LEU B 1 17 ? -0.052  3.055   -3.696  1.00   27.80 ? 16   LEU B CD2 1 
ATOM   399 N  N   . GLN B 1 18 ? 2.899   1.687   -5.706  1.00   12.64 ? 17   GLN B N   1 
ATOM   400 C  CA  . GLN B 1 18 ? 2.892   2.101   -7.105  1.00   13.91 ? 17   GLN B CA  1 
ATOM   401 C  C   . GLN B 1 18 ? 2.795   0.878   -8.026  1.00   12.61 ? 17   GLN B C   1 
ATOM   402 O  O   . GLN B 1 18 ? 2.023   0.951   -8.982  1.00   12.50 ? 17   GLN B O   1 
ATOM   403 C  CB  . GLN B 1 18 ? 4.155   2.900   -7.439  1.00   14.64 ? 17   GLN B CB  1 
ATOM   404 C  CG  . GLN B 1 18 ? 4.138   4.267   -6.753  1.00   22.52 ? 17   GLN B CG  1 
ATOM   405 C  CD  . GLN B 1 18 ? 5.463   5.004   -6.933  1.00   32.12 ? 17   GLN B CD  1 
ATOM   406 O  OE1 . GLN B 1 18 ? 5.885   5.757   -6.055  1.00   39.13 ? 17   GLN B OE1 1 
ATOM   407 N  NE2 . GLN B 1 18 ? 6.136   4.782   -8.061  1.00   33.53 ? 17   GLN B NE2 1 
ATOM   408 N  N   . ALA B 1 19 ? 3.511   -0.210  -7.743  1.00   11.64 ? 18   ALA B N   1 
ATOM   409 C  CA  . ALA B 1 19 ? 3.450   -1.419  -8.567  1.00   13.36 ? 18   ALA B CA  1 
ATOM   410 C  C   . ALA B 1 19 ? 2.032   -2.002  -8.521  1.00   11.84 ? 18   ALA B C   1 
ATOM   411 O  O   . ALA B 1 19 ? 1.405   -2.410  -9.502  1.00   11.60 ? 18   ALA B O   1 
ATOM   412 C  CB  . ALA B 1 19 ? 4.423   -2.441  -8.036  1.00   12.66 ? 18   ALA B CB  1 
ATOM   413 N  N   . LEU B 1 20 ? 1.458   -1.973  -7.331  1.00   9.08  ? 19   LEU B N   1 
ATOM   414 C  CA  . LEU B 1 20 ? 0.138   -2.587  -7.184  1.00   10.40 ? 19   LEU B CA  1 
ATOM   415 C  C   . LEU B 1 20 ? -0.939  -1.744  -7.868  1.00   9.32  ? 19   LEU B C   1 
ATOM   416 O  O   . LEU B 1 20 ? -1.902  -2.295  -8.411  1.00   9.35  ? 19   LEU B O   1 
ATOM   417 C  CB  . LEU B 1 20 ? -0.155  -2.685  -5.684  1.00   10.13 ? 19   LEU B CB  1 
ATOM   418 C  CG  . LEU B 1 20 ? 0.621   -3.789  -4.970  1.00   15.24 ? 19   LEU B CG  1 
ATOM   419 C  CD1 . LEU B 1 20 ? 0.034   -3.949  -3.563  1.00   20.88 ? 19   LEU B CD1 1 
ATOM   420 C  CD2 . LEU B 1 20 ? 0.473   -5.151  -5.681  1.00   24.32 ? 19   LEU B CD2 1 
ATOM   421 N  N   . GLU B 1 21 ? -0.815  -0.417  -7.859  1.00   9.01  ? 20   GLU B N   1 
ATOM   422 C  CA  . GLU B 1 21 ? -1.752  0.431   -8.592  1.00   11.66 ? 20   GLU B CA  1 
ATOM   423 C  C   . GLU B 1 21 ? -1.692  0.114   -10.087 1.00   11.24 ? 20   GLU B C   1 
ATOM   424 O  O   . GLU B 1 21 ? -2.742  0.083   -10.737 1.00   9.85  ? 20   GLU B O   1 
ATOM   425 C  CB  . GLU B 1 21 ? -1.462  1.932   -8.429  1.00   13.13 ? 20   GLU B CB  1 
ATOM   426 C  CG  . GLU B 1 21 ? -1.530  2.392   -6.981  1.00   16.55 ? 20   GLU B CG  1 
ATOM   427 C  CD  . GLU B 1 21 ? -1.134  3.845   -6.799  1.00   19.68 ? 20   GLU B CD  1 
ATOM   428 O  OE1 . GLU B 1 21 ? -1.654  4.518   -5.877  0.0000 32.75 ? 20   GLU B OE1 1 
ATOM   429 O  OE2 . GLU B 1 21 ? -0.280  4.312   -7.587  0.0000 29.75 ? 20   GLU B OE2 1 
ATOM   430 N  N   . LYS B 1 22 ? -0.497  -0.043  -10.653 1.00   10.38 ? 21   LYS B N   1 
ATOM   431 C  CA  A LYS B 1 22 ? -0.376  -0.334  -12.080 0.50   9.96  ? 21   LYS B CA  1 
ATOM   432 C  CA  B LYS B 1 22 ? -0.415  -0.312  -12.087 0.50   10.49 ? 21   LYS B CA  1 
ATOM   433 C  C   . LYS B 1 22 ? -0.989  -1.692  -12.405 1.00   9.65  ? 21   LYS B C   1 
ATOM   434 O  O   . LYS B 1 22 ? -1.655  -1.845  -13.425 1.00   9.90  ? 21   LYS B O   1 
ATOM   435 C  CB  A LYS B 1 22 ? 1.101   -0.355  -12.476 0.50   10.91 ? 21   LYS B CB  1 
ATOM   436 C  CB  B LYS B 1 22 ? 1.023   -0.164  -12.588 0.50   11.87 ? 21   LYS B CB  1 
ATOM   437 C  CG  A LYS B 1 22 ? 1.652   1.069   -12.419 0.50   11.86 ? 21   LYS B CG  1 
ATOM   438 C  CG  B LYS B 1 22 ? 1.420   1.314   -12.574 0.50   11.29 ? 21   LYS B CG  1 
ATOM   439 C  CD  A LYS B 1 22 ? 3.171   1.130   -12.463 0.50   15.83 ? 21   LYS B CD  1 
ATOM   440 C  CD  B LYS B 1 22 ? 2.832   1.632   -13.050 0.50   12.73 ? 21   LYS B CD  1 
ATOM   441 C  CE  A LYS B 1 22 ? 3.646   2.560   -12.266 0.50   17.59 ? 21   LYS B CE  1 
ATOM   442 C  CE  B LYS B 1 22 ? 3.166   3.100   -12.839 0.50   14.96 ? 21   LYS B CE  1 
ATOM   443 N  NZ  A LYS B 1 22 ? 2.830   3.452   -13.141 0.50   17.68 ? 21   LYS B NZ  1 
ATOM   444 N  NZ  B LYS B 1 22 ? 3.711   3.356   -11.471 0.50   12.19 ? 21   LYS B NZ  1 
ATOM   445 N  N   . LYS B 1 23 ? -0.788  -2.644  -11.505 1.00   8.33  ? 22   LYS B N   1 
ATOM   446 C  CA  . LYS B 1 23 ? -1.359  -3.977  -11.692 1.00   10.24 ? 22   LYS B CA  1 
ATOM   447 C  C   . LYS B 1 23 ? -2.880  -3.978  -11.633 1.00   8.53  ? 22   LYS B C   1 
ATOM   448 O  O   . LYS B 1 23 ? -3.554  -4.618  -12.451 1.00   7.86  ? 22   LYS B O   1 
ATOM   449 C  CB  . LYS B 1 23 ? -0.850  -4.947  -10.630 1.00   9.71  ? 22   LYS B CB  1 
ATOM   450 C  CG  . LYS B 1 23 ? -1.308  -6.382  -10.872 1.00   15.07 ? 22   LYS B CG  1 
ATOM   451 C  CD  . LYS B 1 23 ? -0.493  -7.274  -9.942  1.00   15.75 ? 22   LYS B CD  1 
ATOM   452 C  CE  . LYS B 1 23 ? -0.795  -8.754  -10.165 1.00   16.75 ? 22   LYS B CE  1 
ATOM   453 N  NZ  . LYS B 1 23 ? 0.229   -9.562  -9.435  1.00   15.93 ? 22   LYS B NZ  1 
ATOM   454 N  N   . LEU B 1 24 ? -3.414  -3.202  -10.696 1.00   7.65  ? 23   LEU B N   1 
ATOM   455 C  CA  . LEU B 1 24 ? -4.876  -3.112  -10.661 1.00   10.92 ? 23   LEU B CA  1 
ATOM   456 C  C   . LEU B 1 24 ? -5.408  -2.465  -11.937 1.00   10.05 ? 23   LEU B C   1 
ATOM   457 O  O   . LEU B 1 24 ? -6.416  -2.896  -12.509 1.00   10.57 ? 23   LEU B O   1 
ATOM   458 C  CB  . LEU B 1 24 ? -5.338  -2.299  -9.443  1.00   9.27  ? 23   LEU B CB  1 
ATOM   459 C  CG  . LEU B 1 24 ? -6.828  -1.989  -9.311  1.00   13.05 ? 23   LEU B CG  1 
ATOM   460 C  CD1 . LEU B 1 24 ? -7.559  -3.327  -9.326  1.00   19.02 ? 23   LEU B CD1 1 
ATOM   461 C  CD2 . LEU B 1 24 ? -7.052  -1.181  -8.038  1.00   17.80 ? 23   LEU B CD2 1 
ATOM   462 N  N   . GLU B 1 25 ? -4.757  -1.406  -12.410 1.00   8.49  ? 24   GLU B N   1 
ATOM   463 C  CA  . GLU B 1 25 ? -5.163  -0.796  -13.663 1.00   10.73 ? 24   GLU B CA  1 
ATOM   464 C  C   . GLU B 1 25 ? -5.115  -1.789  -14.824 1.00   10.43 ? 24   GLU B C   1 
ATOM   465 O  O   . GLU B 1 25 ? -6.028  -1.789  -15.649 1.00   10.17 ? 24   GLU B O   1 
ATOM   466 C  CB  . GLU B 1 25 ? -4.328  0.452   -13.970 1.00   10.53 ? 24   GLU B CB  1 
ATOM   467 C  CG  . GLU B 1 25 ? -4.653  1.616   -13.052 1.00   19.03 ? 24   GLU B CG  1 
ATOM   468 C  CD  . GLU B 1 25 ? -6.016  2.189   -13.413 1.00   20.35 ? 24   GLU B CD  1 
ATOM   469 O  OE1 . GLU B 1 25 ? -6.818  2.421   -12.487 1.00   30.49 ? 24   GLU B OE1 1 
ATOM   470 O  OE2 . GLU B 1 25 ? -6.290  2.329   -14.622 1.00   28.59 ? 24   GLU B OE2 1 
ATOM   471 N  N   . ALA B 1 26 ? -4.102  -2.648  -14.888 1.00   9.74  ? 25   ALA B N   1 
ATOM   472 C  CA  . ALA B 1 26 ? -4.039  -3.709  -15.889 1.00   10.92 ? 25   ALA B CA  1 
ATOM   473 C  C   . ALA B 1 26 ? -5.346  -4.505  -15.822 1.00   12.15 ? 25   ALA B C   1 
ATOM   474 O  O   . ALA B 1 26 ? -6.048  -4.690  -16.817 1.00   13.30 ? 25   ALA B O   1 
ATOM   475 C  CB  . ALA B 1 26 ? -2.818  -4.638  -15.609 1.00   10.44 ? 25   ALA B CB  1 
ATOM   476 N  N   . LEU B 1 27 ? -5.702  -4.974  -14.621 1.00   11.65 ? 26   LEU B N   1 
ATOM   477 C  CA  . LEU B 1 27 ? -6.879  -5.830  -14.477 1.00   13.14 ? 26   LEU B CA  1 
ATOM   478 C  C   . LEU B 1 27 ? -8.193  -5.127  -14.795 1.00   14.90 ? 26   LEU B C   1 
ATOM   479 O  O   . LEU B 1 27 ? -9.131  -5.776  -15.274 1.00   16.83 ? 26   LEU B O   1 
ATOM   480 C  CB  . LEU B 1 27 ? -6.978  -6.284  -13.022 1.00   12.77 ? 26   LEU B CB  1 
ATOM   481 C  CG  . LEU B 1 27 ? -5.804  -7.167  -12.608 1.00   16.15 ? 26   LEU B CG  1 
ATOM   482 C  CD1 . LEU B 1 27 ? -5.869  -7.487  -11.112 1.00   24.42 ? 26   LEU B CD1 1 
ATOM   483 C  CD2 . LEU B 1 27 ? -5.995  -8.422  -13.461 1.00   20.98 ? 26   LEU B CD2 1 
ATOM   484 N  N   . GLU B 1 28 ? -8.254  -3.886  -14.553 1.00   14.33 ? 27   GLU B N   1 
ATOM   485 C  CA  . GLU B 1 28 ? -9.440  -3.126  -14.943 1.00   15.93 ? 27   GLU B CA  1 
ATOM   486 C  C   . GLU B 1 28 ? -9.638  -3.209  -16.453 1.00   18.03 ? 27   GLU B C   1 
ATOM   487 O  O   . GLU B 1 28 ? -10.777 -3.069  -16.905 1.00   18.00 ? 27   GLU B O   1 
ATOM   488 C  CB  . GLU B 1 28 ? -9.313  -1.663  -14.514 1.00   16.28 ? 27   GLU B CB  1 
ATOM   489 C  CG  . GLU B 1 28 ? -9.526  -1.593  -12.993 1.00   20.26 ? 27   GLU B CG  1 
ATOM   490 C  CD  . GLU B 1 28 ? -9.377  -0.177  -12.478 1.00   25.72 ? 27   GLU B CD  1 
ATOM   491 O  OE1 . GLU B 1 28 ? -9.593  0.096   -11.274 1.00   28.62 ? 27   GLU B OE1 1 
ATOM   492 O  OE2 . GLU B 1 28 ? -9.070  0.664   -13.350 1.00   27.59 ? 27   GLU B OE2 1 
ATOM   493 N  N   . HIS B 1 29 ? -8.549  -3.379  -17.200 1.00   17.30 ? 28   HIS B N   1 
ATOM   494 C  CA  . HIS B 1 29 ? -8.572  -3.457  -18.663 1.00   21.36 ? 28   HIS B CA  1 
ATOM   495 C  C   . HIS B 1 29 ? -8.451  -4.796  -19.367 1.00   24.26 ? 28   HIS B C   1 
ATOM   496 O  O   . HIS B 1 29 ? -8.239  -4.811  -20.584 1.00   26.20 ? 28   HIS B O   1 
ATOM   497 C  CB  . HIS B 1 29 ? -7.517  -2.565  -19.310 1.00   20.83 ? 28   HIS B CB  1 
ATOM   498 C  CG  . HIS B 1 29 ? -7.663  -1.133  -18.920 1.00   18.91 ? 28   HIS B CG  1 
ATOM   499 N  ND1 . HIS B 1 29 ? -7.348  -0.653  -17.670 1.00   22.48 ? 28   HIS B ND1 1 
ATOM   500 C  CD2 . HIS B 1 29 ? -8.083  -0.068  -19.639 1.00   21.39 ? 28   HIS B CD2 1 
ATOM   501 C  CE1 . HIS B 1 29 ? -7.581  0.646   -17.622 1.00   20.20 ? 28   HIS B CE1 1 
ATOM   502 N  NE2 . HIS B 1 29 ? -8.044  1.018   -18.803 1.00   23.66 ? 28   HIS B NE2 1 
ATOM   503 N  N   . GLY B 1 30 ? -8.589  -5.880  -18.613 1.00   26.86 ? 29   GLY B N   1 
ATOM   504 C  CA  . GLY B 1 30 ? -8.609  -7.192  -19.247 1.00   29.19 ? 29   GLY B CA  1 
ATOM   505 C  C   . GLY B 1 30 ? -7.404  -8.035  -18.895 1.00   31.02 ? 29   GLY B C   1 
ATOM   506 O  O   . GLY B 1 30 ? -7.557  -9.185  -18.468 1.00   32.34 ? 29   GLY B O   1 
HETATM 507 N  N   . NH2 B 1 31 ? -6.397  -7.368  -17.925 1.00   19.03 ? 30   NH2 B N   1 
HETATM 508 C  C   . ACE C 1 1  ? 11.152  17.468  8.295   1.00   10.26 ? 0    ACE C C   1 
HETATM 509 O  O   . ACE C 1 1  ? 10.229  16.915  7.711   1.00   10.08 ? 0    ACE C O   1 
HETATM 510 C  CH3 . ACE C 1 1  ? 11.114  18.954  8.551   1.00   10.88 ? 0    ACE C CH3 1 
ATOM   511 N  N   . GLU C 1 2  ? 12.210  16.771  8.698   1.00   12.24 ? 1    GLU C N   1 
ATOM   512 C  CA  . GLU C 1 2  ? 12.299  15.326  8.446   1.00   15.22 ? 1    GLU C CA  1 
ATOM   513 C  C   . GLU C 1 2  ? 11.139  14.506  9.008   1.00   13.92 ? 1    GLU C C   1 
ATOM   514 O  O   . GLU C 1 2  ? 10.599  13.602  8.361   1.00   14.30 ? 1    GLU C O   1 
ATOM   515 C  CB  . GLU C 1 2  ? 13.611  14.778  9.014   1.00   16.40 ? 1    GLU C CB  1 
ATOM   516 C  CG  . GLU C 1 2  ? 14.787  14.998  8.104   1.00   24.81 ? 1    GLU C CG  1 
ATOM   517 C  CD  . GLU C 1 2  ? 14.820  14.088  6.882   1.00   29.07 ? 1    GLU C CD  1 
ATOM   518 O  OE1 . GLU C 1 2  ? 14.264  12.971  6.854   1.00   32.85 ? 1    GLU C OE1 1 
ATOM   519 O  OE2 . GLU C 1 2  ? 15.482  14.493  5.905   1.00   36.02 ? 1    GLU C OE2 1 
ATOM   520 N  N   . TRP C 1 3  ? 10.756  14.812  10.240  1.00   14.41 ? 2    TRP C N   1 
ATOM   521 C  CA  . TRP C 1 3  ? 9.680   14.111  10.939  1.00   16.88 ? 2    TRP C CA  1 
ATOM   522 C  C   . TRP C 1 3  ? 8.353   14.303  10.194  1.00   14.80 ? 2    TRP C C   1 
ATOM   523 O  O   . TRP C 1 3  ? 7.663   13.320  9.876   1.00   12.89 ? 2    TRP C O   1 
ATOM   524 C  CB  . TRP C 1 3  ? 9.576   14.648  12.367  1.00   22.16 ? 2    TRP C CB  1 
ATOM   525 C  CG  . TRP C 1 3  ? 8.653   13.798  13.171  1.00   29.62 ? 2    TRP C CG  1 
ATOM   526 C  CD1 . TRP C 1 3  ? 7.623   14.199  13.982  1.00   35.53 ? 2    TRP C CD1 1 
ATOM   527 C  CD2 . TRP C 1 3  ? 8.648   12.367  13.181  1.00   35.54 ? 2    TRP C CD2 1 
ATOM   528 N  NE1 . TRP C 1 3  ? 6.995   13.091  14.503  1.00   38.51 ? 2    TRP C NE1 1 
ATOM   529 C  CE2 . TRP C 1 3  ? 7.603   11.957  14.030  1.00   35.09 ? 2    TRP C CE2 1 
ATOM   530 C  CE3 . TRP C 1 3  ? 9.435   11.393  12.555  1.00   35.80 ? 2    TRP C CE3 1 
ATOM   531 C  CZ2 . TRP C 1 3  ? 7.327   10.613  14.269  1.00   35.09 ? 2    TRP C CZ2 1 
ATOM   532 C  CZ3 . TRP C 1 3  ? 9.158   10.059  12.794  1.00   36.08 ? 2    TRP C CZ3 1 
ATOM   533 C  CH2 . TRP C 1 3  ? 8.111   9.682   13.644  1.00   33.58 ? 2    TRP C CH2 1 
ATOM   534 N  N   . GLU C 1 4  ? 8.018   15.579  9.988   1.00   12.54 ? 3    GLU C N   1 
ATOM   535 C  CA  . GLU C 1 4  ? 6.828   15.983  9.231   1.00   13.01 ? 3    GLU C CA  1 
ATOM   536 C  C   . GLU C 1 4  ? 6.784   15.267  7.884   1.00   11.22 ? 3    GLU C C   1 
ATOM   537 O  O   . GLU C 1 4  ? 5.738   14.729  7.501   1.00   12.74 ? 3    GLU C O   1 
ATOM   538 C  CB  . GLU C 1 4  ? 6.880   17.486  8.912   1.00   14.81 ? 3    GLU C CB  1 
ATOM   539 C  CG  . GLU C 1 4  ? 5.707   17.852  8.004   1.00   14.50 ? 3    GLU C CG  1 
ATOM   540 C  CD  . GLU C 1 4  ? 5.718   19.319  7.565   1.00   18.94 ? 3    GLU C CD  1 
ATOM   541 O  OE1 . GLU C 1 4  ? 6.579   20.072  8.072   1.00   17.33 ? 3    GLU C OE1 1 
ATOM   542 O  OE2 . GLU C 1 4  ? 4.850   19.693  6.749   1.00   21.85 ? 3    GLU C OE2 1 
ATOM   543 N  N   . ALA C 1 5  ? 7.889   15.285  7.140   1.00   11.46 ? 4    ALA C N   1 
ATOM   544 C  CA  . ALA C 1 5  ? 7.975   14.644  5.827   1.00   11.84 ? 4    ALA C CA  1 
ATOM   545 C  C   . ALA C 1 5  ? 7.597   13.150  5.882   1.00   12.76 ? 4    ALA C C   1 
ATOM   546 O  O   . ALA C 1 5  ? 6.759   12.630  5.124   1.00   10.57 ? 4    ALA C O   1 
ATOM   547 C  CB  . ALA C 1 5  ? 9.357   14.825  5.202   1.00   15.30 ? 4    ALA C CB  1 
ATOM   548 N  N   . LEU C 1 6  ? 8.179   12.447  6.849   1.00   11.84 ? 5    LEU C N   1 
ATOM   549 C  CA  . LEU C 1 6  ? 7.905   11.004  6.945   1.00   12.91 ? 5    LEU C CA  1 
ATOM   550 C  C   . LEU C 1 6  ? 6.481   10.748  7.425   1.00   12.61 ? 5    LEU C C   1 
ATOM   551 O  O   . LEU C 1 6  ? 5.786   9.891   6.853   1.00   14.91 ? 5    LEU C O   1 
ATOM   552 C  CB  . LEU C 1 6  ? 8.908   10.289  7.851   1.00   13.76 ? 5    LEU C CB  1 
ATOM   553 C  CG  . LEU C 1 6  ? 8.858   8.748   7.731   1.00   11.59 ? 5    LEU C CG  1 
ATOM   554 C  CD1 . LEU C 1 6  ? 9.147   8.333   6.314   1.00   13.43 ? 5    LEU C CD1 1 
ATOM   555 C  CD2 . LEU C 1 6  ? 9.890   8.215   8.736   1.00   14.42 ? 5    LEU C CD2 1 
ATOM   556 N  N   . GLU C 1 7  ? 6.000   11.526  8.386   1.00   12.75 ? 6    GLU C N   1 
ATOM   557 C  CA  . GLU C 1 7  ? 4.625   11.357  8.833   1.00   17.51 ? 6    GLU C CA  1 
ATOM   558 C  C   . GLU C 1 7  ? 3.626   11.582  7.690   1.00   18.26 ? 6    GLU C C   1 
ATOM   559 O  O   . GLU C 1 7  ? 2.618   10.857  7.579   1.00   18.59 ? 6    GLU C O   1 
ATOM   560 C  CB  . GLU C 1 7  ? 4.289   12.269  10.022  1.00   16.91 ? 6    GLU C CB  1 
ATOM   561 C  CG  . GLU C 1 7  ? 4.894   11.964  11.386  1.00   19.36 ? 6    GLU C CG  1 
ATOM   562 C  CD  . GLU C 1 7  ? 4.436   13.024  12.376  1.00   24.31 ? 6    GLU C CD  1 
ATOM   563 O  OE1 . GLU C 1 7  ? 3.992   12.623  13.471  1.00   35.26 ? 6    GLU C OE1 1 
ATOM   564 O  OE2 . GLU C 1 7  ? 4.485   14.243  12.091  1.00   31.94 ? 6    GLU C OE2 1 
ATOM   565 N  N   . LYS C 1 8  ? 3.892   12.569  6.835   1.00   17.58 ? 7    LYS C N   1 
ATOM   566 C  CA  . LYS C 1 8  ? 2.982   12.917  5.732   1.00   17.92 ? 7    LYS C CA  1 
ATOM   567 C  C   . LYS C 1 8  ? 3.052   11.804  4.685   1.00   15.88 ? 7    LYS C C   1 
ATOM   568 O  O   . LYS C 1 8  ? 2.054   11.403  4.070   1.00   15.87 ? 7    LYS C O   1 
ATOM   569 C  CB  . LYS C 1 8  ? 3.402   14.210  5.026   1.00   18.13 ? 7    LYS C CB  1 
ATOM   570 C  CG  . LYS C 1 8  ? 3.225   15.530  5.741   1.00   22.18 ? 7    LYS C CG  1 
ATOM   571 C  CD  . LYS C 1 8  ? 3.941   16.670  5.013   1.00   22.12 ? 7    LYS C CD  1 
ATOM   572 C  CE  . LYS C 1 8  ? 3.164   17.465  3.980   1.00   30.25 ? 7    LYS C CE  1 
ATOM   573 N  NZ  . LYS C 1 8  ? 4.103   18.327  3.192   1.00   29.89 ? 7    LYS C NZ  1 
ATOM   574 N  N   . LYS C 1 9  ? 4.244   11.250  4.510   1.00   13.78 ? 8    LYS C N   1 
ATOM   575 C  CA  . LYS C 1 9  ? 4.431   10.205  3.509   1.00   15.79 ? 8    LYS C CA  1 
ATOM   576 C  C   . LYS C 1 9  ? 3.643   8.984   3.987   1.00   14.16 ? 8    LYS C C   1 
ATOM   577 O  O   . LYS C 1 9  ? 2.906   8.363   3.212   1.00   13.75 ? 8    LYS C O   1 
ATOM   578 C  CB  . LYS C 1 9  ? 5.921   9.915   3.313   1.00   16.04 ? 8    LYS C CB  1 
ATOM   579 C  CG  . LYS C 1 9  ? 6.152   8.773   2.329   1.00   21.48 ? 8    LYS C CG  1 
ATOM   580 C  CD  . LYS C 1 9  ? 7.628   8.384   2.265   1.00   25.05 ? 8    LYS C CD  1 
ATOM   581 C  CE  . LYS C 1 9  ? 8.425   9.010   1.125   1.00   28.02 ? 8    LYS C CE  1 
ATOM   582 N  NZ  . LYS C 1 9  ? 9.521   8.071   0.732   1.00   28.36 ? 8    LYS C NZ  1 
ATOM   583 N  N   . CYS C 1 10 ? 3.790   8.652   5.268   1.00   13.25 ? 9    CYS C N   1 
ATOM   584 C  CA  . CYS C 1 10 ? 3.117   7.446   5.744   1.00   15.51 ? 9    CYS C CA  1 
ATOM   585 C  C   . CYS C 1 10 ? 1.600   7.626   5.643   1.00   15.37 ? 9    CYS C C   1 
ATOM   586 O  O   . CYS C 1 10 ? 0.841   6.726   5.281   1.00   14.94 ? 9    CYS C O   1 
ATOM   587 C  CB  . CYS C 1 10 ? 3.600   7.024   7.129   1.00   16.72 ? 9    CYS C CB  1 
ATOM   588 S  SG  . CYS C 1 10 ? 5.388   6.701   7.104   1.00   16.60 ? 9    CYS C SG  1 
ATOM   589 N  N   . ALA C 1 11 ? 1.132   8.822   5.976   1.00   14.31 ? 10   ALA C N   1 
ATOM   590 C  CA  . ALA C 1 11 ? -0.311  9.098   5.908   1.00   16.57 ? 10   ALA C CA  1 
ATOM   591 C  C   . ALA C 1 11 ? -0.835  9.026   4.477   1.00   15.59 ? 10   ALA C C   1 
ATOM   592 O  O   . ALA C 1 11 ? -1.954  8.541   4.233   1.00   17.06 ? 10   ALA C O   1 
ATOM   593 C  CB  . ALA C 1 11 ? -0.553  10.516  6.441   1.00   16.12 ? 10   ALA C CB  1 
ATOM   594 N  N   . ALA C 1 12 ? -0.051  9.532   3.533   1.00   14.52 ? 11   ALA C N   1 
ATOM   595 C  CA  . ALA C 1 12 ? -0.427  9.464   2.121   1.00   15.22 ? 11   ALA C CA  1 
ATOM   596 C  C   . ALA C 1 12 ? -0.484  7.997   1.740   1.00   15.98 ? 11   ALA C C   1 
ATOM   597 O  O   . ALA C 1 12 ? -1.401  7.606   1.023   1.00   15.70 ? 11   ALA C O   1 
ATOM   598 C  CB  . ALA C 1 12 ? 0.563   10.102  1.174   1.00   14.86 ? 11   ALA C CB  1 
ATOM   599 N  N   . LEU C 1 13 ? 0.496   7.216   2.192   1.00   15.49 ? 12   LEU C N   1 
ATOM   600 C  CA  . LEU C 1 13 ? 0.476   5.804   1.811   1.00   16.47 ? 12   LEU C CA  1 
ATOM   601 C  C   . LEU C 1 13 ? -0.795  5.139   2.341   1.00   15.04 ? 12   LEU C C   1 
ATOM   602 O  O   . LEU C 1 13 ? -1.403  4.324   1.650   1.00   16.02 ? 12   LEU C O   1 
ATOM   603 C  CB  . LEU C 1 13 ? 1.707   5.086   2.383   1.00   15.66 ? 12   LEU C CB  1 
ATOM   604 C  CG  . LEU C 1 13 ? 2.967   5.589   1.666   1.00   18.47 ? 12   LEU C CG  1 
ATOM   605 C  CD1 . LEU C 1 13 ? 4.246   5.058   2.310   1.00   20.99 ? 12   LEU C CD1 1 
ATOM   606 C  CD2 . LEU C 1 13 ? 2.974   5.227   0.178   1.00   20.45 ? 12   LEU C CD2 1 
ATOM   607 N  N   . GLU C 1 14 ? -1.211  5.458   3.565   1.00   14.78 ? 13   GLU C N   1 
ATOM   608 C  CA  . GLU C 1 14 ? -2.435  4.893   4.115   1.00   15.22 ? 13   GLU C CA  1 
ATOM   609 C  C   . GLU C 1 14 ? -3.643  5.265   3.251   1.00   14.84 ? 13   GLU C C   1 
ATOM   610 O  O   . GLU C 1 14 ? -4.512  4.407   3.069   1.00   15.10 ? 13   GLU C O   1 
ATOM   611 C  CB  . GLU C 1 14 ? -2.694  5.411   5.530   1.00   14.62 ? 13   GLU C CB  1 
ATOM   612 C  CG  . GLU C 1 14 ? -3.958  4.892   6.150   1.00   20.58 ? 13   GLU C CG  1 
ATOM   613 C  CD  . GLU C 1 14 ? -3.912  4.905   7.656   1.00   29.27 ? 13   GLU C CD  1 
ATOM   614 O  OE1 . GLU C 1 14 ? -3.311  5.823   8.243   1.00   32.58 ? 13   GLU C OE1 1 
ATOM   615 O  OE2 . GLU C 1 14 ? -4.520  3.980   8.238   1.00   38.77 ? 13   GLU C OE2 1 
ATOM   616 N  N   . SER C 1 15 ? -3.735  6.523   2.825   1.00   15.32 ? 14   SER C N   1 
ATOM   617 C  CA  . SER C 1 15 ? -4.881  6.994   2.035   1.00   16.68 ? 14   SER C CA  1 
ATOM   618 C  C   . SER C 1 15 ? -4.937  6.269   0.694   1.00   16.66 ? 14   SER C C   1 
ATOM   619 O  O   . SER C 1 15 ? -5.985  5.878   0.159   1.00   15.57 ? 14   SER C O   1 
ATOM   620 C  CB  . SER C 1 15 ? -4.776  8.520   1.863   1.00   17.67 ? 14   SER C CB  1 
ATOM   621 O  OG  . SER C 1 15 ? -5.682  8.917   0.848   1.00   26.46 ? 14   SER C OG  1 
ATOM   622 N  N   . LYS C 1 16 ? -3.734  6.080   0.163   1.00   15.43 ? 15   LYS C N   1 
ATOM   623 C  CA  . LYS C 1 16 ? -3.572  5.463   -1.139  1.00   15.23 ? 15   LYS C CA  1 
ATOM   624 C  C   . LYS C 1 16 ? -3.958  3.991   -1.040  1.00   14.42 ? 15   LYS C C   1 
ATOM   625 O  O   . LYS C 1 16 ? -4.627  3.460   -1.938  1.00   13.65 ? 15   LYS C O   1 
ATOM   626 C  CB  . LYS C 1 16 ? -2.129  5.647   -1.610  1.00   16.49 ? 15   LYS C CB  1 
ATOM   627 C  CG  . LYS C 1 16 ? -1.907  7.055   -2.170  1.00   19.86 ? 15   LYS C CG  1 
ATOM   628 C  CD  . LYS C 1 16 ? -0.499  7.316   -2.712  1.00   23.38 ? 15   LYS C CD  1 
ATOM   629 C  CE  . LYS C 1 16 ? 0.659   6.895   -1.813  1.00   31.11 ? 15   LYS C CE  1 
ATOM   630 N  NZ  . LYS C 1 16 ? 1.831   7.794   -2.053  1.00   36.79 ? 15   LYS C NZ  1 
ATOM   631 N  N   . LEU C 1 17 ? -3.562  3.365   0.063   1.00   14.04 ? 16   LEU C N   1 
ATOM   632 C  CA  . LEU C 1 17 ? -3.871  1.944   0.236   1.00   15.27 ? 16   LEU C CA  1 
ATOM   633 C  C   . LEU C 1 17 ? -5.381  1.786   0.324   1.00   15.15 ? 16   LEU C C   1 
ATOM   634 O  O   . LEU C 1 17 ? -5.927  0.789   -0.159  1.00   15.11 ? 16   LEU C O   1 
ATOM   635 C  CB  . LEU C 1 17 ? -3.215  1.345   1.479   1.00   15.03 ? 16   LEU C CB  1 
ATOM   636 C  CG  . LEU C 1 17 ? -3.315  -0.159  1.743   1.00   19.68 ? 16   LEU C CG  1 
ATOM   637 C  CD1 . LEU C 1 17 ? -2.292  -0.466  2.821   1.00   24.88 ? 16   LEU C CD1 1 
ATOM   638 C  CD2 . LEU C 1 17 ? -4.678  -0.652  2.223   1.00   26.86 ? 16   LEU C CD2 1 
ATOM   639 N  N   . GLN C 1 18 ? -6.021  2.776   0.945   1.00   13.76 ? 17   GLN C N   1 
ATOM   640 C  CA  . GLN C 1 18 ? -7.481  2.770   1.112   1.00   16.09 ? 17   GLN C CA  1 
ATOM   641 C  C   . GLN C 1 18 ? -8.210  2.865   -0.227  1.00   14.58 ? 17   GLN C C   1 
ATOM   642 O  O   . GLN C 1 18 ? -9.201  2.167   -0.507  1.00   13.37 ? 17   GLN C O   1 
ATOM   643 C  CB  . GLN C 1 18 ? -7.846  3.913   2.073   1.00   17.39 ? 17   GLN C CB  1 
ATOM   644 C  CG  . GLN C 1 18 ? -7.406  3.458   3.472   1.00   24.51 ? 17   GLN C CG  1 
ATOM   645 C  CD  . GLN C 1 18 ? -7.352  4.547   4.537   1.00   33.71 ? 17   GLN C CD  1 
ATOM   646 O  OE1 . GLN C 1 18 ? -7.784  5.680   4.311   1.00   32.45 ? 17   GLN C OE1 1 
ATOM   647 N  NE2 . GLN C 1 18 ? -6.822  4.205   5.711   1.00   34.26 ? 17   GLN C NE2 1 
ATOM   648 N  N   . ALA C 1 19 ? -7.665  3.734   -1.070  1.00   13.62 ? 18   ALA C N   1 
ATOM   649 C  CA  . ALA C 1 19 ? -8.180  4.003   -2.416  1.00   12.29 ? 18   ALA C CA  1 
ATOM   650 C  C   . ALA C 1 19 ? -8.015  2.772   -3.301  1.00   11.25 ? 18   ALA C C   1 
ATOM   651 O  O   . ALA C 1 19 ? -8.940  2.443   -4.050  1.00   13.90 ? 18   ALA C O   1 
ATOM   652 C  CB  . ALA C 1 19 ? -7.486  5.196   -3.086  1.00   13.10 ? 18   ALA C CB  1 
ATOM   653 N  N   . LEU C 1 20 ? -6.864  2.111   -3.202  1.00   11.14 ? 19   LEU C N   1 
ATOM   654 C  CA  . LEU C 1 20 ? -6.635  0.901   -3.990  1.00   12.29 ? 19   LEU C CA  1 
ATOM   655 C  C   . LEU C 1 20 ? -7.567  -0.211  -3.501  1.00   12.99 ? 19   LEU C C   1 
ATOM   656 O  O   . LEU C 1 20 ? -8.083  -0.919  -4.363  1.00   13.15 ? 19   LEU C O   1 
ATOM   657 C  CB  . LEU C 1 20 ? -5.175  0.472   -3.890  1.00   13.94 ? 19   LEU C CB  1 
ATOM   658 C  CG  . LEU C 1 20 ? -4.324  1.517   -4.624  1.00   18.21 ? 19   LEU C CG  1 
ATOM   659 C  CD1 . LEU C 1 20 ? -2.851  1.103   -4.655  1.00   22.53 ? 19   LEU C CD1 1 
ATOM   660 C  CD2 . LEU C 1 20 ? -4.827  1.792   -6.050  1.00   23.22 ? 19   LEU C CD2 1 
ATOM   661 N  N   . GLU C 1 21 ? -7.767  -0.388  -2.197  1.00   11.66 ? 20   GLU C N   1 
ATOM   662 C  CA  . GLU C 1 21 ? -8.630  -1.510  -1.785  1.00   13.05 ? 20   GLU C CA  1 
ATOM   663 C  C   . GLU C 1 21 ? -10.057 -1.196  -2.280  1.00   12.90 ? 20   GLU C C   1 
ATOM   664 O  O   . GLU C 1 21 ? -10.779 -2.095  -2.737  1.00   12.82 ? 20   GLU C O   1 
ATOM   665 C  CB  . GLU C 1 21 ? -8.584  -1.807  -0.290  1.00   14.05 ? 20   GLU C CB  1 
ATOM   666 C  CG  . GLU C 1 21 ? -8.732  -3.340  -0.053  1.00   21.34 ? 20   GLU C CG  1 
ATOM   667 C  CD  . GLU C 1 21 ? -10.120 -3.581  0.463   1.00   23.85 ? 20   GLU C CD  1 
ATOM   668 O  OE1 . GLU C 1 21 ? -10.600 -4.683  0.827   1.00   18.46 ? 20   GLU C OE1 1 
ATOM   669 O  OE2 . GLU C 1 21 ? -10.667 -2.458  0.514   1.00   25.62 ? 20   GLU C OE2 1 
ATOM   670 N  N   . LYS C 1 22 ? -10.466 0.072   -2.267  1.00   12.84 ? 21   LYS C N   1 
ATOM   671 C  CA  . LYS C 1 22 ? -11.766 0.470   -2.826  1.00   14.03 ? 21   LYS C CA  1 
ATOM   672 C  C   . LYS C 1 22 ? -11.924 0.045   -4.287  1.00   14.87 ? 21   LYS C C   1 
ATOM   673 O  O   . LYS C 1 22 ? -12.920 -0.539  -4.726  1.00   12.81 ? 21   LYS C O   1 
ATOM   674 C  CB  . LYS C 1 22 ? -12.088 1.955   -2.586  1.00   15.54 ? 21   LYS C CB  1 
ATOM   675 C  CG  . LYS C 1 22 ? -13.507 2.422   -2.927  1.00   17.78 ? 21   LYS C CG  1 
ATOM   676 C  CD  . LYS C 1 22 ? -13.791 3.875   -2.550  1.00   19.10 ? 21   LYS C CD  1 
ATOM   677 C  CE  . LYS C 1 22 ? -12.747 4.369   -1.558  1.00   26.85 ? 21   LYS C CE  1 
ATOM   678 N  NZ  . LYS C 1 22 ? -12.506 5.847   -1.422  1.00   31.20 ? 21   LYS C NZ  1 
ATOM   679 N  N   . LYS C 1 23 ? -10.886 0.321   -5.066  1.00   12.01 ? 22   LYS C N   1 
ATOM   680 C  CA  A LYS C 1 23 ? -10.913 0.034   -6.498  0.50   12.10 ? 22   LYS C CA  1 
ATOM   681 C  CA  B LYS C 1 23 ? -10.917 0.037   -6.499  0.50   12.44 ? 22   LYS C CA  1 
ATOM   682 C  C   . LYS C 1 23 ? -10.892 -1.466  -6.742  1.00   10.54 ? 22   LYS C C   1 
ATOM   683 O  O   . LYS C 1 23 ? -11.600 -1.944  -7.627  1.00   11.67 ? 22   LYS C O   1 
ATOM   684 C  CB  A LYS C 1 23 ? -9.716  0.707   -7.169  0.50   12.40 ? 22   LYS C CB  1 
ATOM   685 C  CB  B LYS C 1 23 ? -9.758  0.766   -7.182  0.50   13.07 ? 22   LYS C CB  1 
ATOM   686 C  CG  A LYS C 1 23 ? -9.858  2.208   -7.087  0.50   15.59 ? 22   LYS C CG  1 
ATOM   687 C  CG  B LYS C 1 23 ? -10.140 2.176   -7.594  0.50   17.53 ? 22   LYS C CG  1 
ATOM   688 C  CD  A LYS C 1 23 ? -8.766  2.914   -7.866  0.50   15.52 ? 22   LYS C CD  1 
ATOM   689 C  CD  B LYS C 1 23 ? -10.173 2.323   -9.106  0.50   24.41 ? 22   LYS C CD  1 
ATOM   690 C  CE  A LYS C 1 23 ? -9.047  4.407   -7.844  0.50   22.13 ? 22   LYS C CE  1 
ATOM   691 C  CE  B LYS C 1 23 ? -8.765  2.345   -9.680  0.50   25.46 ? 22   LYS C CE  1 
ATOM   692 N  NZ  A LYS C 1 23 ? -8.903  4.970   -6.470  0.50   24.40 ? 22   LYS C NZ  1 
ATOM   693 N  NZ  B LYS C 1 23 ? -8.760  2.657   -11.145 0.50   28.09 ? 22   LYS C NZ  1 
ATOM   694 N  N   . LEU C 1 24 ? -10.117 -2.191  -5.940  1.00   10.25 ? 23   LEU C N   1 
ATOM   695 C  CA  . LEU C 1 24 ? -10.062 -3.653  -5.983  1.00   10.67 ? 23   LEU C CA  1 
ATOM   696 C  C   . LEU C 1 24 ? -11.452 -4.239  -5.705  1.00   9.33  ? 23   LEU C C   1 
ATOM   697 O  O   . LEU C 1 24 ? -11.943 -5.119  -6.426  1.00   9.11  ? 23   LEU C O   1 
ATOM   698 C  CB  . LEU C 1 24 ? -9.111  -4.159  -4.904  1.00   11.79 ? 23   LEU C CB  1 
ATOM   699 C  CG  . LEU C 1 24 ? -8.233  -5.369  -5.231  1.00   19.85 ? 23   LEU C CG  1 
ATOM   700 C  CD1 . LEU C 1 24 ? -7.435  -6.053  -4.130  1.00   19.86 ? 23   LEU C CD1 1 
ATOM   701 C  CD2 . LEU C 1 24 ? -8.978  -6.378  -6.096  1.00   23.12 ? 23   LEU C CD2 1 
ATOM   702 N  N   . GLU C 1 25 ? -12.121 -3.708  -4.681  1.00   8.63  ? 24   GLU C N   1 
ATOM   703 C  CA  . GLU C 1 25 ? -13.461 -4.225  -4.356  1.00   7.35  ? 24   GLU C CA  1 
ATOM   704 C  C   . GLU C 1 25 ? -14.438 -3.949  -5.498  1.00   8.07  ? 24   GLU C C   1 
ATOM   705 O  O   . GLU C 1 25 ? -15.267 -4.797  -5.837  1.00   8.55  ? 24   GLU C O   1 
ATOM   706 C  CB  . GLU C 1 25 ? -14.033 -3.547  -3.096  1.00   8.96  ? 24   GLU C CB  1 
ATOM   707 C  CG  . GLU C 1 25 ? -13.285 -3.964  -1.847  1.00   9.63  ? 24   GLU C CG  1 
ATOM   708 C  CD  . GLU C 1 25 ? -13.673 -5.347  -1.379  1.00   13.11 ? 24   GLU C CD  1 
ATOM   709 O  OE1 . GLU C 1 25 ? -14.437 -6.026  -2.088  1.00   11.82 ? 24   GLU C OE1 1 
ATOM   710 O  OE2 . GLU C 1 25 ? -13.321 -5.737  -0.255  1.00   14.09 ? 24   GLU C OE2 1 
ATOM   711 N  N   . ALA C 1 26 ? -14.346 -2.766  -6.108  1.00   8.58  ? 25   ALA C N   1 
ATOM   712 C  CA  . ALA C 1 26 ? -15.240 -2.440  -7.218  1.00   9.65  ? 25   ALA C CA  1 
ATOM   713 C  C   . ALA C 1 26 ? -14.998 -3.324  -8.435  1.00   10.63 ? 25   ALA C C   1 
ATOM   714 O  O   . ALA C 1 26 ? -15.925 -3.804  -9.079  1.00   11.62 ? 25   ALA C O   1 
ATOM   715 C  CB  . ALA C 1 26 ? -15.199 -0.954  -7.597  1.00   12.38 ? 25   ALA C CB  1 
ATOM   716 N  N   . LEU C 1 27 ? -13.744 -3.617  -8.754  1.00   9.89  ? 26   LEU C N   1 
ATOM   717 C  CA  . LEU C 1 27 ? -13.437 -4.551  -9.830  1.00   14.05 ? 26   LEU C CA  1 
ATOM   718 C  C   . LEU C 1 27 ? -13.946 -5.966  -9.548  1.00   11.55 ? 26   LEU C C   1 
ATOM   719 O  O   . LEU C 1 27 ? -14.548 -6.633  -10.397 1.00   11.48 ? 26   LEU C O   1 
ATOM   720 C  CB  . LEU C 1 27 ? -11.918 -4.542  -10.102 1.00   13.38 ? 26   LEU C CB  1 
ATOM   721 C  CG  . LEU C 1 27 ? -11.445 -5.429  -11.254 1.00   16.56 ? 26   LEU C CG  1 
ATOM   722 C  CD1 . LEU C 1 27 ? -12.288 -4.936  -12.430 1.00   21.11 ? 26   LEU C CD1 1 
ATOM   723 C  CD2 . LEU C 1 27 ? -9.986  -5.244  -11.675 1.00   17.94 ? 26   LEU C CD2 1 
ATOM   724 N  N   . GLU C 1 28 ? -13.756 -6.414  -8.316  1.00   10.30 ? 27   GLU C N   1 
ATOM   725 C  CA  . GLU C 1 28 ? -14.046 -7.804  -7.995  1.00   10.74 ? 27   GLU C CA  1 
ATOM   726 C  C   . GLU C 1 28 ? -15.564 -8.006  -8.022  1.00   11.82 ? 27   GLU C C   1 
ATOM   727 O  O   . GLU C 1 28 ? -15.997 -9.040  -8.534  1.00   11.72 ? 27   GLU C O   1 
ATOM   728 C  CB  . GLU C 1 28 ? -13.466 -8.198  -6.633  1.00   10.66 ? 27   GLU C CB  1 
ATOM   729 C  CG  . GLU C 1 28 ? -13.879 -9.590  -6.180  1.00   12.09 ? 27   GLU C CG  1 
ATOM   730 C  CD  . GLU C 1 28 ? -13.184 -10.057 -4.907  1.00   14.91 ? 27   GLU C CD  1 
ATOM   731 O  OE1 . GLU C 1 28 ? -12.330 -9.334  -4.361  1.00   18.08 ? 27   GLU C OE1 1 
ATOM   732 O  OE2 . GLU C 1 28 ? -13.519 -11.150 -4.423  1.00   15.92 ? 27   GLU C OE2 1 
ATOM   733 N  N   . HIS C 1 29 ? -16.348 -7.043  -7.534  1.00   10.04 ? 28   HIS C N   1 
ATOM   734 C  CA  . HIS C 1 29 ? -17.791 -7.206  -7.320  1.00   11.91 ? 28   HIS C CA  1 
ATOM   735 C  C   . HIS C 1 29 ? -18.741 -6.424  -8.216  1.00   13.08 ? 28   HIS C C   1 
ATOM   736 O  O   . HIS C 1 29 ? -19.956 -6.686  -8.267  1.00   12.77 ? 28   HIS C O   1 
ATOM   737 C  CB  . HIS C 1 29 ? -18.102 -6.784  -5.881  1.00   9.92  ? 28   HIS C CB  1 
ATOM   738 C  CG  . HIS C 1 29 ? -17.293 -7.547  -4.883  1.00   13.33 ? 28   HIS C CG  1 
ATOM   739 N  ND1 . HIS C 1 29 ? -17.460 -8.901  -4.671  1.00   14.75 ? 28   HIS C ND1 1 
ATOM   740 C  CD2 . HIS C 1 29 ? -16.348 -7.132  -4.009  1.00   8.38  ? 28   HIS C CD2 1 
ATOM   741 C  CE1 . HIS C 1 29 ? -16.663 -9.281  -3.685  1.00   12.97 ? 28   HIS C CE1 1 
ATOM   742 N  NE2 . HIS C 1 29 ? -15.967 -8.230  -3.278  1.00   10.64 ? 28   HIS C NE2 1 
ATOM   743 N  N   . GLY C 1 30 ? -18.172 -5.411  -8.862  1.00   14.61 ? 29   GLY C N   1 
ATOM   744 C  CA  . GLY C 1 30 ? -19.018 -4.494  -9.616  1.00   15.60 ? 29   GLY C CA  1 
ATOM   745 C  C   . GLY C 1 30 ? -19.009 -4.779  -11.102 1.00   18.71 ? 29   GLY C C   1 
ATOM   746 O  O   . GLY C 1 30 ? -19.722 -4.099  -11.850 1.00   21.53 ? 29   GLY C O   1 
HETATM 747 N  N   . NH2 C 1 31 ? -18.581 -5.949  -11.526 1.00   19.42 ? 30   NH2 C N   1 
HETATM 748 AS AS  . ARS D 2 .  ? 5.451   4.480   6.576   1.00   23.65 ? 1030 ARS A AS  1 
HETATM 749 ZN ZN  . ZN  E 3 .  ? -0.154  -16.352 -13.563 1.00   14.17 ? 1031 ZN  A ZN  1 
HETATM 750 ZN ZN  . ZN  F 3 .  ? 1.964   -13.238 -10.325 1.00   13.59 ? 1032 ZN  A ZN  1 
HETATM 751 ZN ZN  . ZN  G 3 .  ? -8.379  2.980   -19.276 1.00   31.84 ? 1030 ZN  B ZN  1 
HETATM 752 ZN ZN  . ZN  H 3 .  ? -8.324  3.084   -14.545 0.50   31.80 ? 1031 ZN  B ZN  1 
HETATM 753 O  O   . HOH I 4 .  ? 8.079   -0.141  19.283  1.00   28.27 ? 2001 HOH A O   1 
HETATM 754 O  O   . HOH I 4 .  ? 7.060   -0.884  21.099  1.00   52.47 ? 2002 HOH A O   1 
HETATM 755 O  O   . HOH I 4 .  ? 8.539   8.799   20.511  0.50   16.83 ? 2003 HOH A O   1 
HETATM 756 O  O   . HOH I 4 .  ? 0.186   3.444   15.599  1.00   31.06 ? 2004 HOH A O   1 
HETATM 757 O  O   . HOH I 4 .  ? 6.964   -3.622  20.355  1.00   35.79 ? 2005 HOH A O   1 
HETATM 758 O  O   . HOH I 4 .  ? 6.089   -3.254  15.613  1.00   29.99 ? 2006 HOH A O   1 
HETATM 759 O  O   . HOH I 4 .  ? 1.276   9.033   9.521   1.00   28.26 ? 2007 HOH A O   1 
HETATM 760 O  O   . HOH I 4 .  ? 9.368   -5.872  6.268   1.00   33.62 ? 2008 HOH A O   1 
HETATM 761 O  O   . HOH I 4 .  ? -0.615  -9.609  5.504   1.00   31.91 ? 2009 HOH A O   1 
HETATM 762 O  O   . HOH I 4 .  ? 1.898   -9.085  8.079   1.00   42.85 ? 2010 HOH A O   1 
HETATM 763 O  O   . HOH I 4 .  ? 6.348   -7.179  2.662   1.00   42.64 ? 2011 HOH A O   1 
HETATM 764 O  O   . HOH I 4 .  ? 5.753   -6.464  -3.964  1.00   34.82 ? 2012 HOH A O   1 
HETATM 765 O  O   . HOH I 4 .  ? 4.825   -8.434  -1.242  1.00   41.52 ? 2013 HOH A O   1 
HETATM 766 O  O   . HOH I 4 .  ? 3.187   -15.687 -0.800  1.00   38.99 ? 2014 HOH A O   1 
HETATM 767 O  O   . HOH I 4 .  ? 0.227   -16.786 -8.848  1.00   26.40 ? 2015 HOH A O   1 
HETATM 768 O  O   . HOH I 4 .  ? -5.435  -11.114 -15.719 1.00   33.18 ? 2016 HOH A O   1 
HETATM 769 O  O   . HOH I 4 .  ? -13.899 -13.225 -8.846  1.00   29.27 ? 2017 HOH A O   1 
HETATM 770 O  O   . HOH I 4 .  ? -10.733 -14.720 -7.125  1.00   18.18 ? 2018 HOH A O   1 
HETATM 771 O  O   . HOH I 4 .  ? 1.315   -11.914 -11.449 1.00   18.70 ? 2019 HOH A O   1 
HETATM 772 O  O   . HOH J 4 .  ? 17.789  -0.360  13.062  1.00   44.25 ? 2001 HOH B O   1 
HETATM 773 O  O   . HOH J 4 .  ? 13.029  2.095   12.275  1.00   22.68 ? 2002 HOH B O   1 
HETATM 774 O  O   . HOH J 4 .  ? 18.398  6.944   13.260  1.00   10.79 ? 2003 HOH B O   1 
HETATM 775 O  O   . HOH J 4 .  ? 16.852  5.679   4.397   1.00   26.48 ? 2004 HOH B O   1 
HETATM 776 O  O   . HOH J 4 .  ? 14.138  -0.805  6.653   1.00   15.55 ? 2005 HOH B O   1 
HETATM 777 O  O   . HOH J 4 .  ? 11.688  12.286  5.952   1.00   37.85 ? 2006 HOH B O   1 
HETATM 778 O  O   . HOH J 4 .  ? 13.483  1.572   0.030   1.00   26.69 ? 2007 HOH B O   1 
HETATM 779 O  O   . HOH J 4 .  ? 9.875   4.912   -3.337  1.00   23.99 ? 2008 HOH B O   1 
HETATM 780 O  O   . HOH J 4 .  ? 5.760   10.478  -2.662  1.00   40.61 ? 2009 HOH B O   1 
HETATM 781 O  O   . HOH J 4 .  ? 7.014   0.960   -8.333  1.00   28.59 ? 2010 HOH B O   1 
HETATM 782 O  O   . HOH J 4 .  ? 6.175   7.036   -8.532  1.00   48.49 ? 2011 HOH B O   1 
HETATM 783 O  O   . HOH J 4 .  ? -1.837  7.008   -8.305  1.00   40.41 ? 2012 HOH B O   1 
HETATM 784 O  O   . HOH J 4 .  ? -0.123  6.075   -7.001  1.00   24.85 ? 2013 HOH B O   1 
HETATM 785 O  O   . HOH J 4 .  ? -1.075  -0.410  -16.061 1.00   33.07 ? 2014 HOH B O   1 
HETATM 786 O  O   . HOH J 4 .  ? -0.088  -8.532  -6.827  1.00   21.12 ? 2015 HOH B O   1 
HETATM 787 O  O   . HOH J 4 .  ? -8.775  3.873   -17.771 1.00   25.25 ? 2016 HOH B O   1 
HETATM 788 O  O   . HOH K 4 .  ? 8.664   18.605  5.960   1.00   14.95 ? 2001 HOH C O   1 
HETATM 789 O  O   . HOH K 4 .  ? 16.728  11.758  5.920   1.00   34.98 ? 2002 HOH C O   1 
HETATM 790 O  O   . HOH K 4 .  ? 14.492  11.930  4.940   1.00   16.73 ? 2003 HOH C O   1 
HETATM 791 O  O   . HOH K 4 .  ? 8.196   20.250  10.159  1.00   17.59 ? 2004 HOH C O   1 
HETATM 792 O  O   . HOH K 4 .  ? 8.980   18.024  11.386  1.00   12.48 ? 2005 HOH C O   1 
HETATM 793 O  O   . HOH K 4 .  ? 3.805   13.855  14.941  1.00   18.25 ? 2006 HOH C O   1 
HETATM 794 O  O   . HOH K 4 .  ? 1.777   15.058  14.303  1.00   35.97 ? 2007 HOH C O   1 
HETATM 795 O  O   . HOH K 4 .  ? 3.962   18.807  1.115   1.00   56.46 ? 2008 HOH C O   1 
HETATM 796 O  O   . HOH K 4 .  ? -2.370  9.661   -0.871  1.00   41.59 ? 2009 HOH C O   1 
HETATM 797 O  O   . HOH K 4 .  ? -5.189  8.511   -1.945  1.00   46.95 ? 2010 HOH C O   1 
HETATM 798 O  O   . HOH K 4 .  ? -8.308  7.290   0.296   1.00   34.16 ? 2011 HOH C O   1 
HETATM 799 O  O   . HOH K 4 .  ? -10.866 1.205   1.469   1.00   22.11 ? 2012 HOH C O   1 
HETATM 800 O  O   . HOH K 4 .  ? -10.411 4.949   -4.846  1.00   28.13 ? 2013 HOH C O   1 
HETATM 801 O  O   . HOH K 4 .  ? -11.933 -0.843  -10.049 1.00   22.28 ? 2014 HOH C O   1 
HETATM 802 O  O   . HOH K 4 .  ? -8.577  2.477   -12.856 1.00   12.38 ? 2015 HOH C O   1 
HETATM 803 O  O   . HOH K 4 .  ? -20.986 -9.067  -7.844  1.00   17.04 ? 2016 HOH C O   1 
HETATM 804 O  O   . HOH K 4 .  ? -18.822 -10.942 -5.599  1.00   32.15 ? 2017 HOH C O   1 
HETATM 805 O  O   . HOH K 4 .  ? -17.856 -8.556  -10.989 1.00   34.97 ? 2018 HOH C O   1 
# 
